data_1Q3O
# 
_entry.id   1Q3O 
# 
_audit_conform.dict_name       mmcif_pdbx.dic 
_audit_conform.dict_version    5.388 
_audit_conform.dict_location   http://mmcif.pdb.org/dictionaries/ascii/mmcif_pdbx.dic 
# 
loop_
_database_2.database_id 
_database_2.database_code 
_database_2.pdbx_database_accession 
_database_2.pdbx_DOI 
PDB   1Q3O         pdb_00001q3o 10.2210/pdb1q3o/pdb 
RCSB  RCSB019875   ?            ?                   
WWPDB D_1000019875 ?            ?                   
# 
loop_
_pdbx_audit_revision_history.ordinal 
_pdbx_audit_revision_history.data_content_type 
_pdbx_audit_revision_history.major_revision 
_pdbx_audit_revision_history.minor_revision 
_pdbx_audit_revision_history.revision_date 
1 'Structure model' 1 0 2004-01-27 
2 'Structure model' 1 1 2008-04-29 
3 'Structure model' 1 2 2011-07-13 
4 'Structure model' 1 3 2024-03-13 
# 
_pdbx_audit_revision_details.ordinal             1 
_pdbx_audit_revision_details.revision_ordinal    1 
_pdbx_audit_revision_details.data_content_type   'Structure model' 
_pdbx_audit_revision_details.provider            repository 
_pdbx_audit_revision_details.type                'Initial release' 
_pdbx_audit_revision_details.description         ? 
_pdbx_audit_revision_details.details             ? 
# 
loop_
_pdbx_audit_revision_group.ordinal 
_pdbx_audit_revision_group.revision_ordinal 
_pdbx_audit_revision_group.data_content_type 
_pdbx_audit_revision_group.group 
1 2 'Structure model' 'Version format compliance' 
2 3 'Structure model' 'Version format compliance' 
3 4 'Structure model' 'Data collection'           
4 4 'Structure model' 'Database references'       
5 4 'Structure model' 'Derived calculations'      
# 
loop_
_pdbx_audit_revision_category.ordinal 
_pdbx_audit_revision_category.revision_ordinal 
_pdbx_audit_revision_category.data_content_type 
_pdbx_audit_revision_category.category 
1 4 'Structure model' chem_comp_atom 
2 4 'Structure model' chem_comp_bond 
3 4 'Structure model' database_2     
4 4 'Structure model' struct_site    
# 
loop_
_pdbx_audit_revision_item.ordinal 
_pdbx_audit_revision_item.revision_ordinal 
_pdbx_audit_revision_item.data_content_type 
_pdbx_audit_revision_item.item 
1 4 'Structure model' '_database_2.pdbx_DOI'                
2 4 'Structure model' '_database_2.pdbx_database_accession' 
3 4 'Structure model' '_struct_site.pdbx_auth_asym_id'      
4 4 'Structure model' '_struct_site.pdbx_auth_comp_id'      
5 4 'Structure model' '_struct_site.pdbx_auth_seq_id'       
# 
_pdbx_database_status.status_code                     REL 
_pdbx_database_status.entry_id                        1Q3O 
_pdbx_database_status.recvd_initial_deposition_date   2003-07-31 
_pdbx_database_status.deposit_site                    RCSB 
_pdbx_database_status.process_site                    PDBJ 
_pdbx_database_status.status_code_sf                  REL 
_pdbx_database_status.SG_entry                        . 
_pdbx_database_status.pdb_format_compatible           Y 
_pdbx_database_status.status_code_mr                  ? 
_pdbx_database_status.status_code_cs                  ? 
_pdbx_database_status.status_code_nmr_data            ? 
_pdbx_database_status.methods_development_category    ? 
# 
_pdbx_database_related.db_name        PDB 
_pdbx_database_related.db_id          1Q3P 
_pdbx_database_related.details        'The same protein complexed with the peptide ligand' 
_pdbx_database_related.content_type   unspecified 
# 
loop_
_audit_author.name 
_audit_author.pdbx_ordinal 
'Im, Y.J.'   1 
'Lee, J.H.'  2 
'Park, S.H.' 3 
'Park, S.J.' 4 
'Rho, S.-H.' 5 
'Kang, G.B.' 6 
'Kim, E.'    7 
'Eom, S.H.'  8 
# 
_citation.id                        primary 
_citation.title                     
'Crystal structure of the Shank PDZ-ligand complex reveals a class I PDZ interaction and a novel PDZ-PDZ dimerization' 
_citation.journal_abbrev            J.Biol.Chem. 
_citation.journal_volume            278 
_citation.page_first                48099 
_citation.page_last                 48104 
_citation.year                      2003 
_citation.journal_id_ASTM           JBCHA3 
_citation.country                   US 
_citation.journal_id_ISSN           0021-9258 
_citation.journal_id_CSD            0071 
_citation.book_publisher            ? 
_citation.pdbx_database_id_PubMed   12954649 
_citation.pdbx_database_id_DOI      10.1074/jbc.M306919200 
# 
loop_
_citation_author.citation_id 
_citation_author.name 
_citation_author.ordinal 
_citation_author.identifier_ORCID 
primary 'Im, Y.J.'   1 ? 
primary 'Lee, J.H.'  2 ? 
primary 'Park, S.H.' 3 ? 
primary 'Park, S.J.' 4 ? 
primary 'Rho, S.-H.' 5 ? 
primary 'Kang, G.B.' 6 ? 
primary 'Kim, E.'    7 ? 
primary 'Eom, S.H.'  8 ? 
# 
loop_
_entity.id 
_entity.type 
_entity.src_method 
_entity.pdbx_description 
_entity.formula_weight 
_entity.pdbx_number_of_molecules 
_entity.pdbx_ec 
_entity.pdbx_mutation 
_entity.pdbx_fragment 
_entity.details 
1 polymer     man Shank1        12073.959 2  ? ? 'PDZ domain' ? 
2 non-polymer syn 'BROMIDE ION' 79.904    5  ? ? ?            ? 
3 water       nat water         18.015    94 ? ? ?            ? 
# 
_entity_poly.entity_id                      1 
_entity_poly.type                           'polypeptide(L)' 
_entity_poly.nstd_linkage                   no 
_entity_poly.nstd_monomer                   no 
_entity_poly.pdbx_seq_one_letter_code       
;GSDYIIKEKTVLLQKKDSEGFGFVLRGAKAQTPIEEFTPTPAFPALQYLESVDEGGVAWRAGLRMGDFLIEVNGQNVVKV
GHRQVVNMIRQGGNTLMVKVVMVTRHPDM
;
_entity_poly.pdbx_seq_one_letter_code_can   
;GSDYIIKEKTVLLQKKDSEGFGFVLRGAKAQTPIEEFTPTPAFPALQYLESVDEGGVAWRAGLRMGDFLIEVNGQNVVKV
GHRQVVNMIRQGGNTLMVKVVMVTRHPDM
;
_entity_poly.pdbx_strand_id                 A,B 
_entity_poly.pdbx_target_identifier         ? 
# 
loop_
_pdbx_entity_nonpoly.entity_id 
_pdbx_entity_nonpoly.name 
_pdbx_entity_nonpoly.comp_id 
2 'BROMIDE ION' BR  
3 water         HOH 
# 
loop_
_entity_poly_seq.entity_id 
_entity_poly_seq.num 
_entity_poly_seq.mon_id 
_entity_poly_seq.hetero 
1 1   GLY n 
1 2   SER n 
1 3   ASP n 
1 4   TYR n 
1 5   ILE n 
1 6   ILE n 
1 7   LYS n 
1 8   GLU n 
1 9   LYS n 
1 10  THR n 
1 11  VAL n 
1 12  LEU n 
1 13  LEU n 
1 14  GLN n 
1 15  LYS n 
1 16  LYS n 
1 17  ASP n 
1 18  SER n 
1 19  GLU n 
1 20  GLY n 
1 21  PHE n 
1 22  GLY n 
1 23  PHE n 
1 24  VAL n 
1 25  LEU n 
1 26  ARG n 
1 27  GLY n 
1 28  ALA n 
1 29  LYS n 
1 30  ALA n 
1 31  GLN n 
1 32  THR n 
1 33  PRO n 
1 34  ILE n 
1 35  GLU n 
1 36  GLU n 
1 37  PHE n 
1 38  THR n 
1 39  PRO n 
1 40  THR n 
1 41  PRO n 
1 42  ALA n 
1 43  PHE n 
1 44  PRO n 
1 45  ALA n 
1 46  LEU n 
1 47  GLN n 
1 48  TYR n 
1 49  LEU n 
1 50  GLU n 
1 51  SER n 
1 52  VAL n 
1 53  ASP n 
1 54  GLU n 
1 55  GLY n 
1 56  GLY n 
1 57  VAL n 
1 58  ALA n 
1 59  TRP n 
1 60  ARG n 
1 61  ALA n 
1 62  GLY n 
1 63  LEU n 
1 64  ARG n 
1 65  MET n 
1 66  GLY n 
1 67  ASP n 
1 68  PHE n 
1 69  LEU n 
1 70  ILE n 
1 71  GLU n 
1 72  VAL n 
1 73  ASN n 
1 74  GLY n 
1 75  GLN n 
1 76  ASN n 
1 77  VAL n 
1 78  VAL n 
1 79  LYS n 
1 80  VAL n 
1 81  GLY n 
1 82  HIS n 
1 83  ARG n 
1 84  GLN n 
1 85  VAL n 
1 86  VAL n 
1 87  ASN n 
1 88  MET n 
1 89  ILE n 
1 90  ARG n 
1 91  GLN n 
1 92  GLY n 
1 93  GLY n 
1 94  ASN n 
1 95  THR n 
1 96  LEU n 
1 97  MET n 
1 98  VAL n 
1 99  LYS n 
1 100 VAL n 
1 101 VAL n 
1 102 MET n 
1 103 VAL n 
1 104 THR n 
1 105 ARG n 
1 106 HIS n 
1 107 PRO n 
1 108 ASP n 
1 109 MET n 
# 
_entity_src_gen.entity_id                          1 
_entity_src_gen.pdbx_src_id                        1 
_entity_src_gen.pdbx_alt_source_flag               sample 
_entity_src_gen.pdbx_seq_type                      ? 
_entity_src_gen.pdbx_beg_seq_num                   ? 
_entity_src_gen.pdbx_end_seq_num                   ? 
_entity_src_gen.gene_src_common_name               'Norway rat' 
_entity_src_gen.gene_src_genus                     Rattus 
_entity_src_gen.pdbx_gene_src_gene                 shank1a 
_entity_src_gen.gene_src_species                   ? 
_entity_src_gen.gene_src_strain                    ? 
_entity_src_gen.gene_src_tissue                    ? 
_entity_src_gen.gene_src_tissue_fraction           ? 
_entity_src_gen.gene_src_details                   ? 
_entity_src_gen.pdbx_gene_src_fragment             ? 
_entity_src_gen.pdbx_gene_src_scientific_name      'Rattus norvegicus' 
_entity_src_gen.pdbx_gene_src_ncbi_taxonomy_id     10116 
_entity_src_gen.pdbx_gene_src_variant              ? 
_entity_src_gen.pdbx_gene_src_cell_line            ? 
_entity_src_gen.pdbx_gene_src_atcc                 ? 
_entity_src_gen.pdbx_gene_src_organ                ? 
_entity_src_gen.pdbx_gene_src_organelle            ? 
_entity_src_gen.pdbx_gene_src_cell                 ? 
_entity_src_gen.pdbx_gene_src_cellular_location    ? 
_entity_src_gen.host_org_common_name               ? 
_entity_src_gen.pdbx_host_org_scientific_name      'Escherichia coli BL21(DE3)' 
_entity_src_gen.pdbx_host_org_ncbi_taxonomy_id     469008 
_entity_src_gen.host_org_genus                     Escherichia 
_entity_src_gen.pdbx_host_org_gene                 ? 
_entity_src_gen.pdbx_host_org_organ                ? 
_entity_src_gen.host_org_species                   'Escherichia coli' 
_entity_src_gen.pdbx_host_org_tissue               ? 
_entity_src_gen.pdbx_host_org_tissue_fraction      ? 
_entity_src_gen.pdbx_host_org_strain               'BL21(DE3)' 
_entity_src_gen.pdbx_host_org_variant              ? 
_entity_src_gen.pdbx_host_org_cell_line            ? 
_entity_src_gen.pdbx_host_org_atcc                 ? 
_entity_src_gen.pdbx_host_org_culture_collection   ? 
_entity_src_gen.pdbx_host_org_cell                 ? 
_entity_src_gen.pdbx_host_org_organelle            ? 
_entity_src_gen.pdbx_host_org_cellular_location    ? 
_entity_src_gen.pdbx_host_org_vector_type          plasmid 
_entity_src_gen.pdbx_host_org_vector               ? 
_entity_src_gen.host_org_details                   ? 
_entity_src_gen.expression_system_id               ? 
_entity_src_gen.plasmid_name                       pGEX4T1 
_entity_src_gen.plasmid_details                    ? 
_entity_src_gen.pdbx_description                   ? 
# 
loop_
_chem_comp.id 
_chem_comp.type 
_chem_comp.mon_nstd_flag 
_chem_comp.name 
_chem_comp.pdbx_synonyms 
_chem_comp.formula 
_chem_comp.formula_weight 
ALA 'L-peptide linking' y ALANINE         ? 'C3 H7 N O2'     89.093  
ARG 'L-peptide linking' y ARGININE        ? 'C6 H15 N4 O2 1' 175.209 
ASN 'L-peptide linking' y ASPARAGINE      ? 'C4 H8 N2 O3'    132.118 
ASP 'L-peptide linking' y 'ASPARTIC ACID' ? 'C4 H7 N O4'     133.103 
BR  non-polymer         . 'BROMIDE ION'   ? 'Br -1'          79.904  
GLN 'L-peptide linking' y GLUTAMINE       ? 'C5 H10 N2 O3'   146.144 
GLU 'L-peptide linking' y 'GLUTAMIC ACID' ? 'C5 H9 N O4'     147.129 
GLY 'peptide linking'   y GLYCINE         ? 'C2 H5 N O2'     75.067  
HIS 'L-peptide linking' y HISTIDINE       ? 'C6 H10 N3 O2 1' 156.162 
HOH non-polymer         . WATER           ? 'H2 O'           18.015  
ILE 'L-peptide linking' y ISOLEUCINE      ? 'C6 H13 N O2'    131.173 
LEU 'L-peptide linking' y LEUCINE         ? 'C6 H13 N O2'    131.173 
LYS 'L-peptide linking' y LYSINE          ? 'C6 H15 N2 O2 1' 147.195 
MET 'L-peptide linking' y METHIONINE      ? 'C5 H11 N O2 S'  149.211 
PHE 'L-peptide linking' y PHENYLALANINE   ? 'C9 H11 N O2'    165.189 
PRO 'L-peptide linking' y PROLINE         ? 'C5 H9 N O2'     115.130 
SER 'L-peptide linking' y SERINE          ? 'C3 H7 N O3'     105.093 
THR 'L-peptide linking' y THREONINE       ? 'C4 H9 N O3'     119.119 
TRP 'L-peptide linking' y TRYPTOPHAN      ? 'C11 H12 N2 O2'  204.225 
TYR 'L-peptide linking' y TYROSINE        ? 'C9 H11 N O3'    181.189 
VAL 'L-peptide linking' y VALINE          ? 'C5 H11 N O2'    117.146 
# 
loop_
_pdbx_poly_seq_scheme.asym_id 
_pdbx_poly_seq_scheme.entity_id 
_pdbx_poly_seq_scheme.seq_id 
_pdbx_poly_seq_scheme.mon_id 
_pdbx_poly_seq_scheme.ndb_seq_num 
_pdbx_poly_seq_scheme.pdb_seq_num 
_pdbx_poly_seq_scheme.auth_seq_num 
_pdbx_poly_seq_scheme.pdb_mon_id 
_pdbx_poly_seq_scheme.auth_mon_id 
_pdbx_poly_seq_scheme.pdb_strand_id 
_pdbx_poly_seq_scheme.pdb_ins_code 
_pdbx_poly_seq_scheme.hetero 
A 1 1   GLY 1   582 ?   ?   ?   A . n 
A 1 2   SER 2   583 ?   ?   ?   A . n 
A 1 3   ASP 3   584 584 ASP ASP A . n 
A 1 4   TYR 4   585 585 TYR TYR A . n 
A 1 5   ILE 5   586 586 ILE ILE A . n 
A 1 6   ILE 6   587 587 ILE ILE A . n 
A 1 7   LYS 7   588 588 LYS LYS A . n 
A 1 8   GLU 8   589 589 GLU GLU A . n 
A 1 9   LYS 9   590 590 LYS LYS A . n 
A 1 10  THR 10  591 591 THR THR A . n 
A 1 11  VAL 11  592 592 VAL VAL A . n 
A 1 12  LEU 12  593 593 LEU LEU A . n 
A 1 13  LEU 13  594 594 LEU LEU A . n 
A 1 14  GLN 14  595 595 GLN GLN A . n 
A 1 15  LYS 15  596 596 LYS LYS A . n 
A 1 16  LYS 16  597 597 LYS LYS A . n 
A 1 17  ASP 17  598 598 ASP ASP A . n 
A 1 18  SER 18  599 599 SER SER A . n 
A 1 19  GLU 19  600 600 GLU GLU A . n 
A 1 20  GLY 20  601 601 GLY GLY A . n 
A 1 21  PHE 21  602 602 PHE PHE A . n 
A 1 22  GLY 22  603 603 GLY GLY A . n 
A 1 23  PHE 23  604 604 PHE PHE A . n 
A 1 24  VAL 24  605 605 VAL VAL A . n 
A 1 25  LEU 25  606 606 LEU LEU A . n 
A 1 26  ARG 26  607 607 ARG ARG A . n 
A 1 27  GLY 27  608 608 GLY GLY A . n 
A 1 28  ALA 28  609 609 ALA ALA A . n 
A 1 29  LYS 29  610 610 LYS LYS A . n 
A 1 30  ALA 30  611 611 ALA ALA A . n 
A 1 31  GLN 31  612 612 GLN GLN A . n 
A 1 32  THR 32  613 613 THR THR A . n 
A 1 33  PRO 33  614 614 PRO PRO A . n 
A 1 34  ILE 34  615 615 ILE ILE A . n 
A 1 35  GLU 35  616 616 GLU GLU A . n 
A 1 36  GLU 36  617 617 GLU GLU A . n 
A 1 37  PHE 37  618 618 PHE PHE A . n 
A 1 38  THR 38  619 619 THR THR A . n 
A 1 39  PRO 39  620 620 PRO PRO A . n 
A 1 40  THR 40  621 621 THR THR A . n 
A 1 41  PRO 41  622 622 PRO PRO A . n 
A 1 42  ALA 42  623 623 ALA ALA A . n 
A 1 43  PHE 43  624 624 PHE PHE A . n 
A 1 44  PRO 44  625 625 PRO PRO A . n 
A 1 45  ALA 45  626 626 ALA ALA A . n 
A 1 46  LEU 46  627 627 LEU LEU A . n 
A 1 47  GLN 47  628 628 GLN GLN A . n 
A 1 48  TYR 48  629 629 TYR TYR A . n 
A 1 49  LEU 49  630 630 LEU LEU A . n 
A 1 50  GLU 50  631 631 GLU GLU A . n 
A 1 51  SER 51  632 632 SER SER A . n 
A 1 52  VAL 52  633 633 VAL VAL A . n 
A 1 53  ASP 53  634 634 ASP ASP A . n 
A 1 54  GLU 54  635 635 GLU GLU A . n 
A 1 55  GLY 55  636 636 GLY GLY A . n 
A 1 56  GLY 56  637 637 GLY GLY A . n 
A 1 57  VAL 57  638 638 VAL VAL A . n 
A 1 58  ALA 58  639 639 ALA ALA A . n 
A 1 59  TRP 59  640 640 TRP TRP A . n 
A 1 60  ARG 60  641 641 ARG ARG A . n 
A 1 61  ALA 61  642 642 ALA ALA A . n 
A 1 62  GLY 62  643 643 GLY GLY A . n 
A 1 63  LEU 63  644 644 LEU LEU A . n 
A 1 64  ARG 64  645 645 ARG ARG A . n 
A 1 65  MET 65  646 646 MET MET A . n 
A 1 66  GLY 66  647 647 GLY GLY A . n 
A 1 67  ASP 67  648 648 ASP ASP A . n 
A 1 68  PHE 68  649 649 PHE PHE A . n 
A 1 69  LEU 69  650 650 LEU LEU A . n 
A 1 70  ILE 70  651 651 ILE ILE A . n 
A 1 71  GLU 71  652 652 GLU GLU A . n 
A 1 72  VAL 72  653 653 VAL VAL A . n 
A 1 73  ASN 73  654 654 ASN ASN A . n 
A 1 74  GLY 74  655 655 GLY GLY A . n 
A 1 75  GLN 75  656 656 GLN GLN A . n 
A 1 76  ASN 76  657 657 ASN ASN A . n 
A 1 77  VAL 77  658 658 VAL VAL A . n 
A 1 78  VAL 78  659 659 VAL VAL A . n 
A 1 79  LYS 79  660 660 LYS LYS A . n 
A 1 80  VAL 80  661 661 VAL VAL A . n 
A 1 81  GLY 81  662 662 GLY GLY A . n 
A 1 82  HIS 82  663 663 HIS HIS A . n 
A 1 83  ARG 83  664 664 ARG ARG A . n 
A 1 84  GLN 84  665 665 GLN GLN A . n 
A 1 85  VAL 85  666 666 VAL VAL A . n 
A 1 86  VAL 86  667 667 VAL VAL A . n 
A 1 87  ASN 87  668 668 ASN ASN A . n 
A 1 88  MET 88  669 669 MET MET A . n 
A 1 89  ILE 89  670 670 ILE ILE A . n 
A 1 90  ARG 90  671 671 ARG ARG A . n 
A 1 91  GLN 91  672 672 GLN GLN A . n 
A 1 92  GLY 92  673 673 GLY GLY A . n 
A 1 93  GLY 93  674 674 GLY GLY A . n 
A 1 94  ASN 94  675 675 ASN ASN A . n 
A 1 95  THR 95  676 676 THR THR A . n 
A 1 96  LEU 96  677 677 LEU LEU A . n 
A 1 97  MET 97  678 678 MET MET A . n 
A 1 98  VAL 98  679 679 VAL VAL A . n 
A 1 99  LYS 99  680 680 LYS LYS A . n 
A 1 100 VAL 100 681 681 VAL VAL A . n 
A 1 101 VAL 101 682 682 VAL VAL A . n 
A 1 102 MET 102 683 683 MET MET A . n 
A 1 103 VAL 103 684 684 VAL VAL A . n 
A 1 104 THR 104 685 685 THR THR A . n 
A 1 105 ARG 105 686 686 ARG ARG A . n 
A 1 106 HIS 106 687 687 HIS HIS A . n 
A 1 107 PRO 107 688 ?   ?   ?   A . n 
A 1 108 ASP 108 689 ?   ?   ?   A . n 
A 1 109 MET 109 690 ?   ?   ?   A . n 
B 1 1   GLY 1   582 582 GLY GLY B . n 
B 1 2   SER 2   583 583 SER SER B . n 
B 1 3   ASP 3   584 584 ASP ASP B . n 
B 1 4   TYR 4   585 585 TYR TYR B . n 
B 1 5   ILE 5   586 586 ILE ILE B . n 
B 1 6   ILE 6   587 587 ILE ILE B . n 
B 1 7   LYS 7   588 588 LYS LYS B . n 
B 1 8   GLU 8   589 589 GLU GLU B . n 
B 1 9   LYS 9   590 590 LYS LYS B . n 
B 1 10  THR 10  591 591 THR THR B . n 
B 1 11  VAL 11  592 592 VAL VAL B . n 
B 1 12  LEU 12  593 593 LEU LEU B . n 
B 1 13  LEU 13  594 594 LEU LEU B . n 
B 1 14  GLN 14  595 595 GLN GLN B . n 
B 1 15  LYS 15  596 596 LYS LYS B . n 
B 1 16  LYS 16  597 597 LYS LYS B . n 
B 1 17  ASP 17  598 598 ASP ASP B . n 
B 1 18  SER 18  599 599 SER SER B . n 
B 1 19  GLU 19  600 600 GLU GLU B . n 
B 1 20  GLY 20  601 601 GLY GLY B . n 
B 1 21  PHE 21  602 602 PHE PHE B . n 
B 1 22  GLY 22  603 603 GLY GLY B . n 
B 1 23  PHE 23  604 604 PHE PHE B . n 
B 1 24  VAL 24  605 605 VAL VAL B . n 
B 1 25  LEU 25  606 606 LEU LEU B . n 
B 1 26  ARG 26  607 607 ARG ARG B . n 
B 1 27  GLY 27  608 608 GLY GLY B . n 
B 1 28  ALA 28  609 609 ALA ALA B . n 
B 1 29  LYS 29  610 ?   ?   ?   B . n 
B 1 30  ALA 30  611 ?   ?   ?   B . n 
B 1 31  GLN 31  612 ?   ?   ?   B . n 
B 1 32  THR 32  613 ?   ?   ?   B . n 
B 1 33  PRO 33  614 ?   ?   ?   B . n 
B 1 34  ILE 34  615 615 ILE ILE B . n 
B 1 35  GLU 35  616 616 GLU GLU B . n 
B 1 36  GLU 36  617 617 GLU GLU B . n 
B 1 37  PHE 37  618 618 PHE PHE B . n 
B 1 38  THR 38  619 619 THR THR B . n 
B 1 39  PRO 39  620 620 PRO PRO B . n 
B 1 40  THR 40  621 621 THR THR B . n 
B 1 41  PRO 41  622 622 PRO PRO B . n 
B 1 42  ALA 42  623 623 ALA ALA B . n 
B 1 43  PHE 43  624 624 PHE PHE B . n 
B 1 44  PRO 44  625 625 PRO PRO B . n 
B 1 45  ALA 45  626 626 ALA ALA B . n 
B 1 46  LEU 46  627 627 LEU LEU B . n 
B 1 47  GLN 47  628 628 GLN GLN B . n 
B 1 48  TYR 48  629 629 TYR TYR B . n 
B 1 49  LEU 49  630 630 LEU LEU B . n 
B 1 50  GLU 50  631 631 GLU GLU B . n 
B 1 51  SER 51  632 632 SER SER B . n 
B 1 52  VAL 52  633 633 VAL VAL B . n 
B 1 53  ASP 53  634 634 ASP ASP B . n 
B 1 54  GLU 54  635 635 GLU GLU B . n 
B 1 55  GLY 55  636 636 GLY GLY B . n 
B 1 56  GLY 56  637 637 GLY GLY B . n 
B 1 57  VAL 57  638 638 VAL VAL B . n 
B 1 58  ALA 58  639 639 ALA ALA B . n 
B 1 59  TRP 59  640 640 TRP TRP B . n 
B 1 60  ARG 60  641 641 ARG ARG B . n 
B 1 61  ALA 61  642 642 ALA ALA B . n 
B 1 62  GLY 62  643 643 GLY GLY B . n 
B 1 63  LEU 63  644 644 LEU LEU B . n 
B 1 64  ARG 64  645 645 ARG ARG B . n 
B 1 65  MET 65  646 646 MET MET B . n 
B 1 66  GLY 66  647 647 GLY GLY B . n 
B 1 67  ASP 67  648 648 ASP ASP B . n 
B 1 68  PHE 68  649 649 PHE PHE B . n 
B 1 69  LEU 69  650 650 LEU LEU B . n 
B 1 70  ILE 70  651 651 ILE ILE B . n 
B 1 71  GLU 71  652 652 GLU GLU B . n 
B 1 72  VAL 72  653 653 VAL VAL B . n 
B 1 73  ASN 73  654 654 ASN ASN B . n 
B 1 74  GLY 74  655 655 GLY GLY B . n 
B 1 75  GLN 75  656 656 GLN GLN B . n 
B 1 76  ASN 76  657 657 ASN ASN B . n 
B 1 77  VAL 77  658 658 VAL VAL B . n 
B 1 78  VAL 78  659 659 VAL VAL B . n 
B 1 79  LYS 79  660 660 LYS LYS B . n 
B 1 80  VAL 80  661 661 VAL VAL B . n 
B 1 81  GLY 81  662 662 GLY GLY B . n 
B 1 82  HIS 82  663 663 HIS HIS B . n 
B 1 83  ARG 83  664 664 ARG ARG B . n 
B 1 84  GLN 84  665 665 GLN GLN B . n 
B 1 85  VAL 85  666 666 VAL VAL B . n 
B 1 86  VAL 86  667 667 VAL VAL B . n 
B 1 87  ASN 87  668 668 ASN ASN B . n 
B 1 88  MET 88  669 669 MET MET B . n 
B 1 89  ILE 89  670 670 ILE ILE B . n 
B 1 90  ARG 90  671 671 ARG ARG B . n 
B 1 91  GLN 91  672 672 GLN GLN B . n 
B 1 92  GLY 92  673 673 GLY GLY B . n 
B 1 93  GLY 93  674 674 GLY GLY B . n 
B 1 94  ASN 94  675 675 ASN ASN B . n 
B 1 95  THR 95  676 676 THR THR B . n 
B 1 96  LEU 96  677 677 LEU LEU B . n 
B 1 97  MET 97  678 678 MET MET B . n 
B 1 98  VAL 98  679 679 VAL VAL B . n 
B 1 99  LYS 99  680 680 LYS LYS B . n 
B 1 100 VAL 100 681 681 VAL VAL B . n 
B 1 101 VAL 101 682 682 VAL VAL B . n 
B 1 102 MET 102 683 683 MET MET B . n 
B 1 103 VAL 103 684 684 VAL VAL B . n 
B 1 104 THR 104 685 685 THR THR B . n 
B 1 105 ARG 105 686 686 ARG ARG B . n 
B 1 106 HIS 106 687 687 HIS HIS B . n 
B 1 107 PRO 107 688 688 PRO PRO B . n 
B 1 108 ASP 108 689 689 ASP ASP B . n 
B 1 109 MET 109 690 690 MET MET B . n 
# 
loop_
_pdbx_nonpoly_scheme.asym_id 
_pdbx_nonpoly_scheme.entity_id 
_pdbx_nonpoly_scheme.mon_id 
_pdbx_nonpoly_scheme.ndb_seq_num 
_pdbx_nonpoly_scheme.pdb_seq_num 
_pdbx_nonpoly_scheme.auth_seq_num 
_pdbx_nonpoly_scheme.pdb_mon_id 
_pdbx_nonpoly_scheme.auth_mon_id 
_pdbx_nonpoly_scheme.pdb_strand_id 
_pdbx_nonpoly_scheme.pdb_ins_code 
C 2 BR  1  101 1  BR  BR  A . 
D 2 BR  1  102 2  BR  BR  A . 
E 2 BR  1  105 5  BR  BR  A . 
F 2 BR  1  103 3  BR  BR  B . 
G 2 BR  1  104 4  BR  BR  B . 
H 3 HOH 1  1   1  HOH TIP A . 
H 3 HOH 2  2   2  HOH TIP A . 
H 3 HOH 3  3   3  HOH TIP A . 
H 3 HOH 4  4   4  HOH TIP A . 
H 3 HOH 5  6   6  HOH TIP A . 
H 3 HOH 6  7   7  HOH TIP A . 
H 3 HOH 7  8   8  HOH TIP A . 
H 3 HOH 8  9   9  HOH TIP A . 
H 3 HOH 9  10  10 HOH TIP A . 
H 3 HOH 10 12  12 HOH TIP A . 
H 3 HOH 11 13  13 HOH TIP A . 
H 3 HOH 12 16  16 HOH TIP A . 
H 3 HOH 13 17  17 HOH TIP A . 
H 3 HOH 14 20  20 HOH TIP A . 
H 3 HOH 15 21  21 HOH TIP A . 
H 3 HOH 16 22  22 HOH TIP A . 
H 3 HOH 17 23  23 HOH TIP A . 
H 3 HOH 18 24  24 HOH TIP A . 
H 3 HOH 19 25  25 HOH TIP A . 
H 3 HOH 20 26  26 HOH TIP A . 
H 3 HOH 21 27  27 HOH TIP A . 
H 3 HOH 22 28  28 HOH TIP A . 
H 3 HOH 23 34  34 HOH TIP A . 
H 3 HOH 24 35  35 HOH TIP A . 
H 3 HOH 25 36  36 HOH TIP A . 
H 3 HOH 26 37  37 HOH TIP A . 
H 3 HOH 27 38  38 HOH TIP A . 
H 3 HOH 28 39  39 HOH TIP A . 
H 3 HOH 29 41  41 HOH TIP A . 
H 3 HOH 30 43  43 HOH TIP A . 
H 3 HOH 31 46  46 HOH TIP A . 
H 3 HOH 32 50  50 HOH TIP A . 
H 3 HOH 33 53  53 HOH TIP A . 
H 3 HOH 34 54  54 HOH TIP A . 
H 3 HOH 35 55  55 HOH TIP A . 
H 3 HOH 36 56  56 HOH TIP A . 
H 3 HOH 37 57  57 HOH TIP A . 
H 3 HOH 38 58  58 HOH TIP A . 
H 3 HOH 39 63  63 HOH TIP A . 
H 3 HOH 40 64  64 HOH TIP A . 
H 3 HOH 41 65  65 HOH TIP A . 
H 3 HOH 42 66  66 HOH TIP A . 
H 3 HOH 43 67  67 HOH TIP A . 
H 3 HOH 44 69  69 HOH TIP A . 
H 3 HOH 45 71  71 HOH TIP A . 
H 3 HOH 46 75  75 HOH TIP A . 
H 3 HOH 47 76  76 HOH TIP A . 
H 3 HOH 48 77  77 HOH TIP A . 
H 3 HOH 49 79  79 HOH TIP A . 
H 3 HOH 50 81  81 HOH TIP A . 
H 3 HOH 51 82  82 HOH TIP A . 
H 3 HOH 52 84  84 HOH TIP A . 
H 3 HOH 53 87  87 HOH TIP A . 
H 3 HOH 54 90  90 HOH TIP A . 
H 3 HOH 55 92  92 HOH TIP A . 
H 3 HOH 56 93  93 HOH TIP A . 
H 3 HOH 57 94  94 HOH TIP A . 
H 3 HOH 58 99  99 HOH TIP A . 
I 3 HOH 1  5   5  HOH TIP B . 
I 3 HOH 2  11  11 HOH TIP B . 
I 3 HOH 3  14  14 HOH TIP B . 
I 3 HOH 4  18  18 HOH TIP B . 
I 3 HOH 5  19  19 HOH TIP B . 
I 3 HOH 6  29  29 HOH TIP B . 
I 3 HOH 7  30  30 HOH TIP B . 
I 3 HOH 8  31  31 HOH TIP B . 
I 3 HOH 9  32  32 HOH TIP B . 
I 3 HOH 10 33  33 HOH TIP B . 
I 3 HOH 11 40  40 HOH TIP B . 
I 3 HOH 12 42  42 HOH TIP B . 
I 3 HOH 13 44  44 HOH TIP B . 
I 3 HOH 14 45  45 HOH TIP B . 
I 3 HOH 15 47  47 HOH TIP B . 
I 3 HOH 16 48  48 HOH TIP B . 
I 3 HOH 17 49  49 HOH TIP B . 
I 3 HOH 18 59  59 HOH TIP B . 
I 3 HOH 19 60  60 HOH TIP B . 
I 3 HOH 20 61  61 HOH TIP B . 
I 3 HOH 21 62  62 HOH TIP B . 
I 3 HOH 22 68  68 HOH TIP B . 
I 3 HOH 23 70  70 HOH TIP B . 
I 3 HOH 24 72  72 HOH TIP B . 
I 3 HOH 25 73  73 HOH TIP B . 
I 3 HOH 26 78  78 HOH TIP B . 
I 3 HOH 27 80  80 HOH TIP B . 
I 3 HOH 28 83  83 HOH TIP B . 
I 3 HOH 29 85  85 HOH TIP B . 
I 3 HOH 30 86  86 HOH TIP B . 
I 3 HOH 31 88  88 HOH TIP B . 
I 3 HOH 32 89  89 HOH TIP B . 
I 3 HOH 33 91  91 HOH TIP B . 
I 3 HOH 34 95  95 HOH TIP B . 
I 3 HOH 35 97  97 HOH TIP B . 
I 3 HOH 36 98  98 HOH TIP B . 
# 
loop_
_software.name 
_software.classification 
_software.version 
_software.citation_id 
_software.pdbx_ordinal 
CNS    refinement       1.1       ? 1 
MOSFLM 'data reduction' .         ? 2 
CCP4   'data scaling'   '(SCALA)' ? 3 
SOLVE  phasing          .         ? 4 
# 
_cell.entry_id           1Q3O 
_cell.length_a           42.000 
_cell.length_b           50.340 
_cell.length_c           51.770 
_cell.angle_alpha        90.00 
_cell.angle_beta         106.30 
_cell.angle_gamma        90.00 
_cell.Z_PDB              4 
_cell.pdbx_unique_axis   ? 
# 
_symmetry.entry_id                         1Q3O 
_symmetry.space_group_name_H-M             'P 1 21 1' 
_symmetry.pdbx_full_space_group_name_H-M   ? 
_symmetry.cell_setting                     ? 
_symmetry.Int_Tables_number                4 
# 
_exptl.entry_id          1Q3O 
_exptl.method            'X-RAY DIFFRACTION' 
_exptl.crystals_number   1 
# 
_exptl_crystal.id                    1 
_exptl_crystal.density_meas          ? 
_exptl_crystal.density_Matthews      2.18 
_exptl_crystal.density_percent_sol   43.11 
_exptl_crystal.description           ? 
# 
_exptl_crystal_grow.crystal_id      1 
_exptl_crystal_grow.method          'VAPOR DIFFUSION, HANGING DROP' 
_exptl_crystal_grow.temp            294 
_exptl_crystal_grow.temp_details    ? 
_exptl_crystal_grow.pH              4.5 
_exptl_crystal_grow.pdbx_details    
'PEG 20K, NaBr, Glycerol, Sodium acetate, pH 4.5, VAPOR DIFFUSION, HANGING DROP, temperature 294K' 
_exptl_crystal_grow.pdbx_pH_range   . 
# 
loop_
_diffrn.id 
_diffrn.ambient_temp 
_diffrn.ambient_temp_details 
_diffrn.crystal_id 
1 110 ? 1 
2 ?   ? 1 
3 ?   ? 1 
# 
_diffrn_detector.diffrn_id              1 
_diffrn_detector.detector               CCD 
_diffrn_detector.type                   'ADSC QUANTUM 4' 
_diffrn_detector.pdbx_collection_date   2000-12-13 
_diffrn_detector.details                mirrors 
# 
_diffrn_radiation.diffrn_id                        1 
_diffrn_radiation.wavelength_id                    1 
_diffrn_radiation.pdbx_monochromatic_or_laue_m_l   M 
_diffrn_radiation.monochromator                    'Si 111 CHANNEL' 
_diffrn_radiation.pdbx_diffrn_protocol             MAD 
_diffrn_radiation.pdbx_scattering_type             x-ray 
# 
loop_
_diffrn_radiation_wavelength.id 
_diffrn_radiation_wavelength.wavelength 
_diffrn_radiation_wavelength.wt 
1 0.9205 1.0 
2 0.9201 1.0 
3 0.9180 1.0 
# 
loop_
_diffrn_source.diffrn_id 
_diffrn_source.source 
_diffrn_source.type 
_diffrn_source.pdbx_synchrotron_site 
_diffrn_source.pdbx_synchrotron_beamline 
_diffrn_source.pdbx_wavelength 
_diffrn_source.pdbx_wavelength_list 
1 SYNCHROTRON 'PHOTON FACTORY BEAMLINE BL-18B' 'Photon Factory' BL-18B ? 0.9205 
2 SYNCHROTRON 'PHOTON FACTORY BEAMLINE BL-18B' 'Photon Factory' BL-18B ? 0.9201 
3 SYNCHROTRON 'PHOTON FACTORY BEAMLINE BL-18B' 'Photon Factory' BL-18B ? 0.9180 
# 
_reflns.entry_id                     1Q3O 
_reflns.observed_criterion_sigma_I   2.0 
_reflns.observed_criterion_sigma_F   ? 
_reflns.d_resolution_low             27.7 
_reflns.d_resolution_high            1.8 
_reflns.number_obs                   58394 
_reflns.number_all                   58984 
_reflns.percent_possible_obs         99.0 
_reflns.pdbx_Rmerge_I_obs            0.048 
_reflns.pdbx_Rsym_value              0.048 
_reflns.pdbx_netI_over_sigmaI        13.8 
_reflns.B_iso_Wilson_estimate        25.0 
_reflns.pdbx_redundancy              3.0 
_reflns.R_free_details               ? 
_reflns.limit_h_max                  ? 
_reflns.limit_h_min                  ? 
_reflns.limit_k_max                  ? 
_reflns.limit_k_min                  ? 
_reflns.limit_l_max                  ? 
_reflns.limit_l_min                  ? 
_reflns.observed_criterion_F_max     ? 
_reflns.observed_criterion_F_min     ? 
_reflns.pdbx_diffrn_id               1 
_reflns.pdbx_ordinal                 1 
# 
_reflns_shell.d_res_high             1.8 
_reflns_shell.d_res_low              1.89 
_reflns_shell.percent_possible_all   99.0 
_reflns_shell.Rmerge_I_obs           0.377 
_reflns_shell.pdbx_Rsym_value        0.377 
_reflns_shell.meanI_over_sigI_obs    2.7 
_reflns_shell.pdbx_redundancy        3 
_reflns_shell.percent_possible_obs   ? 
_reflns_shell.number_unique_all      ? 
_reflns_shell.pdbx_diffrn_id         ? 
_reflns_shell.pdbx_ordinal           1 
# 
_refine.entry_id                                 1Q3O 
_refine.ls_number_reflns_obs                     19150 
_refine.ls_number_reflns_all                     19164 
_refine.pdbx_ls_sigma_I                          0 
_refine.pdbx_ls_sigma_F                          0 
_refine.pdbx_data_cutoff_high_absF               708448.89 
_refine.pdbx_data_cutoff_low_absF                0.000000 
_refine.pdbx_data_cutoff_high_rms_absF           ? 
_refine.ls_d_res_low                             27.73 
_refine.ls_d_res_high                            1.80 
_refine.ls_percent_reflns_obs                    98.7 
_refine.ls_R_factor_obs                          0.234 
_refine.ls_R_factor_all                          0.235 
_refine.ls_R_factor_R_work                       0.234 
_refine.ls_R_factor_R_free                       0.251 
_refine.ls_R_factor_R_free_error                 0.008 
_refine.ls_R_factor_R_free_error_details         ? 
_refine.ls_percent_reflns_R_free                 4.9 
_refine.ls_number_reflns_R_free                  934 
_refine.ls_number_parameters                     ? 
_refine.ls_number_restraints                     ? 
_refine.occupancy_min                            ? 
_refine.occupancy_max                            ? 
_refine.correlation_coeff_Fo_to_Fc               ? 
_refine.correlation_coeff_Fo_to_Fc_free          ? 
_refine.B_iso_mean                               32.2 
_refine.aniso_B[1][1]                            2.92 
_refine.aniso_B[2][2]                            -2.18 
_refine.aniso_B[3][3]                            -0.74 
_refine.aniso_B[1][2]                            0.00 
_refine.aniso_B[1][3]                            2.98 
_refine.aniso_B[2][3]                            0.00 
_refine.solvent_model_details                    'FLAT MODEL' 
_refine.solvent_model_param_ksol                 0.379267 
_refine.solvent_model_param_bsol                 51.4534 
_refine.pdbx_solvent_vdw_probe_radii             ? 
_refine.pdbx_solvent_ion_probe_radii             ? 
_refine.pdbx_solvent_shrinkage_radii             ? 
_refine.pdbx_ls_cross_valid_method               THROUGHOUT 
_refine.details                                  ? 
_refine.pdbx_starting_model                      ? 
_refine.pdbx_method_to_determine_struct          MAD 
_refine.pdbx_isotropic_thermal_model             RESTRAINED 
_refine.pdbx_stereochemistry_target_values       'Engh & Huber' 
_refine.pdbx_stereochem_target_val_spec_case     ? 
_refine.pdbx_R_Free_selection_details            RANDOM 
_refine.pdbx_overall_ESU_R                       ? 
_refine.pdbx_overall_ESU_R_Free                  ? 
_refine.overall_SU_ML                            ? 
_refine.overall_SU_B                             ? 
_refine.ls_redundancy_reflns_obs                 ? 
_refine.B_iso_min                                ? 
_refine.B_iso_max                                ? 
_refine.overall_SU_R_Cruickshank_DPI             ? 
_refine.overall_SU_R_free                        ? 
_refine.pdbx_refine_id                           'X-RAY DIFFRACTION' 
_refine.pdbx_diffrn_id                           1 
_refine.pdbx_TLS_residual_ADP_flag               ? 
_refine.pdbx_overall_phase_error                 ? 
_refine.pdbx_overall_SU_R_free_Cruickshank_DPI   ? 
_refine.pdbx_overall_SU_R_Blow_DPI               ? 
_refine.pdbx_overall_SU_R_free_Blow_DPI          ? 
# 
_refine_analyze.entry_id                        1Q3O 
_refine_analyze.Luzzati_coordinate_error_obs    0.25 
_refine_analyze.Luzzati_sigma_a_obs             0.19 
_refine_analyze.Luzzati_d_res_low_obs           5.00 
_refine_analyze.Luzzati_coordinate_error_free   0.27 
_refine_analyze.Luzzati_sigma_a_free            0.21 
_refine_analyze.Luzzati_d_res_low_free          ? 
_refine_analyze.number_disordered_residues      ? 
_refine_analyze.occupancy_sum_hydrogen          ? 
_refine_analyze.occupancy_sum_non_hydrogen      ? 
_refine_analyze.pdbx_Luzzati_d_res_high_obs     ? 
_refine_analyze.pdbx_refine_id                  'X-RAY DIFFRACTION' 
# 
_refine_hist.pdbx_refine_id                   'X-RAY DIFFRACTION' 
_refine_hist.cycle_id                         LAST 
_refine_hist.pdbx_number_atoms_protein        1623 
_refine_hist.pdbx_number_atoms_nucleic_acid   0 
_refine_hist.pdbx_number_atoms_ligand         5 
_refine_hist.number_atoms_solvent             94 
_refine_hist.number_atoms_total               1722 
_refine_hist.d_res_high                       1.80 
_refine_hist.d_res_low                        27.73 
# 
loop_
_refine_ls_restr.type 
_refine_ls_restr.dev_ideal 
_refine_ls_restr.dev_ideal_target 
_refine_ls_restr.weight 
_refine_ls_restr.number 
_refine_ls_restr.pdbx_refine_id 
_refine_ls_restr.pdbx_restraint_function 
c_bond_d           0.006 ? ? ? 'X-RAY DIFFRACTION' ? 
c_angle_deg        1.2   ? ? ? 'X-RAY DIFFRACTION' ? 
c_dihedral_angle_d 25.1  ? ? ? 'X-RAY DIFFRACTION' ? 
c_improper_angle_d 0.69  ? ? ? 'X-RAY DIFFRACTION' ? 
# 
_refine_ls_shell.pdbx_total_number_of_bins_used   6 
_refine_ls_shell.d_res_high                       1.80 
_refine_ls_shell.d_res_low                        1.91 
_refine_ls_shell.number_reflns_R_work             3031 
_refine_ls_shell.R_factor_R_work                  0.334 
_refine_ls_shell.percent_reflns_obs               99.5 
_refine_ls_shell.R_factor_R_free                  0.333 
_refine_ls_shell.R_factor_R_free_error            0.027 
_refine_ls_shell.percent_reflns_R_free            4.8 
_refine_ls_shell.number_reflns_R_free             154 
_refine_ls_shell.number_reflns_obs                ? 
_refine_ls_shell.redundancy_reflns_obs            ? 
_refine_ls_shell.number_reflns_all                ? 
_refine_ls_shell.pdbx_refine_id                   'X-RAY DIFFRACTION' 
_refine_ls_shell.R_factor_all                     ? 
# 
loop_
_pdbx_xplor_file.serial_no 
_pdbx_xplor_file.param_file 
_pdbx_xplor_file.topol_file 
_pdbx_xplor_file.pdbx_refine_id 
1 PROTEIN_REP.PARAM PROTEIN.TOP 'X-RAY DIFFRACTION' 
2 WATER.PARAM       WATER.TOP   'X-RAY DIFFRACTION' 
3 ION.PARAM         ION.TOP     'X-RAY DIFFRACTION' 
# 
_struct.entry_id                  1Q3O 
_struct.title                     
'Crystal structure of the Shank PDZ-ligand complex reveals a class I PDZ interaction and a novel PDZ-PDZ dimerization' 
_struct.pdbx_model_details        ? 
_struct.pdbx_CASP_flag            ? 
_struct.pdbx_model_type_details   ? 
# 
_struct_keywords.entry_id        1Q3O 
_struct_keywords.pdbx_keywords   'PEPTIDE BINDING PROTEIN' 
_struct_keywords.text            'shank, pdz, gkap, PEPTIDE BINDING PROTEIN' 
# 
loop_
_struct_asym.id 
_struct_asym.pdbx_blank_PDB_chainid_flag 
_struct_asym.pdbx_modified 
_struct_asym.entity_id 
_struct_asym.details 
A N N 1 ? 
B N N 1 ? 
C N N 2 ? 
D N N 2 ? 
E N N 2 ? 
F N N 2 ? 
G N N 2 ? 
H N N 3 ? 
I N N 3 ? 
# 
_struct_ref.id                         1 
_struct_ref.db_name                    UNP 
_struct_ref.db_code                    SHAN1_RAT 
_struct_ref.pdbx_db_accession          Q9WV48 
_struct_ref.entity_id                  1 
_struct_ref.pdbx_seq_one_letter_code   
;GSDYIIKEKTVLLQKKDSEGFGFVLRGAKAQTPIEEFTPTPAFPALQYLESVDEGGVAWRAGLRMGDFLIEVNGQNVVKV
GHRQVVNMIRQGGNTLMVKVVMVTRHPDM
;
_struct_ref.pdbx_align_begin           582 
_struct_ref.pdbx_db_isoform            ? 
# 
loop_
_struct_ref_seq.align_id 
_struct_ref_seq.ref_id 
_struct_ref_seq.pdbx_PDB_id_code 
_struct_ref_seq.pdbx_strand_id 
_struct_ref_seq.seq_align_beg 
_struct_ref_seq.pdbx_seq_align_beg_ins_code 
_struct_ref_seq.seq_align_end 
_struct_ref_seq.pdbx_seq_align_end_ins_code 
_struct_ref_seq.pdbx_db_accession 
_struct_ref_seq.db_align_beg 
_struct_ref_seq.pdbx_db_align_beg_ins_code 
_struct_ref_seq.db_align_end 
_struct_ref_seq.pdbx_db_align_end_ins_code 
_struct_ref_seq.pdbx_auth_seq_align_beg 
_struct_ref_seq.pdbx_auth_seq_align_end 
1 1 1Q3O A 1 ? 109 ? Q9WV48 582 ? 690 ? 582 690 
2 1 1Q3O B 1 ? 109 ? Q9WV48 582 ? 690 ? 582 690 
# 
_pdbx_struct_assembly.id                   1 
_pdbx_struct_assembly.details              author_defined_assembly 
_pdbx_struct_assembly.method_details       ? 
_pdbx_struct_assembly.oligomeric_details   dimeric 
_pdbx_struct_assembly.oligomeric_count     2 
# 
_pdbx_struct_assembly_gen.assembly_id       1 
_pdbx_struct_assembly_gen.oper_expression   1 
_pdbx_struct_assembly_gen.asym_id_list      A,B,C,D,E,F,G,H,I 
# 
_pdbx_struct_oper_list.id                   1 
_pdbx_struct_oper_list.type                 'identity operation' 
_pdbx_struct_oper_list.name                 1_555 
_pdbx_struct_oper_list.symmetry_operation   x,y,z 
_pdbx_struct_oper_list.matrix[1][1]         1.0000000000 
_pdbx_struct_oper_list.matrix[1][2]         0.0000000000 
_pdbx_struct_oper_list.matrix[1][3]         0.0000000000 
_pdbx_struct_oper_list.vector[1]            0.0000000000 
_pdbx_struct_oper_list.matrix[2][1]         0.0000000000 
_pdbx_struct_oper_list.matrix[2][2]         1.0000000000 
_pdbx_struct_oper_list.matrix[2][3]         0.0000000000 
_pdbx_struct_oper_list.vector[2]            0.0000000000 
_pdbx_struct_oper_list.matrix[3][1]         0.0000000000 
_pdbx_struct_oper_list.matrix[3][2]         0.0000000000 
_pdbx_struct_oper_list.matrix[3][3]         1.0000000000 
_pdbx_struct_oper_list.vector[3]            0.0000000000 
# 
_struct_biol.id                    1 
_struct_biol.pdbx_parent_biol_id   ? 
_struct_biol.details               ? 
# 
loop_
_struct_conf.conf_type_id 
_struct_conf.id 
_struct_conf.pdbx_PDB_helix_id 
_struct_conf.beg_label_comp_id 
_struct_conf.beg_label_asym_id 
_struct_conf.beg_label_seq_id 
_struct_conf.pdbx_beg_PDB_ins_code 
_struct_conf.end_label_comp_id 
_struct_conf.end_label_asym_id 
_struct_conf.end_label_seq_id 
_struct_conf.pdbx_end_PDB_ins_code 
_struct_conf.beg_auth_comp_id 
_struct_conf.beg_auth_asym_id 
_struct_conf.beg_auth_seq_id 
_struct_conf.end_auth_comp_id 
_struct_conf.end_auth_asym_id 
_struct_conf.end_auth_seq_id 
_struct_conf.pdbx_PDB_helix_class 
_struct_conf.details 
_struct_conf.pdbx_PDB_helix_length 
HELX_P HELX_P1 1 GLY A 56 ? ALA A 61 ? GLY A 637 ALA A 642 1 ? 6  
HELX_P HELX_P2 2 GLY A 81 ? GLY A 92 ? GLY A 662 GLY A 673 1 ? 12 
HELX_P HELX_P3 3 GLY B 56 ? GLY B 62 ? GLY B 637 GLY B 643 1 ? 7  
HELX_P HELX_P4 4 GLY B 81 ? GLY B 92 ? GLY B 662 GLY B 673 1 ? 12 
# 
_struct_conf_type.id          HELX_P 
_struct_conf_type.criteria    ? 
_struct_conf_type.reference   ? 
# 
loop_
_struct_sheet.id 
_struct_sheet.type 
_struct_sheet.number_strands 
_struct_sheet.details 
A ? 8 ? 
B ? 2 ? 
C ? 2 ? 
# 
loop_
_struct_sheet_order.sheet_id 
_struct_sheet_order.range_id_1 
_struct_sheet_order.range_id_2 
_struct_sheet_order.offset 
_struct_sheet_order.sense 
A 1 2 ? anti-parallel 
A 2 3 ? anti-parallel 
A 3 4 ? anti-parallel 
A 4 5 ? anti-parallel 
A 5 6 ? anti-parallel 
A 6 7 ? anti-parallel 
A 7 8 ? anti-parallel 
B 1 2 ? anti-parallel 
C 1 2 ? anti-parallel 
# 
loop_
_struct_sheet_range.sheet_id 
_struct_sheet_range.id 
_struct_sheet_range.beg_label_comp_id 
_struct_sheet_range.beg_label_asym_id 
_struct_sheet_range.beg_label_seq_id 
_struct_sheet_range.pdbx_beg_PDB_ins_code 
_struct_sheet_range.end_label_comp_id 
_struct_sheet_range.end_label_asym_id 
_struct_sheet_range.end_label_seq_id 
_struct_sheet_range.pdbx_end_PDB_ins_code 
_struct_sheet_range.beg_auth_comp_id 
_struct_sheet_range.beg_auth_asym_id 
_struct_sheet_range.beg_auth_seq_id 
_struct_sheet_range.end_auth_comp_id 
_struct_sheet_range.end_auth_asym_id 
_struct_sheet_range.end_auth_seq_id 
A 1 GLN A 75 ? ASN A 76  ? GLN A 656 ASN A 657 
A 2 PHE A 68 ? VAL A 72  ? PHE A 649 VAL A 653 
A 3 THR A 95 ? THR A 104 ? THR A 676 THR A 685 
A 4 TYR A 4  ? GLN A 14  ? TYR A 585 GLN A 595 
A 5 SER B 2  ? GLN B 14  ? SER B 583 GLN B 595 
A 6 THR B 95 ? PRO B 107 ? THR B 676 PRO B 688 
A 7 PHE B 68 ? VAL B 72  ? PHE B 649 VAL B 653 
A 8 GLN B 75 ? ASN B 76  ? GLN B 656 ASN B 657 
B 1 PHE A 23 ? GLY A 27  ? PHE A 604 GLY A 608 
B 2 GLN A 47 ? VAL A 52  ? GLN A 628 VAL A 633 
C 1 PHE B 23 ? GLY B 27  ? PHE B 604 GLY B 608 
C 2 GLN B 47 ? VAL B 52  ? GLN B 628 VAL B 633 
# 
loop_
_pdbx_struct_sheet_hbond.sheet_id 
_pdbx_struct_sheet_hbond.range_id_1 
_pdbx_struct_sheet_hbond.range_id_2 
_pdbx_struct_sheet_hbond.range_1_label_atom_id 
_pdbx_struct_sheet_hbond.range_1_label_comp_id 
_pdbx_struct_sheet_hbond.range_1_label_asym_id 
_pdbx_struct_sheet_hbond.range_1_label_seq_id 
_pdbx_struct_sheet_hbond.range_1_PDB_ins_code 
_pdbx_struct_sheet_hbond.range_1_auth_atom_id 
_pdbx_struct_sheet_hbond.range_1_auth_comp_id 
_pdbx_struct_sheet_hbond.range_1_auth_asym_id 
_pdbx_struct_sheet_hbond.range_1_auth_seq_id 
_pdbx_struct_sheet_hbond.range_2_label_atom_id 
_pdbx_struct_sheet_hbond.range_2_label_comp_id 
_pdbx_struct_sheet_hbond.range_2_label_asym_id 
_pdbx_struct_sheet_hbond.range_2_label_seq_id 
_pdbx_struct_sheet_hbond.range_2_PDB_ins_code 
_pdbx_struct_sheet_hbond.range_2_auth_atom_id 
_pdbx_struct_sheet_hbond.range_2_auth_comp_id 
_pdbx_struct_sheet_hbond.range_2_auth_asym_id 
_pdbx_struct_sheet_hbond.range_2_auth_seq_id 
A 1 2 O GLN A 75  ? O GLN A 656 N VAL A 72  ? N VAL A 653 
A 2 3 N PHE A 68  ? N PHE A 649 O VAL A 101 ? O VAL A 682 
A 3 4 O LEU A 96  ? O LEU A 677 N LEU A 13  ? N LEU A 594 
A 4 5 N TYR A 4   ? N TYR A 585 O ILE B 6   ? O ILE B 587 
A 5 6 N LYS B 9   ? N LYS B 590 O VAL B 100 ? O VAL B 681 
A 6 7 O VAL B 101 ? O VAL B 682 N PHE B 68  ? N PHE B 649 
A 7 8 N VAL B 72  ? N VAL B 653 O GLN B 75  ? O GLN B 656 
B 1 2 N VAL A 24  ? N VAL A 605 O SER A 51  ? O SER A 632 
C 1 2 N ARG B 26  ? N ARG B 607 O TYR B 48  ? O TYR B 629 
# 
loop_
_struct_site.id 
_struct_site.pdbx_evidence_code 
_struct_site.pdbx_auth_asym_id 
_struct_site.pdbx_auth_comp_id 
_struct_site.pdbx_auth_seq_id 
_struct_site.pdbx_auth_ins_code 
_struct_site.pdbx_num_residues 
_struct_site.details 
AC1 Software A BR 101 ? 3 'BINDING SITE FOR RESIDUE BR A 101' 
AC2 Software A BR 102 ? 3 'BINDING SITE FOR RESIDUE BR A 102' 
AC3 Software B BR 103 ? 1 'BINDING SITE FOR RESIDUE BR B 103' 
AC4 Software B BR 104 ? 2 'BINDING SITE FOR RESIDUE BR B 104' 
AC5 Software A BR 105 ? 2 'BINDING SITE FOR RESIDUE BR A 105' 
# 
loop_
_struct_site_gen.id 
_struct_site_gen.site_id 
_struct_site_gen.pdbx_num_res 
_struct_site_gen.label_comp_id 
_struct_site_gen.label_asym_id 
_struct_site_gen.label_seq_id 
_struct_site_gen.pdbx_auth_ins_code 
_struct_site_gen.auth_comp_id 
_struct_site_gen.auth_asym_id 
_struct_site_gen.auth_seq_id 
_struct_site_gen.label_atom_id 
_struct_site_gen.label_alt_id 
_struct_site_gen.symmetry 
_struct_site_gen.details 
1  AC1 3 BR  D .  ? BR  A 102 . ? 1_555 ? 
2  AC1 3 GLN A 84 ? GLN A 665 . ? 1_555 ? 
3  AC1 3 ASN A 87 ? ASN A 668 . ? 1_555 ? 
4  AC2 3 HOH H .  ? HOH A 16  . ? 1_555 ? 
5  AC2 3 BR  C .  ? BR  A 101 . ? 1_555 ? 
6  AC2 3 ARG A 83 ? ARG A 664 . ? 1_555 ? 
7  AC3 1 PRO B 41 ? PRO B 622 . ? 1_555 ? 
8  AC4 2 GLN B 47 ? GLN B 628 . ? 1_555 ? 
9  AC4 2 HIS B 82 ? HIS B 663 . ? 1_555 ? 
10 AC5 2 HOH H .  ? HOH A 37  . ? 1_555 ? 
11 AC5 2 LYS A 79 ? LYS A 660 . ? 1_555 ? 
# 
loop_
_pdbx_validate_torsion.id 
_pdbx_validate_torsion.PDB_model_num 
_pdbx_validate_torsion.auth_comp_id 
_pdbx_validate_torsion.auth_asym_id 
_pdbx_validate_torsion.auth_seq_id 
_pdbx_validate_torsion.PDB_ins_code 
_pdbx_validate_torsion.label_alt_id 
_pdbx_validate_torsion.phi 
_pdbx_validate_torsion.psi 
1 1 ALA A 611 ? ? -90.08  59.96 
2 1 GLU B 616 ? ? -150.92 6.32  
# 
loop_
_pdbx_unobs_or_zero_occ_residues.id 
_pdbx_unobs_or_zero_occ_residues.PDB_model_num 
_pdbx_unobs_or_zero_occ_residues.polymer_flag 
_pdbx_unobs_or_zero_occ_residues.occupancy_flag 
_pdbx_unobs_or_zero_occ_residues.auth_asym_id 
_pdbx_unobs_or_zero_occ_residues.auth_comp_id 
_pdbx_unobs_or_zero_occ_residues.auth_seq_id 
_pdbx_unobs_or_zero_occ_residues.PDB_ins_code 
_pdbx_unobs_or_zero_occ_residues.label_asym_id 
_pdbx_unobs_or_zero_occ_residues.label_comp_id 
_pdbx_unobs_or_zero_occ_residues.label_seq_id 
1  1 Y 1 A GLY 582 ? A GLY 1   
2  1 Y 1 A SER 583 ? A SER 2   
3  1 Y 1 A PRO 688 ? A PRO 107 
4  1 Y 1 A ASP 689 ? A ASP 108 
5  1 Y 1 A MET 690 ? A MET 109 
6  1 Y 1 B LYS 610 ? B LYS 29  
7  1 Y 1 B ALA 611 ? B ALA 30  
8  1 Y 1 B GLN 612 ? B GLN 31  
9  1 Y 1 B THR 613 ? B THR 32  
10 1 Y 1 B PRO 614 ? B PRO 33  
# 
loop_
_chem_comp_atom.comp_id 
_chem_comp_atom.atom_id 
_chem_comp_atom.type_symbol 
_chem_comp_atom.pdbx_aromatic_flag 
_chem_comp_atom.pdbx_stereo_config 
_chem_comp_atom.pdbx_ordinal 
ALA N    N  N N 1   
ALA CA   C  N S 2   
ALA C    C  N N 3   
ALA O    O  N N 4   
ALA CB   C  N N 5   
ALA OXT  O  N N 6   
ALA H    H  N N 7   
ALA H2   H  N N 8   
ALA HA   H  N N 9   
ALA HB1  H  N N 10  
ALA HB2  H  N N 11  
ALA HB3  H  N N 12  
ALA HXT  H  N N 13  
ARG N    N  N N 14  
ARG CA   C  N S 15  
ARG C    C  N N 16  
ARG O    O  N N 17  
ARG CB   C  N N 18  
ARG CG   C  N N 19  
ARG CD   C  N N 20  
ARG NE   N  N N 21  
ARG CZ   C  N N 22  
ARG NH1  N  N N 23  
ARG NH2  N  N N 24  
ARG OXT  O  N N 25  
ARG H    H  N N 26  
ARG H2   H  N N 27  
ARG HA   H  N N 28  
ARG HB2  H  N N 29  
ARG HB3  H  N N 30  
ARG HG2  H  N N 31  
ARG HG3  H  N N 32  
ARG HD2  H  N N 33  
ARG HD3  H  N N 34  
ARG HE   H  N N 35  
ARG HH11 H  N N 36  
ARG HH12 H  N N 37  
ARG HH21 H  N N 38  
ARG HH22 H  N N 39  
ARG HXT  H  N N 40  
ASN N    N  N N 41  
ASN CA   C  N S 42  
ASN C    C  N N 43  
ASN O    O  N N 44  
ASN CB   C  N N 45  
ASN CG   C  N N 46  
ASN OD1  O  N N 47  
ASN ND2  N  N N 48  
ASN OXT  O  N N 49  
ASN H    H  N N 50  
ASN H2   H  N N 51  
ASN HA   H  N N 52  
ASN HB2  H  N N 53  
ASN HB3  H  N N 54  
ASN HD21 H  N N 55  
ASN HD22 H  N N 56  
ASN HXT  H  N N 57  
ASP N    N  N N 58  
ASP CA   C  N S 59  
ASP C    C  N N 60  
ASP O    O  N N 61  
ASP CB   C  N N 62  
ASP CG   C  N N 63  
ASP OD1  O  N N 64  
ASP OD2  O  N N 65  
ASP OXT  O  N N 66  
ASP H    H  N N 67  
ASP H2   H  N N 68  
ASP HA   H  N N 69  
ASP HB2  H  N N 70  
ASP HB3  H  N N 71  
ASP HD2  H  N N 72  
ASP HXT  H  N N 73  
BR  BR   BR N N 74  
GLN N    N  N N 75  
GLN CA   C  N S 76  
GLN C    C  N N 77  
GLN O    O  N N 78  
GLN CB   C  N N 79  
GLN CG   C  N N 80  
GLN CD   C  N N 81  
GLN OE1  O  N N 82  
GLN NE2  N  N N 83  
GLN OXT  O  N N 84  
GLN H    H  N N 85  
GLN H2   H  N N 86  
GLN HA   H  N N 87  
GLN HB2  H  N N 88  
GLN HB3  H  N N 89  
GLN HG2  H  N N 90  
GLN HG3  H  N N 91  
GLN HE21 H  N N 92  
GLN HE22 H  N N 93  
GLN HXT  H  N N 94  
GLU N    N  N N 95  
GLU CA   C  N S 96  
GLU C    C  N N 97  
GLU O    O  N N 98  
GLU CB   C  N N 99  
GLU CG   C  N N 100 
GLU CD   C  N N 101 
GLU OE1  O  N N 102 
GLU OE2  O  N N 103 
GLU OXT  O  N N 104 
GLU H    H  N N 105 
GLU H2   H  N N 106 
GLU HA   H  N N 107 
GLU HB2  H  N N 108 
GLU HB3  H  N N 109 
GLU HG2  H  N N 110 
GLU HG3  H  N N 111 
GLU HE2  H  N N 112 
GLU HXT  H  N N 113 
GLY N    N  N N 114 
GLY CA   C  N N 115 
GLY C    C  N N 116 
GLY O    O  N N 117 
GLY OXT  O  N N 118 
GLY H    H  N N 119 
GLY H2   H  N N 120 
GLY HA2  H  N N 121 
GLY HA3  H  N N 122 
GLY HXT  H  N N 123 
HIS N    N  N N 124 
HIS CA   C  N S 125 
HIS C    C  N N 126 
HIS O    O  N N 127 
HIS CB   C  N N 128 
HIS CG   C  Y N 129 
HIS ND1  N  Y N 130 
HIS CD2  C  Y N 131 
HIS CE1  C  Y N 132 
HIS NE2  N  Y N 133 
HIS OXT  O  N N 134 
HIS H    H  N N 135 
HIS H2   H  N N 136 
HIS HA   H  N N 137 
HIS HB2  H  N N 138 
HIS HB3  H  N N 139 
HIS HD1  H  N N 140 
HIS HD2  H  N N 141 
HIS HE1  H  N N 142 
HIS HE2  H  N N 143 
HIS HXT  H  N N 144 
HOH O    O  N N 145 
HOH H1   H  N N 146 
HOH H2   H  N N 147 
ILE N    N  N N 148 
ILE CA   C  N S 149 
ILE C    C  N N 150 
ILE O    O  N N 151 
ILE CB   C  N S 152 
ILE CG1  C  N N 153 
ILE CG2  C  N N 154 
ILE CD1  C  N N 155 
ILE OXT  O  N N 156 
ILE H    H  N N 157 
ILE H2   H  N N 158 
ILE HA   H  N N 159 
ILE HB   H  N N 160 
ILE HG12 H  N N 161 
ILE HG13 H  N N 162 
ILE HG21 H  N N 163 
ILE HG22 H  N N 164 
ILE HG23 H  N N 165 
ILE HD11 H  N N 166 
ILE HD12 H  N N 167 
ILE HD13 H  N N 168 
ILE HXT  H  N N 169 
LEU N    N  N N 170 
LEU CA   C  N S 171 
LEU C    C  N N 172 
LEU O    O  N N 173 
LEU CB   C  N N 174 
LEU CG   C  N N 175 
LEU CD1  C  N N 176 
LEU CD2  C  N N 177 
LEU OXT  O  N N 178 
LEU H    H  N N 179 
LEU H2   H  N N 180 
LEU HA   H  N N 181 
LEU HB2  H  N N 182 
LEU HB3  H  N N 183 
LEU HG   H  N N 184 
LEU HD11 H  N N 185 
LEU HD12 H  N N 186 
LEU HD13 H  N N 187 
LEU HD21 H  N N 188 
LEU HD22 H  N N 189 
LEU HD23 H  N N 190 
LEU HXT  H  N N 191 
LYS N    N  N N 192 
LYS CA   C  N S 193 
LYS C    C  N N 194 
LYS O    O  N N 195 
LYS CB   C  N N 196 
LYS CG   C  N N 197 
LYS CD   C  N N 198 
LYS CE   C  N N 199 
LYS NZ   N  N N 200 
LYS OXT  O  N N 201 
LYS H    H  N N 202 
LYS H2   H  N N 203 
LYS HA   H  N N 204 
LYS HB2  H  N N 205 
LYS HB3  H  N N 206 
LYS HG2  H  N N 207 
LYS HG3  H  N N 208 
LYS HD2  H  N N 209 
LYS HD3  H  N N 210 
LYS HE2  H  N N 211 
LYS HE3  H  N N 212 
LYS HZ1  H  N N 213 
LYS HZ2  H  N N 214 
LYS HZ3  H  N N 215 
LYS HXT  H  N N 216 
MET N    N  N N 217 
MET CA   C  N S 218 
MET C    C  N N 219 
MET O    O  N N 220 
MET CB   C  N N 221 
MET CG   C  N N 222 
MET SD   S  N N 223 
MET CE   C  N N 224 
MET OXT  O  N N 225 
MET H    H  N N 226 
MET H2   H  N N 227 
MET HA   H  N N 228 
MET HB2  H  N N 229 
MET HB3  H  N N 230 
MET HG2  H  N N 231 
MET HG3  H  N N 232 
MET HE1  H  N N 233 
MET HE2  H  N N 234 
MET HE3  H  N N 235 
MET HXT  H  N N 236 
PHE N    N  N N 237 
PHE CA   C  N S 238 
PHE C    C  N N 239 
PHE O    O  N N 240 
PHE CB   C  N N 241 
PHE CG   C  Y N 242 
PHE CD1  C  Y N 243 
PHE CD2  C  Y N 244 
PHE CE1  C  Y N 245 
PHE CE2  C  Y N 246 
PHE CZ   C  Y N 247 
PHE OXT  O  N N 248 
PHE H    H  N N 249 
PHE H2   H  N N 250 
PHE HA   H  N N 251 
PHE HB2  H  N N 252 
PHE HB3  H  N N 253 
PHE HD1  H  N N 254 
PHE HD2  H  N N 255 
PHE HE1  H  N N 256 
PHE HE2  H  N N 257 
PHE HZ   H  N N 258 
PHE HXT  H  N N 259 
PRO N    N  N N 260 
PRO CA   C  N S 261 
PRO C    C  N N 262 
PRO O    O  N N 263 
PRO CB   C  N N 264 
PRO CG   C  N N 265 
PRO CD   C  N N 266 
PRO OXT  O  N N 267 
PRO H    H  N N 268 
PRO HA   H  N N 269 
PRO HB2  H  N N 270 
PRO HB3  H  N N 271 
PRO HG2  H  N N 272 
PRO HG3  H  N N 273 
PRO HD2  H  N N 274 
PRO HD3  H  N N 275 
PRO HXT  H  N N 276 
SER N    N  N N 277 
SER CA   C  N S 278 
SER C    C  N N 279 
SER O    O  N N 280 
SER CB   C  N N 281 
SER OG   O  N N 282 
SER OXT  O  N N 283 
SER H    H  N N 284 
SER H2   H  N N 285 
SER HA   H  N N 286 
SER HB2  H  N N 287 
SER HB3  H  N N 288 
SER HG   H  N N 289 
SER HXT  H  N N 290 
THR N    N  N N 291 
THR CA   C  N S 292 
THR C    C  N N 293 
THR O    O  N N 294 
THR CB   C  N R 295 
THR OG1  O  N N 296 
THR CG2  C  N N 297 
THR OXT  O  N N 298 
THR H    H  N N 299 
THR H2   H  N N 300 
THR HA   H  N N 301 
THR HB   H  N N 302 
THR HG1  H  N N 303 
THR HG21 H  N N 304 
THR HG22 H  N N 305 
THR HG23 H  N N 306 
THR HXT  H  N N 307 
TRP N    N  N N 308 
TRP CA   C  N S 309 
TRP C    C  N N 310 
TRP O    O  N N 311 
TRP CB   C  N N 312 
TRP CG   C  Y N 313 
TRP CD1  C  Y N 314 
TRP CD2  C  Y N 315 
TRP NE1  N  Y N 316 
TRP CE2  C  Y N 317 
TRP CE3  C  Y N 318 
TRP CZ2  C  Y N 319 
TRP CZ3  C  Y N 320 
TRP CH2  C  Y N 321 
TRP OXT  O  N N 322 
TRP H    H  N N 323 
TRP H2   H  N N 324 
TRP HA   H  N N 325 
TRP HB2  H  N N 326 
TRP HB3  H  N N 327 
TRP HD1  H  N N 328 
TRP HE1  H  N N 329 
TRP HE3  H  N N 330 
TRP HZ2  H  N N 331 
TRP HZ3  H  N N 332 
TRP HH2  H  N N 333 
TRP HXT  H  N N 334 
TYR N    N  N N 335 
TYR CA   C  N S 336 
TYR C    C  N N 337 
TYR O    O  N N 338 
TYR CB   C  N N 339 
TYR CG   C  Y N 340 
TYR CD1  C  Y N 341 
TYR CD2  C  Y N 342 
TYR CE1  C  Y N 343 
TYR CE2  C  Y N 344 
TYR CZ   C  Y N 345 
TYR OH   O  N N 346 
TYR OXT  O  N N 347 
TYR H    H  N N 348 
TYR H2   H  N N 349 
TYR HA   H  N N 350 
TYR HB2  H  N N 351 
TYR HB3  H  N N 352 
TYR HD1  H  N N 353 
TYR HD2  H  N N 354 
TYR HE1  H  N N 355 
TYR HE2  H  N N 356 
TYR HH   H  N N 357 
TYR HXT  H  N N 358 
VAL N    N  N N 359 
VAL CA   C  N S 360 
VAL C    C  N N 361 
VAL O    O  N N 362 
VAL CB   C  N N 363 
VAL CG1  C  N N 364 
VAL CG2  C  N N 365 
VAL OXT  O  N N 366 
VAL H    H  N N 367 
VAL H2   H  N N 368 
VAL HA   H  N N 369 
VAL HB   H  N N 370 
VAL HG11 H  N N 371 
VAL HG12 H  N N 372 
VAL HG13 H  N N 373 
VAL HG21 H  N N 374 
VAL HG22 H  N N 375 
VAL HG23 H  N N 376 
VAL HXT  H  N N 377 
# 
loop_
_chem_comp_bond.comp_id 
_chem_comp_bond.atom_id_1 
_chem_comp_bond.atom_id_2 
_chem_comp_bond.value_order 
_chem_comp_bond.pdbx_aromatic_flag 
_chem_comp_bond.pdbx_stereo_config 
_chem_comp_bond.pdbx_ordinal 
ALA N   CA   sing N N 1   
ALA N   H    sing N N 2   
ALA N   H2   sing N N 3   
ALA CA  C    sing N N 4   
ALA CA  CB   sing N N 5   
ALA CA  HA   sing N N 6   
ALA C   O    doub N N 7   
ALA C   OXT  sing N N 8   
ALA CB  HB1  sing N N 9   
ALA CB  HB2  sing N N 10  
ALA CB  HB3  sing N N 11  
ALA OXT HXT  sing N N 12  
ARG N   CA   sing N N 13  
ARG N   H    sing N N 14  
ARG N   H2   sing N N 15  
ARG CA  C    sing N N 16  
ARG CA  CB   sing N N 17  
ARG CA  HA   sing N N 18  
ARG C   O    doub N N 19  
ARG C   OXT  sing N N 20  
ARG CB  CG   sing N N 21  
ARG CB  HB2  sing N N 22  
ARG CB  HB3  sing N N 23  
ARG CG  CD   sing N N 24  
ARG CG  HG2  sing N N 25  
ARG CG  HG3  sing N N 26  
ARG CD  NE   sing N N 27  
ARG CD  HD2  sing N N 28  
ARG CD  HD3  sing N N 29  
ARG NE  CZ   sing N N 30  
ARG NE  HE   sing N N 31  
ARG CZ  NH1  sing N N 32  
ARG CZ  NH2  doub N N 33  
ARG NH1 HH11 sing N N 34  
ARG NH1 HH12 sing N N 35  
ARG NH2 HH21 sing N N 36  
ARG NH2 HH22 sing N N 37  
ARG OXT HXT  sing N N 38  
ASN N   CA   sing N N 39  
ASN N   H    sing N N 40  
ASN N   H2   sing N N 41  
ASN CA  C    sing N N 42  
ASN CA  CB   sing N N 43  
ASN CA  HA   sing N N 44  
ASN C   O    doub N N 45  
ASN C   OXT  sing N N 46  
ASN CB  CG   sing N N 47  
ASN CB  HB2  sing N N 48  
ASN CB  HB3  sing N N 49  
ASN CG  OD1  doub N N 50  
ASN CG  ND2  sing N N 51  
ASN ND2 HD21 sing N N 52  
ASN ND2 HD22 sing N N 53  
ASN OXT HXT  sing N N 54  
ASP N   CA   sing N N 55  
ASP N   H    sing N N 56  
ASP N   H2   sing N N 57  
ASP CA  C    sing N N 58  
ASP CA  CB   sing N N 59  
ASP CA  HA   sing N N 60  
ASP C   O    doub N N 61  
ASP C   OXT  sing N N 62  
ASP CB  CG   sing N N 63  
ASP CB  HB2  sing N N 64  
ASP CB  HB3  sing N N 65  
ASP CG  OD1  doub N N 66  
ASP CG  OD2  sing N N 67  
ASP OD2 HD2  sing N N 68  
ASP OXT HXT  sing N N 69  
GLN N   CA   sing N N 70  
GLN N   H    sing N N 71  
GLN N   H2   sing N N 72  
GLN CA  C    sing N N 73  
GLN CA  CB   sing N N 74  
GLN CA  HA   sing N N 75  
GLN C   O    doub N N 76  
GLN C   OXT  sing N N 77  
GLN CB  CG   sing N N 78  
GLN CB  HB2  sing N N 79  
GLN CB  HB3  sing N N 80  
GLN CG  CD   sing N N 81  
GLN CG  HG2  sing N N 82  
GLN CG  HG3  sing N N 83  
GLN CD  OE1  doub N N 84  
GLN CD  NE2  sing N N 85  
GLN NE2 HE21 sing N N 86  
GLN NE2 HE22 sing N N 87  
GLN OXT HXT  sing N N 88  
GLU N   CA   sing N N 89  
GLU N   H    sing N N 90  
GLU N   H2   sing N N 91  
GLU CA  C    sing N N 92  
GLU CA  CB   sing N N 93  
GLU CA  HA   sing N N 94  
GLU C   O    doub N N 95  
GLU C   OXT  sing N N 96  
GLU CB  CG   sing N N 97  
GLU CB  HB2  sing N N 98  
GLU CB  HB3  sing N N 99  
GLU CG  CD   sing N N 100 
GLU CG  HG2  sing N N 101 
GLU CG  HG3  sing N N 102 
GLU CD  OE1  doub N N 103 
GLU CD  OE2  sing N N 104 
GLU OE2 HE2  sing N N 105 
GLU OXT HXT  sing N N 106 
GLY N   CA   sing N N 107 
GLY N   H    sing N N 108 
GLY N   H2   sing N N 109 
GLY CA  C    sing N N 110 
GLY CA  HA2  sing N N 111 
GLY CA  HA3  sing N N 112 
GLY C   O    doub N N 113 
GLY C   OXT  sing N N 114 
GLY OXT HXT  sing N N 115 
HIS N   CA   sing N N 116 
HIS N   H    sing N N 117 
HIS N   H2   sing N N 118 
HIS CA  C    sing N N 119 
HIS CA  CB   sing N N 120 
HIS CA  HA   sing N N 121 
HIS C   O    doub N N 122 
HIS C   OXT  sing N N 123 
HIS CB  CG   sing N N 124 
HIS CB  HB2  sing N N 125 
HIS CB  HB3  sing N N 126 
HIS CG  ND1  sing Y N 127 
HIS CG  CD2  doub Y N 128 
HIS ND1 CE1  doub Y N 129 
HIS ND1 HD1  sing N N 130 
HIS CD2 NE2  sing Y N 131 
HIS CD2 HD2  sing N N 132 
HIS CE1 NE2  sing Y N 133 
HIS CE1 HE1  sing N N 134 
HIS NE2 HE2  sing N N 135 
HIS OXT HXT  sing N N 136 
HOH O   H1   sing N N 137 
HOH O   H2   sing N N 138 
ILE N   CA   sing N N 139 
ILE N   H    sing N N 140 
ILE N   H2   sing N N 141 
ILE CA  C    sing N N 142 
ILE CA  CB   sing N N 143 
ILE CA  HA   sing N N 144 
ILE C   O    doub N N 145 
ILE C   OXT  sing N N 146 
ILE CB  CG1  sing N N 147 
ILE CB  CG2  sing N N 148 
ILE CB  HB   sing N N 149 
ILE CG1 CD1  sing N N 150 
ILE CG1 HG12 sing N N 151 
ILE CG1 HG13 sing N N 152 
ILE CG2 HG21 sing N N 153 
ILE CG2 HG22 sing N N 154 
ILE CG2 HG23 sing N N 155 
ILE CD1 HD11 sing N N 156 
ILE CD1 HD12 sing N N 157 
ILE CD1 HD13 sing N N 158 
ILE OXT HXT  sing N N 159 
LEU N   CA   sing N N 160 
LEU N   H    sing N N 161 
LEU N   H2   sing N N 162 
LEU CA  C    sing N N 163 
LEU CA  CB   sing N N 164 
LEU CA  HA   sing N N 165 
LEU C   O    doub N N 166 
LEU C   OXT  sing N N 167 
LEU CB  CG   sing N N 168 
LEU CB  HB2  sing N N 169 
LEU CB  HB3  sing N N 170 
LEU CG  CD1  sing N N 171 
LEU CG  CD2  sing N N 172 
LEU CG  HG   sing N N 173 
LEU CD1 HD11 sing N N 174 
LEU CD1 HD12 sing N N 175 
LEU CD1 HD13 sing N N 176 
LEU CD2 HD21 sing N N 177 
LEU CD2 HD22 sing N N 178 
LEU CD2 HD23 sing N N 179 
LEU OXT HXT  sing N N 180 
LYS N   CA   sing N N 181 
LYS N   H    sing N N 182 
LYS N   H2   sing N N 183 
LYS CA  C    sing N N 184 
LYS CA  CB   sing N N 185 
LYS CA  HA   sing N N 186 
LYS C   O    doub N N 187 
LYS C   OXT  sing N N 188 
LYS CB  CG   sing N N 189 
LYS CB  HB2  sing N N 190 
LYS CB  HB3  sing N N 191 
LYS CG  CD   sing N N 192 
LYS CG  HG2  sing N N 193 
LYS CG  HG3  sing N N 194 
LYS CD  CE   sing N N 195 
LYS CD  HD2  sing N N 196 
LYS CD  HD3  sing N N 197 
LYS CE  NZ   sing N N 198 
LYS CE  HE2  sing N N 199 
LYS CE  HE3  sing N N 200 
LYS NZ  HZ1  sing N N 201 
LYS NZ  HZ2  sing N N 202 
LYS NZ  HZ3  sing N N 203 
LYS OXT HXT  sing N N 204 
MET N   CA   sing N N 205 
MET N   H    sing N N 206 
MET N   H2   sing N N 207 
MET CA  C    sing N N 208 
MET CA  CB   sing N N 209 
MET CA  HA   sing N N 210 
MET C   O    doub N N 211 
MET C   OXT  sing N N 212 
MET CB  CG   sing N N 213 
MET CB  HB2  sing N N 214 
MET CB  HB3  sing N N 215 
MET CG  SD   sing N N 216 
MET CG  HG2  sing N N 217 
MET CG  HG3  sing N N 218 
MET SD  CE   sing N N 219 
MET CE  HE1  sing N N 220 
MET CE  HE2  sing N N 221 
MET CE  HE3  sing N N 222 
MET OXT HXT  sing N N 223 
PHE N   CA   sing N N 224 
PHE N   H    sing N N 225 
PHE N   H2   sing N N 226 
PHE CA  C    sing N N 227 
PHE CA  CB   sing N N 228 
PHE CA  HA   sing N N 229 
PHE C   O    doub N N 230 
PHE C   OXT  sing N N 231 
PHE CB  CG   sing N N 232 
PHE CB  HB2  sing N N 233 
PHE CB  HB3  sing N N 234 
PHE CG  CD1  doub Y N 235 
PHE CG  CD2  sing Y N 236 
PHE CD1 CE1  sing Y N 237 
PHE CD1 HD1  sing N N 238 
PHE CD2 CE2  doub Y N 239 
PHE CD2 HD2  sing N N 240 
PHE CE1 CZ   doub Y N 241 
PHE CE1 HE1  sing N N 242 
PHE CE2 CZ   sing Y N 243 
PHE CE2 HE2  sing N N 244 
PHE CZ  HZ   sing N N 245 
PHE OXT HXT  sing N N 246 
PRO N   CA   sing N N 247 
PRO N   CD   sing N N 248 
PRO N   H    sing N N 249 
PRO CA  C    sing N N 250 
PRO CA  CB   sing N N 251 
PRO CA  HA   sing N N 252 
PRO C   O    doub N N 253 
PRO C   OXT  sing N N 254 
PRO CB  CG   sing N N 255 
PRO CB  HB2  sing N N 256 
PRO CB  HB3  sing N N 257 
PRO CG  CD   sing N N 258 
PRO CG  HG2  sing N N 259 
PRO CG  HG3  sing N N 260 
PRO CD  HD2  sing N N 261 
PRO CD  HD3  sing N N 262 
PRO OXT HXT  sing N N 263 
SER N   CA   sing N N 264 
SER N   H    sing N N 265 
SER N   H2   sing N N 266 
SER CA  C    sing N N 267 
SER CA  CB   sing N N 268 
SER CA  HA   sing N N 269 
SER C   O    doub N N 270 
SER C   OXT  sing N N 271 
SER CB  OG   sing N N 272 
SER CB  HB2  sing N N 273 
SER CB  HB3  sing N N 274 
SER OG  HG   sing N N 275 
SER OXT HXT  sing N N 276 
THR N   CA   sing N N 277 
THR N   H    sing N N 278 
THR N   H2   sing N N 279 
THR CA  C    sing N N 280 
THR CA  CB   sing N N 281 
THR CA  HA   sing N N 282 
THR C   O    doub N N 283 
THR C   OXT  sing N N 284 
THR CB  OG1  sing N N 285 
THR CB  CG2  sing N N 286 
THR CB  HB   sing N N 287 
THR OG1 HG1  sing N N 288 
THR CG2 HG21 sing N N 289 
THR CG2 HG22 sing N N 290 
THR CG2 HG23 sing N N 291 
THR OXT HXT  sing N N 292 
TRP N   CA   sing N N 293 
TRP N   H    sing N N 294 
TRP N   H2   sing N N 295 
TRP CA  C    sing N N 296 
TRP CA  CB   sing N N 297 
TRP CA  HA   sing N N 298 
TRP C   O    doub N N 299 
TRP C   OXT  sing N N 300 
TRP CB  CG   sing N N 301 
TRP CB  HB2  sing N N 302 
TRP CB  HB3  sing N N 303 
TRP CG  CD1  doub Y N 304 
TRP CG  CD2  sing Y N 305 
TRP CD1 NE1  sing Y N 306 
TRP CD1 HD1  sing N N 307 
TRP CD2 CE2  doub Y N 308 
TRP CD2 CE3  sing Y N 309 
TRP NE1 CE2  sing Y N 310 
TRP NE1 HE1  sing N N 311 
TRP CE2 CZ2  sing Y N 312 
TRP CE3 CZ3  doub Y N 313 
TRP CE3 HE3  sing N N 314 
TRP CZ2 CH2  doub Y N 315 
TRP CZ2 HZ2  sing N N 316 
TRP CZ3 CH2  sing Y N 317 
TRP CZ3 HZ3  sing N N 318 
TRP CH2 HH2  sing N N 319 
TRP OXT HXT  sing N N 320 
TYR N   CA   sing N N 321 
TYR N   H    sing N N 322 
TYR N   H2   sing N N 323 
TYR CA  C    sing N N 324 
TYR CA  CB   sing N N 325 
TYR CA  HA   sing N N 326 
TYR C   O    doub N N 327 
TYR C   OXT  sing N N 328 
TYR CB  CG   sing N N 329 
TYR CB  HB2  sing N N 330 
TYR CB  HB3  sing N N 331 
TYR CG  CD1  doub Y N 332 
TYR CG  CD2  sing Y N 333 
TYR CD1 CE1  sing Y N 334 
TYR CD1 HD1  sing N N 335 
TYR CD2 CE2  doub Y N 336 
TYR CD2 HD2  sing N N 337 
TYR CE1 CZ   doub Y N 338 
TYR CE1 HE1  sing N N 339 
TYR CE2 CZ   sing Y N 340 
TYR CE2 HE2  sing N N 341 
TYR CZ  OH   sing N N 342 
TYR OH  HH   sing N N 343 
TYR OXT HXT  sing N N 344 
VAL N   CA   sing N N 345 
VAL N   H    sing N N 346 
VAL N   H2   sing N N 347 
VAL CA  C    sing N N 348 
VAL CA  CB   sing N N 349 
VAL CA  HA   sing N N 350 
VAL C   O    doub N N 351 
VAL C   OXT  sing N N 352 
VAL CB  CG1  sing N N 353 
VAL CB  CG2  sing N N 354 
VAL CB  HB   sing N N 355 
VAL CG1 HG11 sing N N 356 
VAL CG1 HG12 sing N N 357 
VAL CG1 HG13 sing N N 358 
VAL CG2 HG21 sing N N 359 
VAL CG2 HG22 sing N N 360 
VAL CG2 HG23 sing N N 361 
VAL OXT HXT  sing N N 362 
# 
_atom_sites.entry_id                    1Q3O 
_atom_sites.fract_transf_matrix[1][1]   -0.02286246 
_atom_sites.fract_transf_matrix[1][2]   -0.00818368 
_atom_sites.fract_transf_matrix[1][3]   -0.00507158 
_atom_sites.fract_transf_matrix[2][1]   0.00014211 
_atom_sites.fract_transf_matrix[2][2]   -0.01074930 
_atom_sites.fract_transf_matrix[2][3]   0.01670481 
_atom_sites.fract_transf_matrix[3][1]   -0.01270077 
_atom_sites.fract_transf_matrix[3][2]   0.01307857 
_atom_sites.fract_transf_matrix[3][3]   0.00852392 
_atom_sites.fract_transf_vector[1]      0.659467 
_atom_sites.fract_transf_vector[2]      0.362931 
_atom_sites.fract_transf_vector[3]      0.780357 
# 
loop_
_atom_type.symbol 
BR 
C  
N  
O  
S  
# 
loop_
_atom_site.group_PDB 
_atom_site.id 
_atom_site.type_symbol 
_atom_site.label_atom_id 
_atom_site.label_alt_id 
_atom_site.label_comp_id 
_atom_site.label_asym_id 
_atom_site.label_entity_id 
_atom_site.label_seq_id 
_atom_site.pdbx_PDB_ins_code 
_atom_site.Cartn_x 
_atom_site.Cartn_y 
_atom_site.Cartn_z 
_atom_site.occupancy 
_atom_site.B_iso_or_equiv 
_atom_site.pdbx_formal_charge 
_atom_site.auth_seq_id 
_atom_site.auth_comp_id 
_atom_site.auth_asym_id 
_atom_site.auth_atom_id 
_atom_site.pdbx_PDB_model_num 
ATOM   1    N  N   . ASP A 1 3   ? 10.397  -4.570  9.984   1.00 41.88 ? 584 ASP A N   1 
ATOM   2    C  CA  . ASP A 1 3   ? 10.141  -5.324  8.725   1.00 40.54 ? 584 ASP A CA  1 
ATOM   3    C  C   . ASP A 1 3   ? 8.729   -5.904  8.777   1.00 38.40 ? 584 ASP A C   1 
ATOM   4    O  O   . ASP A 1 3   ? 8.399   -6.657  9.690   1.00 38.30 ? 584 ASP A O   1 
ATOM   5    C  CB  . ASP A 1 3   ? 11.161  -6.451  8.586   1.00 43.59 ? 584 ASP A CB  1 
ATOM   6    C  CG  . ASP A 1 3   ? 11.106  -7.127  7.233   1.00 46.26 ? 584 ASP A CG  1 
ATOM   7    O  OD1 . ASP A 1 3   ? 10.099  -7.804  6.944   1.00 48.58 ? 584 ASP A OD1 1 
ATOM   8    O  OD2 . ASP A 1 3   ? 12.075  -6.977  6.457   1.00 46.78 ? 584 ASP A OD2 1 
ATOM   9    N  N   . TYR A 1 4   ? 7.897   -5.566  7.796   1.00 33.82 ? 585 TYR A N   1 
ATOM   10   C  CA  . TYR A 1 4   ? 6.520   -6.052  7.783   1.00 31.58 ? 585 TYR A CA  1 
ATOM   11   C  C   . TYR A 1 4   ? 6.259   -7.229  6.856   1.00 30.40 ? 585 TYR A C   1 
ATOM   12   O  O   . TYR A 1 4   ? 6.886   -7.376  5.806   1.00 29.59 ? 585 TYR A O   1 
ATOM   13   C  CB  . TYR A 1 4   ? 5.546   -4.934  7.385   1.00 30.73 ? 585 TYR A CB  1 
ATOM   14   C  CG  . TYR A 1 4   ? 5.464   -3.771  8.340   1.00 32.17 ? 585 TYR A CG  1 
ATOM   15   C  CD1 . TYR A 1 4   ? 6.342   -2.695  8.234   1.00 32.70 ? 585 TYR A CD1 1 
ATOM   16   C  CD2 . TYR A 1 4   ? 4.515   -3.750  9.363   1.00 33.02 ? 585 TYR A CD2 1 
ATOM   17   C  CE1 . TYR A 1 4   ? 6.281   -1.626  9.123   1.00 33.28 ? 585 TYR A CE1 1 
ATOM   18   C  CE2 . TYR A 1 4   ? 4.447   -2.685  10.257  1.00 34.23 ? 585 TYR A CE2 1 
ATOM   19   C  CZ  . TYR A 1 4   ? 5.333   -1.628  10.129  1.00 33.89 ? 585 TYR A CZ  1 
ATOM   20   O  OH  . TYR A 1 4   ? 5.280   -0.567  11.002  1.00 37.19 ? 585 TYR A OH  1 
ATOM   21   N  N   . ILE A 1 5   ? 5.311   -8.066  7.257   1.00 27.50 ? 586 ILE A N   1 
ATOM   22   C  CA  . ILE A 1 5   ? 4.903   -9.200  6.453   1.00 26.75 ? 586 ILE A CA  1 
ATOM   23   C  C   . ILE A 1 5   ? 3.408   -8.976  6.250   1.00 25.49 ? 586 ILE A C   1 
ATOM   24   O  O   . ILE A 1 5   ? 2.633   -8.949  7.209   1.00 24.79 ? 586 ILE A O   1 
ATOM   25   C  CB  . ILE A 1 5   ? 5.135   -10.540 7.179   1.00 29.48 ? 586 ILE A CB  1 
ATOM   26   C  CG1 . ILE A 1 5   ? 4.471   -11.677 6.407   1.00 30.64 ? 586 ILE A CG1 1 
ATOM   27   C  CG2 . ILE A 1 5   ? 4.563   -10.480 8.568   1.00 30.74 ? 586 ILE A CG2 1 
ATOM   28   C  CD1 . ILE A 1 5   ? 4.953   -11.825 4.992   1.00 33.51 ? 586 ILE A CD1 1 
ATOM   29   N  N   . ILE A 1 6   ? 3.013   -8.783  5.002   1.00 22.23 ? 587 ILE A N   1 
ATOM   30   C  CA  . ILE A 1 6   ? 1.615   -8.544  4.683   1.00 23.15 ? 587 ILE A CA  1 
ATOM   31   C  C   . ILE A 1 6   ? 1.084   -9.743  3.902   1.00 21.15 ? 587 ILE A C   1 
ATOM   32   O  O   . ILE A 1 6   ? 1.548   -10.053 2.799   1.00 23.03 ? 587 ILE A O   1 
ATOM   33   C  CB  . ILE A 1 6   ? 1.462   -7.229  3.876   1.00 23.09 ? 587 ILE A CB  1 
ATOM   34   C  CG1 . ILE A 1 6   ? 1.977   -6.055  4.722   1.00 25.95 ? 587 ILE A CG1 1 
ATOM   35   C  CG2 . ILE A 1 6   ? -0.003  -7.009  3.491   1.00 24.97 ? 587 ILE A CG2 1 
ATOM   36   C  CD1 . ILE A 1 6   ? 1.778   -4.677  4.104   1.00 30.18 ? 587 ILE A CD1 1 
ATOM   37   N  N   . LYS A 1 7   ? 0.123   -10.437 4.498   1.00 20.60 ? 588 LYS A N   1 
ATOM   38   C  CA  . LYS A 1 7   ? -0.454  -11.613 3.875   1.00 19.37 ? 588 LYS A CA  1 
ATOM   39   C  C   . LYS A 1 7   ? -1.762  -11.249 3.200   1.00 20.75 ? 588 LYS A C   1 
ATOM   40   O  O   . LYS A 1 7   ? -2.728  -10.854 3.845   1.00 19.24 ? 588 LYS A O   1 
ATOM   41   C  CB  . LYS A 1 7   ? -0.642  -12.699 4.929   1.00 22.12 ? 588 LYS A CB  1 
ATOM   42   C  CG  . LYS A 1 7   ? 0.660   -12.958 5.689   1.00 26.94 ? 588 LYS A CG  1 
ATOM   43   C  CD  . LYS A 1 7   ? 0.564   -14.115 6.671   1.00 30.11 ? 588 LYS A CD  1 
ATOM   44   C  CE  . LYS A 1 7   ? 1.889   -14.297 7.411   1.00 33.47 ? 588 LYS A CE  1 
ATOM   45   N  NZ  . LYS A 1 7   ? 1.924   -15.549 8.227   1.00 33.68 ? 588 LYS A NZ  1 
ATOM   46   N  N   . GLU A 1 8   ? -1.771  -11.393 1.881   1.00 20.59 ? 589 GLU A N   1 
ATOM   47   C  CA  . GLU A 1 8   ? -2.924  -11.046 1.077   1.00 20.24 ? 589 GLU A CA  1 
ATOM   48   C  C   . GLU A 1 8   ? -3.674  -12.216 0.458   1.00 19.61 ? 589 GLU A C   1 
ATOM   49   O  O   . GLU A 1 8   ? -3.097  -13.266 0.154   1.00 18.59 ? 589 GLU A O   1 
ATOM   50   C  CB  . GLU A 1 8   ? -2.480  -10.058 -0.020  1.00 22.24 ? 589 GLU A CB  1 
ATOM   51   C  CG  . GLU A 1 8   ? -3.565  -9.703  -1.002  1.00 25.19 ? 589 GLU A CG  1 
ATOM   52   C  CD  . GLU A 1 8   ? -3.652  -10.679 -2.159  1.00 29.71 ? 589 GLU A CD  1 
ATOM   53   O  OE1 . GLU A 1 8   ? -4.707  -10.691 -2.825  1.00 30.52 ? 589 GLU A OE1 1 
ATOM   54   O  OE2 . GLU A 1 8   ? -2.672  -11.425 -2.408  1.00 30.59 ? 589 GLU A OE2 1 
ATOM   55   N  N   . LYS A 1 9   ? -4.979  -12.031 0.286   1.00 18.51 ? 590 LYS A N   1 
ATOM   56   C  CA  . LYS A 1 9   ? -5.814  -13.038 -0.344  1.00 18.54 ? 590 LYS A CA  1 
ATOM   57   C  C   . LYS A 1 9   ? -7.134  -12.443 -0.806  1.00 18.82 ? 590 LYS A C   1 
ATOM   58   O  O   . LYS A 1 9   ? -7.621  -11.464 -0.241  1.00 19.02 ? 590 LYS A O   1 
ATOM   59   C  CB  . LYS A 1 9   ? -6.112  -14.192 0.612   1.00 20.92 ? 590 LYS A CB  1 
ATOM   60   C  CG  . LYS A 1 9   ? -6.968  -13.823 1.810   1.00 22.19 ? 590 LYS A CG  1 
ATOM   61   C  CD  . LYS A 1 9   ? -7.272  -15.056 2.650   1.00 23.86 ? 590 LYS A CD  1 
ATOM   62   C  CE  . LYS A 1 9   ? -7.932  -14.681 3.965   1.00 26.04 ? 590 LYS A CE  1 
ATOM   63   N  NZ  . LYS A 1 9   ? -8.023  -15.860 4.870   1.00 27.81 ? 590 LYS A NZ  1 
ATOM   64   N  N   . THR A 1 10  ? -7.699  -13.028 -1.851  1.00 19.83 ? 591 THR A N   1 
ATOM   65   C  CA  . THR A 1 10  ? -8.997  -12.583 -2.349  1.00 19.89 ? 591 THR A CA  1 
ATOM   66   C  C   . THR A 1 10  ? -9.980  -13.696 -2.021  1.00 19.93 ? 591 THR A C   1 
ATOM   67   O  O   . THR A 1 10  ? -9.736  -14.856 -2.343  1.00 19.75 ? 591 THR A O   1 
ATOM   68   C  CB  . THR A 1 10  ? -8.972  -12.336 -3.873  1.00 21.96 ? 591 THR A CB  1 
ATOM   69   O  OG1 . THR A 1 10  ? -8.108  -11.230 -4.170  1.00 23.28 ? 591 THR A OG1 1 
ATOM   70   C  CG2 . THR A 1 10  ? -10.372 -12.015 -4.385  1.00 23.71 ? 591 THR A CG2 1 
ATOM   71   N  N   . VAL A 1 11  ? -11.084 -13.359 -1.362  1.00 18.45 ? 592 VAL A N   1 
ATOM   72   C  CA  . VAL A 1 11  ? -12.058 -14.378 -1.009  1.00 18.56 ? 592 VAL A CA  1 
ATOM   73   C  C   . VAL A 1 11  ? -13.449 -13.995 -1.492  1.00 17.86 ? 592 VAL A C   1 
ATOM   74   O  O   . VAL A 1 11  ? -13.778 -12.815 -1.650  1.00 17.41 ? 592 VAL A O   1 
ATOM   75   C  CB  . VAL A 1 11  ? -12.102 -14.649 0.531   1.00 20.70 ? 592 VAL A CB  1 
ATOM   76   C  CG1 . VAL A 1 11  ? -10.760 -15.236 0.999   1.00 24.78 ? 592 VAL A CG1 1 
ATOM   77   C  CG2 . VAL A 1 11  ? -12.405 -13.378 1.283   1.00 21.93 ? 592 VAL A CG2 1 
ATOM   78   N  N   . LEU A 1 12  ? -14.256 -15.013 -1.740  1.00 18.16 ? 593 LEU A N   1 
ATOM   79   C  CA  . LEU A 1 12  ? -15.613 -14.814 -2.210  1.00 19.56 ? 593 LEU A CA  1 
ATOM   80   C  C   . LEU A 1 12  ? -16.592 -15.132 -1.097  1.00 20.58 ? 593 LEU A C   1 
ATOM   81   O  O   . LEU A 1 12  ? -16.527 -16.203 -0.495  1.00 21.21 ? 593 LEU A O   1 
ATOM   82   C  CB  . LEU A 1 12  ? -15.877 -15.722 -3.407  1.00 20.61 ? 593 LEU A CB  1 
ATOM   83   C  CG  . LEU A 1 12  ? -17.289 -15.670 -3.977  1.00 25.35 ? 593 LEU A CG  1 
ATOM   84   C  CD1 . LEU A 1 12  ? -17.551 -14.297 -4.582  1.00 23.68 ? 593 LEU A CD1 1 
ATOM   85   C  CD2 . LEU A 1 12  ? -17.443 -16.763 -5.020  1.00 27.87 ? 593 LEU A CD2 1 
ATOM   86   N  N   . LEU A 1 13  ? -17.488 -14.192 -0.814  1.00 20.83 ? 594 LEU A N   1 
ATOM   87   C  CA  . LEU A 1 13  ? -18.500 -14.388 0.213   1.00 21.11 ? 594 LEU A CA  1 
ATOM   88   C  C   . LEU A 1 13  ? -19.846 -14.521 -0.476  1.00 20.92 ? 594 LEU A C   1 
ATOM   89   O  O   . LEU A 1 13  ? -20.237 -13.662 -1.260  1.00 21.13 ? 594 LEU A O   1 
ATOM   90   C  CB  . LEU A 1 13  ? -18.555 -13.205 1.184   1.00 22.05 ? 594 LEU A CB  1 
ATOM   91   C  CG  . LEU A 1 13  ? -17.273 -12.773 1.891   1.00 24.05 ? 594 LEU A CG  1 
ATOM   92   C  CD1 . LEU A 1 13  ? -17.620 -11.781 2.990   1.00 22.59 ? 594 LEU A CD1 1 
ATOM   93   C  CD2 . LEU A 1 13  ? -16.582 -13.980 2.484   1.00 26.45 ? 594 LEU A CD2 1 
ATOM   94   N  N   . GLN A 1 14  ? -20.543 -15.609 -0.185  1.00 20.30 ? 595 GLN A N   1 
ATOM   95   C  CA  . GLN A 1 14  ? -21.849 -15.867 -0.772  1.00 24.87 ? 595 GLN A CA  1 
ATOM   96   C  C   . GLN A 1 14  ? -22.806 -16.052 0.403   1.00 24.37 ? 595 GLN A C   1 
ATOM   97   O  O   . GLN A 1 14  ? -22.585 -16.914 1.251   1.00 22.13 ? 595 GLN A O   1 
ATOM   98   C  CB  . GLN A 1 14  ? -21.794 -17.152 -1.605  1.00 27.77 ? 595 GLN A CB  1 
ATOM   99   C  CG  . GLN A 1 14  ? -22.871 -17.264 -2.665  1.00 35.65 ? 595 GLN A CG  1 
ATOM   100  C  CD  . GLN A 1 14  ? -22.498 -16.543 -3.948  1.00 39.68 ? 595 GLN A CD  1 
ATOM   101  O  OE1 . GLN A 1 14  ? -21.547 -16.925 -4.641  1.00 43.27 ? 595 GLN A OE1 1 
ATOM   102  N  NE2 . GLN A 1 14  ? -23.238 -15.495 -4.270  1.00 40.16 ? 595 GLN A NE2 1 
ATOM   103  N  N   . LYS A 1 15  ? -23.860 -15.245 0.460   1.00 25.75 ? 596 LYS A N   1 
ATOM   104  C  CA  . LYS A 1 15  ? -24.813 -15.341 1.560   1.00 26.54 ? 596 LYS A CA  1 
ATOM   105  C  C   . LYS A 1 15  ? -26.245 -15.514 1.075   1.00 27.85 ? 596 LYS A C   1 
ATOM   106  O  O   . LYS A 1 15  ? -26.527 -15.427 -0.121  1.00 26.16 ? 596 LYS A O   1 
ATOM   107  C  CB  . LYS A 1 15  ? -24.732 -14.088 2.441   1.00 25.73 ? 596 LYS A CB  1 
ATOM   108  C  CG  . LYS A 1 15  ? -25.347 -12.831 1.806   1.00 23.79 ? 596 LYS A CG  1 
ATOM   109  C  CD  . LYS A 1 15  ? -25.268 -11.631 2.752   1.00 25.80 ? 596 LYS A CD  1 
ATOM   110  C  CE  . LYS A 1 15  ? -25.978 -10.406 2.181   1.00 28.44 ? 596 LYS A CE  1 
ATOM   111  N  NZ  . LYS A 1 15  ? -27.453 -10.619 2.040   1.00 28.80 ? 596 LYS A NZ  1 
ATOM   112  N  N   . LYS A 1 16  ? -27.145 -15.770 2.020   1.00 30.43 ? 597 LYS A N   1 
ATOM   113  C  CA  . LYS A 1 16  ? -28.559 -15.931 1.712   1.00 32.87 ? 597 LYS A CA  1 
ATOM   114  C  C   . LYS A 1 16  ? -29.223 -14.563 1.849   1.00 34.77 ? 597 LYS A C   1 
ATOM   115  O  O   . LYS A 1 16  ? -28.709 -13.687 2.544   1.00 33.37 ? 597 LYS A O   1 
ATOM   116  C  CB  . LYS A 1 16  ? -29.213 -16.904 2.690   1.00 35.32 ? 597 LYS A CB  1 
ATOM   117  C  CG  . LYS A 1 16  ? -28.585 -18.280 2.736   1.00 38.82 ? 597 LYS A CG  1 
ATOM   118  C  CD  . LYS A 1 16  ? -29.373 -19.183 3.676   1.00 42.30 ? 597 LYS A CD  1 
ATOM   119  C  CE  . LYS A 1 16  ? -28.825 -20.600 3.694   1.00 44.96 ? 597 LYS A CE  1 
ATOM   120  N  NZ  . LYS A 1 16  ? -29.608 -21.472 4.620   1.00 46.17 ? 597 LYS A NZ  1 
ATOM   121  N  N   . ASP A 1 17  ? -30.366 -14.389 1.192   1.00 36.53 ? 598 ASP A N   1 
ATOM   122  C  CA  . ASP A 1 17  ? -31.096 -13.126 1.238   1.00 40.09 ? 598 ASP A CA  1 
ATOM   123  C  C   . ASP A 1 17  ? -31.356 -12.583 2.642   1.00 40.88 ? 598 ASP A C   1 
ATOM   124  O  O   . ASP A 1 17  ? -31.181 -11.393 2.885   1.00 42.21 ? 598 ASP A O   1 
ATOM   125  C  CB  . ASP A 1 17  ? -32.443 -13.258 0.516   1.00 41.90 ? 598 ASP A CB  1 
ATOM   126  C  CG  . ASP A 1 17  ? -32.296 -13.302 -0.986  1.00 44.10 ? 598 ASP A CG  1 
ATOM   127  O  OD1 . ASP A 1 17  ? -31.681 -12.373 -1.547  1.00 44.65 ? 598 ASP A OD1 1 
ATOM   128  O  OD2 . ASP A 1 17  ? -32.797 -14.263 -1.609  1.00 46.53 ? 598 ASP A OD2 1 
ATOM   129  N  N   . SER A 1 18  ? -31.764 -13.451 3.562   1.00 41.17 ? 599 SER A N   1 
ATOM   130  C  CA  . SER A 1 18  ? -32.088 -13.019 4.920   1.00 42.44 ? 599 SER A CA  1 
ATOM   131  C  C   . SER A 1 18  ? -30.936 -12.946 5.916   1.00 41.46 ? 599 SER A C   1 
ATOM   132  O  O   . SER A 1 18  ? -31.169 -12.803 7.120   1.00 42.82 ? 599 SER A O   1 
ATOM   133  C  CB  . SER A 1 18  ? -33.178 -13.915 5.502   1.00 43.29 ? 599 SER A CB  1 
ATOM   134  O  OG  . SER A 1 18  ? -32.686 -15.224 5.726   1.00 46.17 ? 599 SER A OG  1 
ATOM   135  N  N   . GLU A 1 19  ? -29.699 -13.043 5.445   1.00 39.73 ? 600 GLU A N   1 
ATOM   136  C  CA  . GLU A 1 19  ? -28.569 -12.964 6.364   1.00 36.40 ? 600 GLU A CA  1 
ATOM   137  C  C   . GLU A 1 19  ? -27.580 -11.892 5.932   1.00 33.61 ? 600 GLU A C   1 
ATOM   138  O  O   . GLU A 1 19  ? -27.675 -11.357 4.826   1.00 32.89 ? 600 GLU A O   1 
ATOM   139  C  CB  . GLU A 1 19  ? -27.860 -14.321 6.465   1.00 38.56 ? 600 GLU A CB  1 
ATOM   140  C  CG  . GLU A 1 19  ? -27.020 -14.700 5.260   1.00 38.04 ? 600 GLU A CG  1 
ATOM   141  C  CD  . GLU A 1 19  ? -26.379 -16.075 5.401   1.00 39.70 ? 600 GLU A CD  1 
ATOM   142  O  OE1 . GLU A 1 19  ? -25.939 -16.420 6.520   1.00 41.04 ? 600 GLU A OE1 1 
ATOM   143  O  OE2 . GLU A 1 19  ? -26.303 -16.808 4.393   1.00 37.42 ? 600 GLU A OE2 1 
ATOM   144  N  N   . GLY A 1 20  ? -26.645 -11.567 6.822   1.00 31.59 ? 601 GLY A N   1 
ATOM   145  C  CA  . GLY A 1 20  ? -25.635 -10.572 6.506   1.00 28.74 ? 601 GLY A CA  1 
ATOM   146  C  C   . GLY A 1 20  ? -24.340 -11.293 6.190   1.00 26.41 ? 601 GLY A C   1 
ATOM   147  O  O   . GLY A 1 20  ? -24.284 -12.520 6.269   1.00 24.90 ? 601 GLY A O   1 
ATOM   148  N  N   . PHE A 1 21  ? -23.295 -10.554 5.835   1.00 23.64 ? 602 PHE A N   1 
ATOM   149  C  CA  . PHE A 1 21  ? -22.023 -11.196 5.521   1.00 21.81 ? 602 PHE A CA  1 
ATOM   150  C  C   . PHE A 1 21  ? -21.251 -11.605 6.774   1.00 21.49 ? 602 PHE A C   1 
ATOM   151  O  O   . PHE A 1 21  ? -20.255 -12.324 6.700   1.00 21.67 ? 602 PHE A O   1 
ATOM   152  C  CB  . PHE A 1 21  ? -21.178 -10.295 4.612   1.00 21.54 ? 602 PHE A CB  1 
ATOM   153  C  CG  . PHE A 1 21  ? -21.702 -10.209 3.204   1.00 22.53 ? 602 PHE A CG  1 
ATOM   154  C  CD1 . PHE A 1 21  ? -22.395 -9.080  2.767   1.00 22.90 ? 602 PHE A CD1 1 
ATOM   155  C  CD2 . PHE A 1 21  ? -21.535 -11.273 2.325   1.00 22.68 ? 602 PHE A CD2 1 
ATOM   156  C  CE1 . PHE A 1 21  ? -22.914 -9.012  1.475   1.00 22.51 ? 602 PHE A CE1 1 
ATOM   157  C  CE2 . PHE A 1 21  ? -22.051 -11.219 1.027   1.00 24.18 ? 602 PHE A CE2 1 
ATOM   158  C  CZ  . PHE A 1 21  ? -22.744 -10.084 0.602   1.00 22.16 ? 602 PHE A CZ  1 
ATOM   159  N  N   . GLY A 1 22  ? -21.714 -11.144 7.928   1.00 21.37 ? 603 GLY A N   1 
ATOM   160  C  CA  . GLY A 1 22  ? -21.076 -11.531 9.175   1.00 22.17 ? 603 GLY A CA  1 
ATOM   161  C  C   . GLY A 1 22  ? -19.760 -10.899 9.583   1.00 21.91 ? 603 GLY A C   1 
ATOM   162  O  O   . GLY A 1 22  ? -18.880 -11.590 10.107  1.00 21.26 ? 603 GLY A O   1 
ATOM   163  N  N   . PHE A 1 23  ? -19.604 -9.603  9.333   1.00 21.05 ? 604 PHE A N   1 
ATOM   164  C  CA  . PHE A 1 23  ? -18.401 -8.891  9.749   1.00 22.02 ? 604 PHE A CA  1 
ATOM   165  C  C   . PHE A 1 23  ? -18.714 -7.417  9.921   1.00 22.56 ? 604 PHE A C   1 
ATOM   166  O  O   . PHE A 1 23  ? -19.688 -6.905  9.366   1.00 24.29 ? 604 PHE A O   1 
ATOM   167  C  CB  . PHE A 1 23  ? -17.234 -9.096  8.763   1.00 20.49 ? 604 PHE A CB  1 
ATOM   168  C  CG  . PHE A 1 23  ? -17.421 -8.443  7.419   1.00 21.37 ? 604 PHE A CG  1 
ATOM   169  C  CD1 . PHE A 1 23  ? -17.100 -7.102  7.222   1.00 23.59 ? 604 PHE A CD1 1 
ATOM   170  C  CD2 . PHE A 1 23  ? -17.891 -9.181  6.338   1.00 23.89 ? 604 PHE A CD2 1 
ATOM   171  C  CE1 . PHE A 1 23  ? -17.244 -6.504  5.960   1.00 24.49 ? 604 PHE A CE1 1 
ATOM   172  C  CE2 . PHE A 1 23  ? -18.038 -8.597  5.077   1.00 25.02 ? 604 PHE A CE2 1 
ATOM   173  C  CZ  . PHE A 1 23  ? -17.713 -7.257  4.890   1.00 24.33 ? 604 PHE A CZ  1 
ATOM   174  N  N   . VAL A 1 24  ? -17.898 -6.750  10.719  1.00 21.89 ? 605 VAL A N   1 
ATOM   175  C  CA  . VAL A 1 24  ? -18.062 -5.333  10.989  1.00 21.36 ? 605 VAL A CA  1 
ATOM   176  C  C   . VAL A 1 24  ? -16.809 -4.605  10.534  1.00 19.85 ? 605 VAL A C   1 
ATOM   177  O  O   . VAL A 1 24  ? -15.696 -5.065  10.790  1.00 18.72 ? 605 VAL A O   1 
ATOM   178  C  CB  . VAL A 1 24  ? -18.245 -5.076  12.497  1.00 22.25 ? 605 VAL A CB  1 
ATOM   179  C  CG1 . VAL A 1 24  ? -18.428 -3.587  12.754  1.00 20.79 ? 605 VAL A CG1 1 
ATOM   180  C  CG2 . VAL A 1 24  ? -19.427 -5.877  13.019  1.00 22.62 ? 605 VAL A CG2 1 
ATOM   181  N  N   . LEU A 1 25  ? -16.999 -3.478  9.856   1.00 17.46 ? 606 LEU A N   1 
ATOM   182  C  CA  . LEU A 1 25  ? -15.896 -2.651  9.365   1.00 21.54 ? 606 LEU A CA  1 
ATOM   183  C  C   . LEU A 1 25  ? -15.767 -1.367  10.179  1.00 23.30 ? 606 LEU A C   1 
ATOM   184  O  O   . LEU A 1 25  ? -16.772 -0.761  10.557  1.00 24.59 ? 606 LEU A O   1 
ATOM   185  C  CB  . LEU A 1 25  ? -16.131 -2.249  7.905   1.00 21.87 ? 606 LEU A CB  1 
ATOM   186  C  CG  . LEU A 1 25  ? -15.968 -3.319  6.835   1.00 22.28 ? 606 LEU A CG  1 
ATOM   187  C  CD1 . LEU A 1 25  ? -16.430 -2.780  5.482   1.00 27.26 ? 606 LEU A CD1 1 
ATOM   188  C  CD2 . LEU A 1 25  ? -14.513 -3.724  6.784   1.00 23.12 ? 606 LEU A CD2 1 
ATOM   189  N  N   . ARG A 1 26  ? -14.530 -0.964  10.438  1.00 23.93 ? 607 ARG A N   1 
ATOM   190  C  CA  . ARG A 1 26  ? -14.236 0.269   11.156  1.00 28.84 ? 607 ARG A CA  1 
ATOM   191  C  C   . ARG A 1 26  ? -12.995 0.889   10.526  1.00 31.26 ? 607 ARG A C   1 
ATOM   192  O  O   . ARG A 1 26  ? -12.347 0.263   9.685   1.00 29.04 ? 607 ARG A O   1 
ATOM   193  C  CB  . ARG A 1 26  ? -13.983 -0.010  12.634  1.00 30.77 ? 607 ARG A CB  1 
ATOM   194  C  CG  . ARG A 1 26  ? -15.207 -0.516  13.368  1.00 36.15 ? 607 ARG A CG  1 
ATOM   195  C  CD  . ARG A 1 26  ? -16.351 0.487   13.301  1.00 40.86 ? 607 ARG A CD  1 
ATOM   196  N  NE  . ARG A 1 26  ? -17.548 -0.019  13.969  1.00 43.93 ? 607 ARG A NE  1 
ATOM   197  C  CZ  . ARG A 1 26  ? -17.620 -0.286  15.269  1.00 46.68 ? 607 ARG A CZ  1 
ATOM   198  N  NH1 . ARG A 1 26  ? -16.564 -0.092  16.053  1.00 47.93 ? 607 ARG A NH1 1 
ATOM   199  N  NH2 . ARG A 1 26  ? -18.745 -0.760  15.786  1.00 47.87 ? 607 ARG A NH2 1 
ATOM   200  N  N   . GLY A 1 27  ? -12.673 2.117   10.920  1.00 33.64 ? 608 GLY A N   1 
ATOM   201  C  CA  . GLY A 1 27  ? -11.500 2.782   10.380  1.00 38.54 ? 608 GLY A CA  1 
ATOM   202  C  C   . GLY A 1 27  ? -10.219 2.327   11.057  1.00 41.87 ? 608 GLY A C   1 
ATOM   203  O  O   . GLY A 1 27  ? -10.232 1.894   12.212  1.00 42.20 ? 608 GLY A O   1 
ATOM   204  N  N   . ALA A 1 28  ? -9.109  2.426   10.333  1.00 45.28 ? 609 ALA A N   1 
ATOM   205  C  CA  . ALA A 1 28  ? -7.799  2.030   10.842  1.00 49.27 ? 609 ALA A CA  1 
ATOM   206  C  C   . ALA A 1 28  ? -7.358  2.931   12.001  1.00 51.17 ? 609 ALA A C   1 
ATOM   207  O  O   . ALA A 1 28  ? -7.011  2.444   13.082  1.00 51.35 ? 609 ALA A O   1 
ATOM   208  C  CB  . ALA A 1 28  ? -6.774  2.084   9.712   1.00 49.30 ? 609 ALA A CB  1 
ATOM   209  N  N   . LYS A 1 29  ? -7.369  4.242   11.761  1.00 54.00 ? 610 LYS A N   1 
ATOM   210  C  CA  . LYS A 1 29  ? -6.987  5.230   12.771  1.00 56.06 ? 610 LYS A CA  1 
ATOM   211  C  C   . LYS A 1 29  ? -8.089  6.282   12.860  1.00 57.70 ? 610 LYS A C   1 
ATOM   212  O  O   . LYS A 1 29  ? -9.099  6.187   12.162  1.00 57.58 ? 610 LYS A O   1 
ATOM   213  C  CB  . LYS A 1 29  ? -5.680  5.931   12.385  1.00 56.86 ? 610 LYS A CB  1 
ATOM   214  C  CG  . LYS A 1 29  ? -4.565  5.032   11.879  1.00 56.64 ? 610 LYS A CG  1 
ATOM   215  C  CD  . LYS A 1 29  ? -3.356  5.883   11.527  1.00 57.19 ? 610 LYS A CD  1 
ATOM   216  C  CE  . LYS A 1 29  ? -2.472  5.218   10.494  1.00 57.08 ? 610 LYS A CE  1 
ATOM   217  N  NZ  . LYS A 1 29  ? -1.383  6.140   10.071  1.00 57.31 ? 610 LYS A NZ  1 
ATOM   218  N  N   . ALA A 1 30  ? -7.883  7.292   13.704  1.00 59.30 ? 611 ALA A N   1 
ATOM   219  C  CA  . ALA A 1 30  ? -8.870  8.357   13.876  1.00 60.84 ? 611 ALA A CA  1 
ATOM   220  C  C   . ALA A 1 30  ? -8.638  9.516   12.907  1.00 61.79 ? 611 ALA A C   1 
ATOM   221  O  O   . ALA A 1 30  ? -8.418  10.656  13.323  1.00 62.48 ? 611 ALA A O   1 
ATOM   222  C  CB  . ALA A 1 30  ? -8.846  8.866   15.316  1.00 61.04 ? 611 ALA A CB  1 
ATOM   223  N  N   . GLN A 1 31  ? -8.693  9.211   11.615  1.00 62.16 ? 612 GLN A N   1 
ATOM   224  C  CA  . GLN A 1 31  ? -8.503  10.199  10.558  1.00 62.52 ? 612 GLN A CA  1 
ATOM   225  C  C   . GLN A 1 31  ? -9.345  11.458  10.760  1.00 62.51 ? 612 GLN A C   1 
ATOM   226  O  O   . GLN A 1 31  ? -10.443 11.405  11.314  1.00 62.04 ? 612 GLN A O   1 
ATOM   227  C  CB  . GLN A 1 31  ? -8.860  9.583   9.203   1.00 62.64 ? 612 GLN A CB  1 
ATOM   228  C  CG  . GLN A 1 31  ? -7.684  9.028   8.420   1.00 62.57 ? 612 GLN A CG  1 
ATOM   229  C  CD  . GLN A 1 31  ? -6.830  10.123  7.817   1.00 62.95 ? 612 GLN A CD  1 
ATOM   230  O  OE1 . GLN A 1 31  ? -7.303  10.915  6.999   1.00 62.42 ? 612 GLN A OE1 1 
ATOM   231  N  NE2 . GLN A 1 31  ? -5.567  10.177  8.220   1.00 63.45 ? 612 GLN A NE2 1 
ATOM   232  N  N   . THR A 1 32  ? -8.815  12.592  10.308  1.00 62.87 ? 613 THR A N   1 
ATOM   233  C  CA  . THR A 1 32  ? -9.534  13.858  10.400  1.00 62.88 ? 613 THR A CA  1 
ATOM   234  C  C   . THR A 1 32  ? -10.286 13.977  9.077   1.00 62.17 ? 613 THR A C   1 
ATOM   235  O  O   . THR A 1 32  ? -9.696  13.827  8.007   1.00 62.25 ? 613 THR A O   1 
ATOM   236  C  CB  . THR A 1 32  ? -8.571  15.056  10.550  1.00 63.83 ? 613 THR A CB  1 
ATOM   237  O  OG1 . THR A 1 32  ? -7.702  14.836  11.669  1.00 65.11 ? 613 THR A OG1 1 
ATOM   238  C  CG2 . THR A 1 32  ? -9.355  16.344  10.776  1.00 63.99 ? 613 THR A CG2 1 
ATOM   239  N  N   . PRO A 1 33  ? -11.599 14.247  9.132   1.00 61.47 ? 614 PRO A N   1 
ATOM   240  C  CA  . PRO A 1 33  ? -12.417 14.373  7.919   1.00 60.37 ? 614 PRO A CA  1 
ATOM   241  C  C   . PRO A 1 33  ? -11.920 15.391  6.894   1.00 58.80 ? 614 PRO A C   1 
ATOM   242  O  O   . PRO A 1 33  ? -12.319 15.359  5.730   1.00 58.90 ? 614 PRO A O   1 
ATOM   243  C  CB  . PRO A 1 33  ? -13.796 14.726  8.472   1.00 60.65 ? 614 PRO A CB  1 
ATOM   244  C  CG  . PRO A 1 33  ? -13.469 15.487  9.729   1.00 61.89 ? 614 PRO A CG  1 
ATOM   245  C  CD  . PRO A 1 33  ? -12.366 14.643  10.328  1.00 61.52 ? 614 PRO A CD  1 
ATOM   246  N  N   . ILE A 1 34  ? -11.038 16.285  7.321   1.00 56.93 ? 615 ILE A N   1 
ATOM   247  C  CA  . ILE A 1 34  ? -10.519 17.309  6.427   1.00 55.07 ? 615 ILE A CA  1 
ATOM   248  C  C   . ILE A 1 34  ? -9.303  16.811  5.636   1.00 52.69 ? 615 ILE A C   1 
ATOM   249  O  O   . ILE A 1 34  ? -8.644  17.589  4.943   1.00 53.23 ? 615 ILE A O   1 
ATOM   250  C  CB  . ILE A 1 34  ? -10.147 18.592  7.234   1.00 55.76 ? 615 ILE A CB  1 
ATOM   251  C  CG1 . ILE A 1 34  ? -10.021 19.799  6.303   1.00 56.55 ? 615 ILE A CG1 1 
ATOM   252  C  CG2 . ILE A 1 34  ? -8.855  18.374  7.996   1.00 55.24 ? 615 ILE A CG2 1 
ATOM   253  C  CD1 . ILE A 1 34  ? -11.351 20.296  5.747   1.00 57.01 ? 615 ILE A CD1 1 
ATOM   254  N  N   . GLU A 1 35  ? -9.019  15.512  5.720   1.00 49.86 ? 616 GLU A N   1 
ATOM   255  C  CA  . GLU A 1 35  ? -7.874  14.943  5.012   1.00 46.40 ? 616 GLU A CA  1 
ATOM   256  C  C   . GLU A 1 35  ? -8.113  13.547  4.421   1.00 43.34 ? 616 GLU A C   1 
ATOM   257  O  O   . GLU A 1 35  ? -8.905  12.758  4.936   1.00 41.55 ? 616 GLU A O   1 
ATOM   258  C  CB  . GLU A 1 35  ? -6.666  14.858  5.946   1.00 49.77 ? 616 GLU A CB  1 
ATOM   259  C  CG  . GLU A 1 35  ? -6.319  16.137  6.685   1.00 53.33 ? 616 GLU A CG  1 
ATOM   260  C  CD  . GLU A 1 35  ? -6.366  15.953  8.191   1.00 55.82 ? 616 GLU A CD  1 
ATOM   261  O  OE1 . GLU A 1 35  ? -5.989  14.861  8.670   1.00 56.98 ? 616 GLU A OE1 1 
ATOM   262  O  OE2 . GLU A 1 35  ? -6.771  16.898  8.900   1.00 57.78 ? 616 GLU A OE2 1 
ATOM   263  N  N   . GLU A 1 36  ? -7.402  13.261  3.337   1.00 39.45 ? 617 GLU A N   1 
ATOM   264  C  CA  . GLU A 1 36  ? -7.468  11.973  2.656   1.00 36.97 ? 617 GLU A CA  1 
ATOM   265  C  C   . GLU A 1 36  ? -6.639  10.979  3.482   1.00 34.55 ? 617 GLU A C   1 
ATOM   266  O  O   . GLU A 1 36  ? -5.709  11.384  4.178   1.00 32.92 ? 617 GLU A O   1 
ATOM   267  C  CB  . GLU A 1 36  ? -6.887  12.143  1.249   1.00 39.89 ? 617 GLU A CB  1 
ATOM   268  C  CG  . GLU A 1 36  ? -6.592  10.882  0.478   1.00 43.37 ? 617 GLU A CG  1 
ATOM   269  C  CD  . GLU A 1 36  ? -6.025  11.192  -0.899  1.00 44.97 ? 617 GLU A CD  1 
ATOM   270  O  OE1 . GLU A 1 36  ? -6.773  11.731  -1.744  1.00 47.56 ? 617 GLU A OE1 1 
ATOM   271  O  OE2 . GLU A 1 36  ? -4.828  10.916  -1.130  1.00 45.74 ? 617 GLU A OE2 1 
ATOM   272  N  N   . PHE A 1 37  ? -6.976  9.693   3.420   1.00 30.32 ? 618 PHE A N   1 
ATOM   273  C  CA  . PHE A 1 37  ? -6.236  8.679   4.174   1.00 27.99 ? 618 PHE A CA  1 
ATOM   274  C  C   . PHE A 1 37  ? -4.919  8.332   3.488   1.00 27.60 ? 618 PHE A C   1 
ATOM   275  O  O   . PHE A 1 37  ? -4.878  8.145   2.279   1.00 26.71 ? 618 PHE A O   1 
ATOM   276  C  CB  . PHE A 1 37  ? -7.072  7.401   4.318   1.00 26.82 ? 618 PHE A CB  1 
ATOM   277  C  CG  . PHE A 1 37  ? -6.323  6.249   4.938   1.00 27.29 ? 618 PHE A CG  1 
ATOM   278  C  CD1 . PHE A 1 37  ? -5.921  6.293   6.273   1.00 26.77 ? 618 PHE A CD1 1 
ATOM   279  C  CD2 . PHE A 1 37  ? -6.012  5.123   4.184   1.00 26.76 ? 618 PHE A CD2 1 
ATOM   280  C  CE1 . PHE A 1 37  ? -5.220  5.230   6.850   1.00 26.08 ? 618 PHE A CE1 1 
ATOM   281  C  CE2 . PHE A 1 37  ? -5.310  4.052   4.748   1.00 25.82 ? 618 PHE A CE2 1 
ATOM   282  C  CZ  . PHE A 1 37  ? -4.914  4.107   6.083   1.00 26.46 ? 618 PHE A CZ  1 
ATOM   283  N  N   . THR A 1 38  ? -3.842  8.250   4.257   1.00 25.57 ? 619 THR A N   1 
ATOM   284  C  CA  . THR A 1 38  ? -2.550  7.897   3.682   1.00 25.99 ? 619 THR A CA  1 
ATOM   285  C  C   . THR A 1 38  ? -2.144  6.509   4.157   1.00 25.42 ? 619 THR A C   1 
ATOM   286  O  O   . THR A 1 38  ? -1.791  6.322   5.321   1.00 24.76 ? 619 THR A O   1 
ATOM   287  C  CB  . THR A 1 38  ? -1.449  8.901   4.083   1.00 27.13 ? 619 THR A CB  1 
ATOM   288  O  OG1 . THR A 1 38  ? -1.762  10.193  3.545   1.00 28.18 ? 619 THR A OG1 1 
ATOM   289  C  CG2 . THR A 1 38  ? -0.097  8.451   3.541   1.00 28.36 ? 619 THR A CG2 1 
ATOM   290  N  N   . PRO A 1 39  ? -2.201  5.512   3.258   1.00 24.61 ? 620 PRO A N   1 
ATOM   291  C  CA  . PRO A 1 39  ? -1.832  4.136   3.601   1.00 24.74 ? 620 PRO A CA  1 
ATOM   292  C  C   . PRO A 1 39  ? -0.356  4.043   3.983   1.00 24.78 ? 620 PRO A C   1 
ATOM   293  O  O   . PRO A 1 39  ? 0.477   4.800   3.475   1.00 24.68 ? 620 PRO A O   1 
ATOM   294  C  CB  . PRO A 1 39  ? -2.121  3.362   2.309   1.00 24.18 ? 620 PRO A CB  1 
ATOM   295  C  CG  . PRO A 1 39  ? -3.135  4.214   1.603   1.00 26.56 ? 620 PRO A CG  1 
ATOM   296  C  CD  . PRO A 1 39  ? -2.652  5.603   1.857   1.00 25.12 ? 620 PRO A CD  1 
ATOM   297  N  N   . THR A 1 40  ? -0.047  3.118   4.883   1.00 24.77 ? 621 THR A N   1 
ATOM   298  C  CA  . THR A 1 40  ? 1.317   2.864   5.339   1.00 24.42 ? 621 THR A CA  1 
ATOM   299  C  C   . THR A 1 40  ? 1.401   1.352   5.534   1.00 24.85 ? 621 THR A C   1 
ATOM   300  O  O   . THR A 1 40  ? 0.375   0.667   5.558   1.00 23.17 ? 621 THR A O   1 
ATOM   301  C  CB  . THR A 1 40  ? 1.620   3.545   6.690   1.00 28.11 ? 621 THR A CB  1 
ATOM   302  O  OG1 . THR A 1 40  ? 0.716   3.049   7.690   1.00 25.77 ? 621 THR A OG1 1 
ATOM   303  C  CG2 . THR A 1 40  ? 1.479   5.060   6.574   1.00 28.56 ? 621 THR A CG2 1 
ATOM   304  N  N   . PRO A 1 41  ? 2.619   0.806   5.668   1.00 25.16 ? 622 PRO A N   1 
ATOM   305  C  CA  . PRO A 1 41  ? 2.725   -0.640  5.857   1.00 25.08 ? 622 PRO A CA  1 
ATOM   306  C  C   . PRO A 1 41  ? 1.896   -1.146  7.036   1.00 24.19 ? 622 PRO A C   1 
ATOM   307  O  O   . PRO A 1 41  ? 1.261   -2.196  6.947   1.00 23.79 ? 622 PRO A O   1 
ATOM   308  C  CB  . PRO A 1 41  ? 4.225   -0.848  6.061   1.00 25.24 ? 622 PRO A CB  1 
ATOM   309  C  CG  . PRO A 1 41  ? 4.814   0.214   5.182   1.00 26.80 ? 622 PRO A CG  1 
ATOM   310  C  CD  . PRO A 1 41  ? 3.957   1.412   5.541   1.00 26.48 ? 622 PRO A CD  1 
ATOM   311  N  N   . ALA A 1 42  ? 1.897   -0.395  8.134   1.00 24.86 ? 623 ALA A N   1 
ATOM   312  C  CA  . ALA A 1 42  ? 1.146   -0.799  9.318   1.00 23.65 ? 623 ALA A CA  1 
ATOM   313  C  C   . ALA A 1 42  ? -0.363  -0.653  9.126   1.00 23.69 ? 623 ALA A C   1 
ATOM   314  O  O   . ALA A 1 42  ? -1.141  -1.430  9.677   1.00 23.66 ? 623 ALA A O   1 
ATOM   315  C  CB  . ALA A 1 42  ? 1.603   0.003   10.527  1.00 25.88 ? 623 ALA A CB  1 
ATOM   316  N  N   . PHE A 1 43  ? -0.770  0.338   8.336   1.00 22.55 ? 624 PHE A N   1 
ATOM   317  C  CA  . PHE A 1 43  ? -2.184  0.592   8.071   1.00 24.07 ? 624 PHE A CA  1 
ATOM   318  C  C   . PHE A 1 43  ? -2.354  0.807   6.571   1.00 22.01 ? 624 PHE A C   1 
ATOM   319  O  O   . PHE A 1 43  ? -2.465  1.941   6.107   1.00 22.60 ? 624 PHE A O   1 
ATOM   320  C  CB  . PHE A 1 43  ? -2.646  1.835   8.831   1.00 26.88 ? 624 PHE A CB  1 
ATOM   321  C  CG  . PHE A 1 43  ? -2.478  1.729   10.312  1.00 29.99 ? 624 PHE A CG  1 
ATOM   322  C  CD1 . PHE A 1 43  ? -1.237  1.942   10.905  1.00 32.91 ? 624 PHE A CD1 1 
ATOM   323  C  CD2 . PHE A 1 43  ? -3.565  1.413   11.119  1.00 33.77 ? 624 PHE A CD2 1 
ATOM   324  C  CE1 . PHE A 1 43  ? -1.076  1.826   12.288  1.00 34.21 ? 624 PHE A CE1 1 
ATOM   325  C  CE2 . PHE A 1 43  ? -3.418  1.293   12.502  1.00 35.32 ? 624 PHE A CE2 1 
ATOM   326  C  CZ  . PHE A 1 43  ? -2.173  1.506   13.085  1.00 34.78 ? 624 PHE A CZ  1 
ATOM   327  N  N   . PRO A 1 44  ? -2.391  -0.289  5.799   1.00 22.29 ? 625 PRO A N   1 
ATOM   328  C  CA  . PRO A 1 44  ? -2.533  -0.240  4.342   1.00 21.16 ? 625 PRO A CA  1 
ATOM   329  C  C   . PRO A 1 44  ? -3.884  0.126   3.742   1.00 21.71 ? 625 PRO A C   1 
ATOM   330  O  O   . PRO A 1 44  ? -3.985  0.279   2.524   1.00 20.90 ? 625 PRO A O   1 
ATOM   331  C  CB  . PRO A 1 44  ? -2.063  -1.622  3.922   1.00 22.03 ? 625 PRO A CB  1 
ATOM   332  C  CG  . PRO A 1 44  ? -2.560  -2.479  5.023   1.00 22.96 ? 625 PRO A CG  1 
ATOM   333  C  CD  . PRO A 1 44  ? -2.239  -1.681  6.268   1.00 21.51 ? 625 PRO A CD  1 
ATOM   334  N  N   . ALA A 1 45  ? -4.911  0.259   4.578   1.00 18.50 ? 626 ALA A N   1 
ATOM   335  C  CA  . ALA A 1 45  ? -6.238  0.608   4.089   1.00 20.38 ? 626 ALA A CA  1 
ATOM   336  C  C   . ALA A 1 45  ? -7.040  1.325   5.165   1.00 20.65 ? 626 ALA A C   1 
ATOM   337  O  O   . ALA A 1 45  ? -6.830  1.114   6.368   1.00 20.55 ? 626 ALA A O   1 
ATOM   338  C  CB  . ALA A 1 45  ? -6.981  -0.637  3.629   1.00 19.64 ? 626 ALA A CB  1 
ATOM   339  N  N   . LEU A 1 46  ? -7.960  2.176   4.729   1.00 19.10 ? 627 LEU A N   1 
ATOM   340  C  CA  . LEU A 1 46  ? -8.783  2.947   5.649   1.00 21.04 ? 627 LEU A CA  1 
ATOM   341  C  C   . LEU A 1 46  ? -9.717  2.069   6.487   1.00 21.31 ? 627 LEU A C   1 
ATOM   342  O  O   . LEU A 1 46  ? -9.884  2.302   7.683   1.00 23.35 ? 627 LEU A O   1 
ATOM   343  C  CB  . LEU A 1 46  ? -9.598  3.978   4.864   1.00 21.01 ? 627 LEU A CB  1 
ATOM   344  C  CG  . LEU A 1 46  ? -10.528 4.899   5.656   1.00 21.68 ? 627 LEU A CG  1 
ATOM   345  C  CD1 . LEU A 1 46  ? -9.764  5.598   6.781   1.00 23.45 ? 627 LEU A CD1 1 
ATOM   346  C  CD2 . LEU A 1 46  ? -11.125 5.920   4.704   1.00 22.71 ? 627 LEU A CD2 1 
ATOM   347  N  N   . GLN A 1 47  ? -10.305 1.057   5.859   1.00 22.12 ? 628 GLN A N   1 
ATOM   348  C  CA  . GLN A 1 47  ? -11.239 0.162   6.531   1.00 22.75 ? 628 GLN A CA  1 
ATOM   349  C  C   . GLN A 1 47  ? -10.593 -1.175  6.888   1.00 23.31 ? 628 GLN A C   1 
ATOM   350  O  O   . GLN A 1 47  ? -9.767  -1.700  6.137   1.00 18.53 ? 628 GLN A O   1 
ATOM   351  C  CB  . GLN A 1 47  ? -12.433 -0.111  5.620   1.00 25.46 ? 628 GLN A CB  1 
ATOM   352  C  CG  . GLN A 1 47  ? -12.944 1.118   4.883   1.00 30.91 ? 628 GLN A CG  1 
ATOM   353  C  CD  . GLN A 1 47  ? -13.843 1.977   5.732   1.00 32.31 ? 628 GLN A CD  1 
ATOM   354  O  OE1 . GLN A 1 47  ? -13.979 3.180   5.487   1.00 35.88 ? 628 GLN A OE1 1 
ATOM   355  N  NE2 . GLN A 1 47  ? -14.482 1.367   6.728   1.00 31.40 ? 628 GLN A NE2 1 
ATOM   356  N  N   . TYR A 1 48  ? -10.981 -1.725  8.035   1.00 21.32 ? 629 TYR A N   1 
ATOM   357  C  CA  . TYR A 1 48  ? -10.476 -3.025  8.459   1.00 20.79 ? 629 TYR A CA  1 
ATOM   358  C  C   . TYR A 1 48  ? -11.598 -3.748  9.199   1.00 21.06 ? 629 TYR A C   1 
ATOM   359  O  O   . TYR A 1 48  ? -12.537 -3.115  9.686   1.00 19.41 ? 629 TYR A O   1 
ATOM   360  C  CB  . TYR A 1 48  ? -9.235  -2.857  9.346   1.00 25.63 ? 629 TYR A CB  1 
ATOM   361  C  CG  . TYR A 1 48  ? -9.527  -2.588  10.802  1.00 30.87 ? 629 TYR A CG  1 
ATOM   362  C  CD1 . TYR A 1 48  ? -9.342  -3.586  11.757  1.00 34.14 ? 629 TYR A CD1 1 
ATOM   363  C  CD2 . TYR A 1 48  ? -10.000 -1.350  11.224  1.00 35.05 ? 629 TYR A CD2 1 
ATOM   364  C  CE1 . TYR A 1 48  ? -9.619  -3.361  13.096  1.00 37.91 ? 629 TYR A CE1 1 
ATOM   365  C  CE2 . TYR A 1 48  ? -10.286 -1.110  12.568  1.00 38.36 ? 629 TYR A CE2 1 
ATOM   366  C  CZ  . TYR A 1 48  ? -10.092 -2.120  13.494  1.00 38.52 ? 629 TYR A CZ  1 
ATOM   367  O  OH  . TYR A 1 48  ? -10.354 -1.898  14.826  1.00 43.85 ? 629 TYR A OH  1 
ATOM   368  N  N   . LEU A 1 49  ? -11.515 -5.072  9.260   1.00 19.30 ? 630 LEU A N   1 
ATOM   369  C  CA  . LEU A 1 49  ? -12.541 -5.854  9.924   1.00 21.57 ? 630 LEU A CA  1 
ATOM   370  C  C   . LEU A 1 49  ? -12.354 -5.779  11.429  1.00 20.46 ? 630 LEU A C   1 
ATOM   371  O  O   . LEU A 1 49  ? -11.392 -6.320  11.966  1.00 21.44 ? 630 LEU A O   1 
ATOM   372  C  CB  . LEU A 1 49  ? -12.489 -7.313  9.475   1.00 22.97 ? 630 LEU A CB  1 
ATOM   373  C  CG  . LEU A 1 49  ? -12.457 -7.637  7.978   1.00 26.45 ? 630 LEU A CG  1 
ATOM   374  C  CD1 . LEU A 1 49  ? -13.085 -9.006  7.772   1.00 24.14 ? 630 LEU A CD1 1 
ATOM   375  C  CD2 . LEU A 1 49  ? -13.203 -6.607  7.170   1.00 27.07 ? 630 LEU A CD2 1 
ATOM   376  N  N   . GLU A 1 50  ? -13.280 -5.107  12.099  1.00 20.53 ? 631 GLU A N   1 
ATOM   377  C  CA  . GLU A 1 50  ? -13.199 -4.954  13.547  1.00 21.90 ? 631 GLU A CA  1 
ATOM   378  C  C   . GLU A 1 50  ? -13.720 -6.191  14.265  1.00 21.08 ? 631 GLU A C   1 
ATOM   379  O  O   . GLU A 1 50  ? -13.338 -6.454  15.401  1.00 21.65 ? 631 GLU A O   1 
ATOM   380  C  CB  . GLU A 1 50  ? -14.004 -3.740  14.001  1.00 27.02 ? 631 GLU A CB  1 
ATOM   381  C  CG  . GLU A 1 50  ? -13.803 -3.417  15.478  1.00 34.45 ? 631 GLU A CG  1 
ATOM   382  C  CD  . GLU A 1 50  ? -14.943 -2.612  16.064  1.00 40.54 ? 631 GLU A CD  1 
ATOM   383  O  OE1 . GLU A 1 50  ? -14.798 -2.109  17.200  1.00 43.98 ? 631 GLU A OE1 1 
ATOM   384  O  OE2 . GLU A 1 50  ? -15.993 -2.494  15.396  1.00 43.28 ? 631 GLU A OE2 1 
ATOM   385  N  N   . SER A 1 51  ? -14.580 -6.951  13.593  1.00 19.93 ? 632 SER A N   1 
ATOM   386  C  CA  . SER A 1 51  ? -15.157 -8.151  14.192  1.00 19.70 ? 632 SER A CA  1 
ATOM   387  C  C   . SER A 1 51  ? -15.753 -9.080  13.135  1.00 19.42 ? 632 SER A C   1 
ATOM   388  O  O   . SER A 1 51  ? -16.225 -8.634  12.086  1.00 19.47 ? 632 SER A O   1 
ATOM   389  C  CB  . SER A 1 51  ? -16.239 -7.749  15.203  1.00 18.53 ? 632 SER A CB  1 
ATOM   390  O  OG  . SER A 1 51  ? -16.727 -8.867  15.931  1.00 17.96 ? 632 SER A OG  1 
ATOM   391  N  N   . VAL A 1 52  ? -15.729 -10.379 13.416  1.00 16.76 ? 633 VAL A N   1 
ATOM   392  C  CA  . VAL A 1 52  ? -16.287 -11.369 12.516  1.00 18.46 ? 633 VAL A CA  1 
ATOM   393  C  C   . VAL A 1 52  ? -17.097 -12.350 13.362  1.00 20.98 ? 633 VAL A C   1 
ATOM   394  O  O   . VAL A 1 52  ? -16.586 -12.859 14.362  1.00 23.30 ? 633 VAL A O   1 
ATOM   395  C  CB  . VAL A 1 52  ? -15.168 -12.141 11.781  1.00 19.13 ? 633 VAL A CB  1 
ATOM   396  C  CG1 . VAL A 1 52  ? -15.783 -13.194 10.882  1.00 22.15 ? 633 VAL A CG1 1 
ATOM   397  C  CG2 . VAL A 1 52  ? -14.312 -11.175 10.957  1.00 18.72 ? 633 VAL A CG2 1 
ATOM   398  N  N   . ASP A 1 53  ? -18.354 -12.593 12.985  1.00 19.30 ? 634 ASP A N   1 
ATOM   399  C  CA  . ASP A 1 53  ? -19.204 -13.537 13.722  1.00 22.89 ? 634 ASP A CA  1 
ATOM   400  C  C   . ASP A 1 53  ? -18.691 -14.946 13.469  1.00 23.51 ? 634 ASP A C   1 
ATOM   401  O  O   . ASP A 1 53  ? -18.564 -15.364 12.313  1.00 20.88 ? 634 ASP A O   1 
ATOM   402  C  CB  . ASP A 1 53  ? -20.662 -13.484 13.252  1.00 25.18 ? 634 ASP A CB  1 
ATOM   403  C  CG  . ASP A 1 53  ? -21.291 -12.116 13.408  1.00 28.89 ? 634 ASP A CG  1 
ATOM   404  O  OD1 . ASP A 1 53  ? -21.032 -11.443 14.428  1.00 29.08 ? 634 ASP A OD1 1 
ATOM   405  O  OD2 . ASP A 1 53  ? -22.063 -11.728 12.506  1.00 29.72 ? 634 ASP A OD2 1 
ATOM   406  N  N   . GLU A 1 54  ? -18.425 -15.696 14.531  1.00 22.90 ? 635 GLU A N   1 
ATOM   407  C  CA  . GLU A 1 54  ? -17.926 -17.046 14.347  1.00 24.42 ? 635 GLU A CA  1 
ATOM   408  C  C   . GLU A 1 54  ? -18.942 -17.916 13.606  1.00 23.73 ? 635 GLU A C   1 
ATOM   409  O  O   . GLU A 1 54  ? -20.136 -17.899 13.897  1.00 23.61 ? 635 GLU A O   1 
ATOM   410  C  CB  . GLU A 1 54  ? -17.555 -17.677 15.695  1.00 26.11 ? 635 GLU A CB  1 
ATOM   411  C  CG  . GLU A 1 54  ? -16.677 -18.905 15.544  1.00 28.83 ? 635 GLU A CG  1 
ATOM   412  C  CD  . GLU A 1 54  ? -16.266 -19.501 16.874  1.00 33.86 ? 635 GLU A CD  1 
ATOM   413  O  OE1 . GLU A 1 54  ? -17.165 -19.916 17.638  1.00 33.97 ? 635 GLU A OE1 1 
ATOM   414  O  OE2 . GLU A 1 54  ? -15.049 -19.549 17.157  1.00 35.68 ? 635 GLU A OE2 1 
ATOM   415  N  N   . GLY A 1 55  ? -18.451 -18.669 12.627  1.00 24.96 ? 636 GLY A N   1 
ATOM   416  C  CA  . GLY A 1 55  ? -19.317 -19.536 11.850  1.00 25.47 ? 636 GLY A CA  1 
ATOM   417  C  C   . GLY A 1 55  ? -20.156 -18.826 10.801  1.00 24.65 ? 636 GLY A C   1 
ATOM   418  O  O   . GLY A 1 55  ? -20.943 -19.473 10.104  1.00 25.11 ? 636 GLY A O   1 
ATOM   419  N  N   . GLY A 1 56  ? -19.997 -17.508 10.691  1.00 22.71 ? 637 GLY A N   1 
ATOM   420  C  CA  . GLY A 1 56  ? -20.753 -16.730 9.720   1.00 21.48 ? 637 GLY A CA  1 
ATOM   421  C  C   . GLY A 1 56  ? -20.136 -16.790 8.330   1.00 20.50 ? 637 GLY A C   1 
ATOM   422  O  O   . GLY A 1 56  ? -19.110 -17.434 8.146   1.00 20.58 ? 637 GLY A O   1 
ATOM   423  N  N   . VAL A 1 57  ? -20.740 -16.112 7.357   1.00 20.58 ? 638 VAL A N   1 
ATOM   424  C  CA  . VAL A 1 57  ? -20.224 -16.158 5.983   1.00 21.21 ? 638 VAL A CA  1 
ATOM   425  C  C   . VAL A 1 57  ? -18.768 -15.711 5.855   1.00 20.20 ? 638 VAL A C   1 
ATOM   426  O  O   . VAL A 1 57  ? -17.956 -16.432 5.274   1.00 19.60 ? 638 VAL A O   1 
ATOM   427  C  CB  . VAL A 1 57  ? -21.108 -15.335 5.024   1.00 23.40 ? 638 VAL A CB  1 
ATOM   428  C  CG1 . VAL A 1 57  ? -20.526 -15.360 3.612   1.00 19.75 ? 638 VAL A CG1 1 
ATOM   429  C  CG2 . VAL A 1 57  ? -22.521 -15.923 5.002   1.00 23.51 ? 638 VAL A CG2 1 
ATOM   430  N  N   . ALA A 1 58  ? -18.436 -14.540 6.397   1.00 18.64 ? 639 ALA A N   1 
ATOM   431  C  CA  . ALA A 1 58  ? -17.076 -14.026 6.344   1.00 19.14 ? 639 ALA A CA  1 
ATOM   432  C  C   . ALA A 1 58  ? -16.130 -14.982 7.063   1.00 20.89 ? 639 ALA A C   1 
ATOM   433  O  O   . ALA A 1 58  ? -15.032 -15.264 6.586   1.00 18.80 ? 639 ALA A O   1 
ATOM   434  C  CB  . ALA A 1 58  ? -17.017 -12.634 6.989   1.00 17.64 ? 639 ALA A CB  1 
ATOM   435  N  N   . TRP A 1 59  ? -16.564 -15.485 8.216   1.00 19.78 ? 640 TRP A N   1 
ATOM   436  C  CA  . TRP A 1 59  ? -15.741 -16.408 8.984   1.00 22.48 ? 640 TRP A CA  1 
ATOM   437  C  C   . TRP A 1 59  ? -15.402 -17.678 8.198   1.00 22.17 ? 640 TRP A C   1 
ATOM   438  O  O   . TRP A 1 59  ? -14.233 -18.070 8.104   1.00 21.80 ? 640 TRP A O   1 
ATOM   439  C  CB  . TRP A 1 59  ? -16.440 -16.795 10.294  1.00 22.27 ? 640 TRP A CB  1 
ATOM   440  C  CG  . TRP A 1 59  ? -15.657 -17.798 11.097  1.00 27.89 ? 640 TRP A CG  1 
ATOM   441  C  CD1 . TRP A 1 59  ? -15.608 -19.150 10.902  1.00 29.01 ? 640 TRP A CD1 1 
ATOM   442  C  CD2 . TRP A 1 59  ? -14.733 -17.512 12.155  1.00 28.86 ? 640 TRP A CD2 1 
ATOM   443  N  NE1 . TRP A 1 59  ? -14.705 -19.722 11.769  1.00 32.87 ? 640 TRP A NE1 1 
ATOM   444  C  CE2 . TRP A 1 59  ? -14.156 -18.740 12.549  1.00 30.38 ? 640 TRP A CE2 1 
ATOM   445  C  CE3 . TRP A 1 59  ? -14.336 -16.336 12.805  1.00 30.98 ? 640 TRP A CE3 1 
ATOM   446  C  CZ2 . TRP A 1 59  ? -13.202 -18.827 13.565  1.00 33.24 ? 640 TRP A CZ2 1 
ATOM   447  C  CZ3 . TRP A 1 59  ? -13.380 -16.424 13.821  1.00 33.15 ? 640 TRP A CZ3 1 
ATOM   448  C  CH2 . TRP A 1 59  ? -12.827 -17.666 14.188  1.00 33.83 ? 640 TRP A CH2 1 
ATOM   449  N  N   . ARG A 1 60  ? -16.426 -18.313 7.638   1.00 23.92 ? 641 ARG A N   1 
ATOM   450  C  CA  . ARG A 1 60  ? -16.238 -19.545 6.883   1.00 25.88 ? 641 ARG A CA  1 
ATOM   451  C  C   . ARG A 1 60  ? -15.319 -19.336 5.689   1.00 25.70 ? 641 ARG A C   1 
ATOM   452  O  O   . ARG A 1 60  ? -14.631 -20.261 5.254   1.00 24.51 ? 641 ARG A O   1 
ATOM   453  C  CB  . ARG A 1 60  ? -17.591 -20.096 6.416   1.00 25.35 ? 641 ARG A CB  1 
ATOM   454  C  CG  . ARG A 1 60  ? -18.586 -20.367 7.557   1.00 26.41 ? 641 ARG A CG  1 
ATOM   455  C  CD  . ARG A 1 60  ? -19.688 -21.320 7.119   1.00 27.96 ? 641 ARG A CD  1 
ATOM   456  N  NE  . ARG A 1 60  ? -20.489 -20.795 6.016   1.00 29.09 ? 641 ARG A NE  1 
ATOM   457  C  CZ  . ARG A 1 60  ? -21.473 -19.912 6.157   1.00 32.47 ? 641 ARG A CZ  1 
ATOM   458  N  NH1 . ARG A 1 60  ? -21.786 -19.448 7.359   1.00 30.31 ? 641 ARG A NH1 1 
ATOM   459  N  NH2 . ARG A 1 60  ? -22.151 -19.495 5.095   1.00 31.08 ? 641 ARG A NH2 1 
ATOM   460  N  N   . ALA A 1 61  ? -15.298 -18.109 5.177   1.00 25.26 ? 642 ALA A N   1 
ATOM   461  C  CA  . ALA A 1 61  ? -14.465 -17.767 4.027   1.00 24.68 ? 642 ALA A CA  1 
ATOM   462  C  C   . ALA A 1 61  ? -13.020 -17.480 4.425   1.00 24.90 ? 642 ALA A C   1 
ATOM   463  O  O   . ALA A 1 61  ? -12.161 -17.296 3.563   1.00 25.06 ? 642 ALA A O   1 
ATOM   464  C  CB  . ALA A 1 61  ? -15.051 -16.565 3.304   1.00 25.53 ? 642 ALA A CB  1 
ATOM   465  N  N   . GLY A 1 62  ? -12.754 -17.426 5.727   1.00 22.05 ? 643 GLY A N   1 
ATOM   466  C  CA  . GLY A 1 62  ? -11.397 -17.182 6.181   1.00 20.84 ? 643 GLY A CA  1 
ATOM   467  C  C   . GLY A 1 62  ? -11.076 -15.753 6.597   1.00 21.29 ? 643 GLY A C   1 
ATOM   468  O  O   . GLY A 1 62  ? -9.913  -15.407 6.804   1.00 22.74 ? 643 GLY A O   1 
ATOM   469  N  N   . LEU A 1 63  ? -12.092 -14.910 6.715   1.00 19.32 ? 644 LEU A N   1 
ATOM   470  C  CA  . LEU A 1 63  ? -11.850 -13.537 7.129   1.00 18.52 ? 644 LEU A CA  1 
ATOM   471  C  C   . LEU A 1 63  ? -11.805 -13.502 8.653   1.00 18.18 ? 644 LEU A C   1 
ATOM   472  O  O   . LEU A 1 63  ? -12.520 -14.256 9.321   1.00 20.43 ? 644 LEU A O   1 
ATOM   473  C  CB  . LEU A 1 63  ? -12.950 -12.601 6.611   1.00 16.90 ? 644 LEU A CB  1 
ATOM   474  C  CG  . LEU A 1 63  ? -13.043 -12.458 5.088   1.00 18.72 ? 644 LEU A CG  1 
ATOM   475  C  CD1 . LEU A 1 63  ? -14.053 -11.381 4.730   1.00 19.63 ? 644 LEU A CD1 1 
ATOM   476  C  CD2 . LEU A 1 63  ? -11.676 -12.101 4.530   1.00 16.53 ? 644 LEU A CD2 1 
ATOM   477  N  N   . ARG A 1 64  ? -10.952 -12.639 9.188   1.00 18.78 ? 645 ARG A N   1 
ATOM   478  C  CA  . ARG A 1 64  ? -10.782 -12.494 10.633  1.00 19.41 ? 645 ARG A CA  1 
ATOM   479  C  C   . ARG A 1 64  ? -10.555 -11.048 11.034  1.00 20.22 ? 645 ARG A C   1 
ATOM   480  O  O   . ARG A 1 64  ? -10.132 -10.224 10.219  1.00 19.45 ? 645 ARG A O   1 
ATOM   481  C  CB  . ARG A 1 64  ? -9.584  -13.322 11.115  1.00 18.95 ? 645 ARG A CB  1 
ATOM   482  C  CG  . ARG A 1 64  ? -9.692  -14.827 10.859  1.00 21.22 ? 645 ARG A CG  1 
ATOM   483  C  CD  . ARG A 1 64  ? -10.707 -15.474 11.786  1.00 22.74 ? 645 ARG A CD  1 
ATOM   484  N  NE  . ARG A 1 64  ? -10.704 -16.936 11.705  1.00 21.72 ? 645 ARG A NE  1 
ATOM   485  C  CZ  . ARG A 1 64  ? -11.388 -17.649 10.812  1.00 25.57 ? 645 ARG A CZ  1 
ATOM   486  N  NH1 . ARG A 1 64  ? -12.143 -17.045 9.907   1.00 25.19 ? 645 ARG A NH1 1 
ATOM   487  N  NH2 . ARG A 1 64  ? -11.329 -18.981 10.837  1.00 24.60 ? 645 ARG A NH2 1 
ATOM   488  N  N   . MET A 1 65  ? -10.828 -10.756 12.306  1.00 19.70 ? 646 MET A N   1 
ATOM   489  C  CA  . MET A 1 65  ? -10.625 -9.429  12.874  1.00 18.57 ? 646 MET A CA  1 
ATOM   490  C  C   . MET A 1 65  ? -9.187  -9.026  12.578  1.00 19.08 ? 646 MET A C   1 
ATOM   491  O  O   . MET A 1 65  ? -8.268  -9.816  12.778  1.00 18.93 ? 646 MET A O   1 
ATOM   492  C  CB  . MET A 1 65  ? -10.844 -9.471  14.396  1.00 19.40 ? 646 MET A CB  1 
ATOM   493  C  CG  . MET A 1 65  ? -10.526 -8.162  15.106  1.00 19.90 ? 646 MET A CG  1 
ATOM   494  S  SD  . MET A 1 65  ? -10.897 -8.239  16.869  1.00 24.57 ? 646 MET A SD  1 
ATOM   495  C  CE  . MET A 1 65  ? -9.393  -9.030  17.486  1.00 22.75 ? 646 MET A CE  1 
ATOM   496  N  N   . GLY A 1 66  ? -8.990  -7.805  12.095  1.00 19.20 ? 647 GLY A N   1 
ATOM   497  C  CA  . GLY A 1 66  ? -7.643  -7.368  11.781  1.00 18.36 ? 647 GLY A CA  1 
ATOM   498  C  C   . GLY A 1 66  ? -7.386  -7.252  10.285  1.00 19.18 ? 647 GLY A C   1 
ATOM   499  O  O   . GLY A 1 66  ? -6.454  -6.556  9.866   1.00 20.86 ? 647 GLY A O   1 
ATOM   500  N  N   . ASP A 1 67  ? -8.190  -7.936  9.477   1.00 17.97 ? 648 ASP A N   1 
ATOM   501  C  CA  . ASP A 1 67  ? -8.037  -7.878  8.023   1.00 19.71 ? 648 ASP A CA  1 
ATOM   502  C  C   . ASP A 1 67  ? -8.315  -6.475  7.505   1.00 17.06 ? 648 ASP A C   1 
ATOM   503  O  O   . ASP A 1 67  ? -9.340  -5.878  7.847   1.00 18.37 ? 648 ASP A O   1 
ATOM   504  C  CB  . ASP A 1 67  ? -9.011  -8.832  7.322   1.00 20.23 ? 648 ASP A CB  1 
ATOM   505  C  CG  . ASP A 1 67  ? -8.438  -10.206 7.121   1.00 22.85 ? 648 ASP A CG  1 
ATOM   506  O  OD1 . ASP A 1 67  ? -7.246  -10.302 6.767   1.00 27.66 ? 648 ASP A OD1 1 
ATOM   507  O  OD2 . ASP A 1 67  ? -9.182  -11.188 7.294   1.00 20.98 ? 648 ASP A OD2 1 
ATOM   508  N  N   . PHE A 1 68  ? -7.413  -5.960  6.673   1.00 16.71 ? 649 PHE A N   1 
ATOM   509  C  CA  . PHE A 1 68  ? -7.585  -4.638  6.075   1.00 17.04 ? 649 PHE A CA  1 
ATOM   510  C  C   . PHE A 1 68  ? -8.257  -4.855  4.715   1.00 17.83 ? 649 PHE A C   1 
ATOM   511  O  O   . PHE A 1 68  ? -7.910  -5.775  3.981   1.00 16.37 ? 649 PHE A O   1 
ATOM   512  C  CB  . PHE A 1 68  ? -6.238  -3.929  5.880   1.00 17.95 ? 649 PHE A CB  1 
ATOM   513  C  CG  . PHE A 1 68  ? -5.639  -3.377  7.152   1.00 20.75 ? 649 PHE A CG  1 
ATOM   514  C  CD1 . PHE A 1 68  ? -4.891  -4.182  8.001   1.00 22.12 ? 649 PHE A CD1 1 
ATOM   515  C  CD2 . PHE A 1 68  ? -5.826  -2.035  7.494   1.00 23.38 ? 649 PHE A CD2 1 
ATOM   516  C  CE1 . PHE A 1 68  ? -4.335  -3.663  9.176   1.00 23.65 ? 649 PHE A CE1 1 
ATOM   517  C  CE2 . PHE A 1 68  ? -5.274  -1.506  8.668   1.00 22.41 ? 649 PHE A CE2 1 
ATOM   518  C  CZ  . PHE A 1 68  ? -4.528  -2.325  9.507   1.00 24.62 ? 649 PHE A CZ  1 
ATOM   519  N  N   . LEU A 1 69  ? -9.218  -3.997  4.384   1.00 16.74 ? 650 LEU A N   1 
ATOM   520  C  CA  . LEU A 1 69  ? -9.952  -4.129  3.131   1.00 16.69 ? 650 LEU A CA  1 
ATOM   521  C  C   . LEU A 1 69  ? -9.304  -3.351  1.989   1.00 15.59 ? 650 LEU A C   1 
ATOM   522  O  O   . LEU A 1 69  ? -9.303  -2.125  1.990   1.00 15.39 ? 650 LEU A O   1 
ATOM   523  C  CB  . LEU A 1 69  ? -11.392 -3.657  3.354   1.00 16.94 ? 650 LEU A CB  1 
ATOM   524  C  CG  . LEU A 1 69  ? -12.403 -3.817  2.217   1.00 15.36 ? 650 LEU A CG  1 
ATOM   525  C  CD1 . LEU A 1 69  ? -12.514 -5.270  1.772   1.00 18.78 ? 650 LEU A CD1 1 
ATOM   526  C  CD2 . LEU A 1 69  ? -13.751 -3.306  2.723   1.00 15.23 ? 650 LEU A CD2 1 
ATOM   527  N  N   . ILE A 1 70  ? -8.768  -4.074  1.004   1.00 17.53 ? 651 ILE A N   1 
ATOM   528  C  CA  . ILE A 1 70  ? -8.095  -3.444  -0.129  1.00 17.02 ? 651 ILE A CA  1 
ATOM   529  C  C   . ILE A 1 70  ? -9.015  -3.234  -1.338  1.00 16.52 ? 651 ILE A C   1 
ATOM   530  O  O   . ILE A 1 70  ? -8.987  -2.169  -1.962  1.00 17.71 ? 651 ILE A O   1 
ATOM   531  C  CB  . ILE A 1 70  ? -6.867  -4.276  -0.580  1.00 18.03 ? 651 ILE A CB  1 
ATOM   532  C  CG1 . ILE A 1 70  ? -5.945  -4.556  0.621   1.00 18.81 ? 651 ILE A CG1 1 
ATOM   533  C  CG2 . ILE A 1 70  ? -6.141  -3.554  -1.709  1.00 17.89 ? 651 ILE A CG2 1 
ATOM   534  C  CD1 . ILE A 1 70  ? -5.527  -3.326  1.428   1.00 17.74 ? 651 ILE A CD1 1 
ATOM   535  N  N   . GLU A 1 71  ? -9.817  -4.246  -1.664  1.00 16.52 ? 652 GLU A N   1 
ATOM   536  C  CA  . GLU A 1 71  ? -10.747 -4.191  -2.805  1.00 17.47 ? 652 GLU A CA  1 
ATOM   537  C  C   . GLU A 1 71  ? -12.121 -4.786  -2.524  1.00 17.42 ? 652 GLU A C   1 
ATOM   538  O  O   . GLU A 1 71  ? -12.256 -5.812  -1.846  1.00 16.53 ? 652 GLU A O   1 
ATOM   539  C  CB  . GLU A 1 71  ? -10.168 -4.945  -4.003  1.00 20.50 ? 652 GLU A CB  1 
ATOM   540  C  CG  . GLU A 1 71  ? -9.041  -4.224  -4.732  1.00 25.06 ? 652 GLU A CG  1 
ATOM   541  C  CD  . GLU A 1 71  ? -8.390  -5.098  -5.792  1.00 28.32 ? 652 GLU A CD  1 
ATOM   542  O  OE1 . GLU A 1 71  ? -9.120  -5.829  -6.495  1.00 30.55 ? 652 GLU A OE1 1 
ATOM   543  O  OE2 . GLU A 1 71  ? -7.148  -5.041  -5.933  1.00 31.31 ? 652 GLU A OE2 1 
ATOM   544  N  N   . VAL A 1 72  ? -13.144 -4.149  -3.073  1.00 15.78 ? 653 VAL A N   1 
ATOM   545  C  CA  . VAL A 1 72  ? -14.507 -4.635  -2.949  1.00 14.66 ? 653 VAL A CA  1 
ATOM   546  C  C   . VAL A 1 72  ? -15.042 -4.849  -4.361  1.00 15.96 ? 653 VAL A C   1 
ATOM   547  O  O   . VAL A 1 72  ? -15.136 -3.901  -5.137  1.00 16.90 ? 653 VAL A O   1 
ATOM   548  C  CB  . VAL A 1 72  ? -15.390 -3.627  -2.204  1.00 15.17 ? 653 VAL A CB  1 
ATOM   549  C  CG1 . VAL A 1 72  ? -16.854 -4.005  -2.379  1.00 16.68 ? 653 VAL A CG1 1 
ATOM   550  C  CG2 . VAL A 1 72  ? -15.017 -3.628  -0.708  1.00 15.68 ? 653 VAL A CG2 1 
ATOM   551  N  N   . ASN A 1 73  ? -15.357 -6.101  -4.686  1.00 17.69 ? 654 ASN A N   1 
ATOM   552  C  CA  . ASN A 1 73  ? -15.875 -6.473  -6.006  1.00 19.19 ? 654 ASN A CA  1 
ATOM   553  C  C   . ASN A 1 73  ? -15.022 -5.928  -7.144  1.00 20.05 ? 654 ASN A C   1 
ATOM   554  O  O   . ASN A 1 73  ? -15.547 -5.417  -8.138  1.00 22.38 ? 654 ASN A O   1 
ATOM   555  C  CB  . ASN A 1 73  ? -17.323 -5.996  -6.162  1.00 19.96 ? 654 ASN A CB  1 
ATOM   556  C  CG  . ASN A 1 73  ? -18.254 -6.655  -5.170  1.00 21.23 ? 654 ASN A CG  1 
ATOM   557  O  OD1 . ASN A 1 73  ? -18.141 -7.856  -4.909  1.00 21.02 ? 654 ASN A OD1 1 
ATOM   558  N  ND2 . ASN A 1 73  ? -19.194 -5.884  -4.623  1.00 21.58 ? 654 ASN A ND2 1 
ATOM   559  N  N   . GLY A 1 74  ? -13.706 -6.038  -6.990  1.00 18.92 ? 655 GLY A N   1 
ATOM   560  C  CA  . GLY A 1 74  ? -12.782 -5.566  -8.007  1.00 22.08 ? 655 GLY A CA  1 
ATOM   561  C  C   . GLY A 1 74  ? -12.452 -4.084  -7.985  1.00 21.50 ? 655 GLY A C   1 
ATOM   562  O  O   . GLY A 1 74  ? -11.699 -3.607  -8.831  1.00 24.26 ? 655 GLY A O   1 
ATOM   563  N  N   . GLN A 1 75  ? -13.013 -3.344  -7.034  1.00 19.38 ? 656 GLN A N   1 
ATOM   564  C  CA  . GLN A 1 75  ? -12.748 -1.915  -6.942  1.00 20.32 ? 656 GLN A CA  1 
ATOM   565  C  C   . GLN A 1 75  ? -11.885 -1.609  -5.731  1.00 19.66 ? 656 GLN A C   1 
ATOM   566  O  O   . GLN A 1 75  ? -12.208 -2.019  -4.625  1.00 17.49 ? 656 GLN A O   1 
ATOM   567  C  CB  . GLN A 1 75  ? -14.062 -1.133  -6.837  1.00 23.90 ? 656 GLN A CB  1 
ATOM   568  C  CG  . GLN A 1 75  ? -14.968 -1.303  -8.037  1.00 28.04 ? 656 GLN A CG  1 
ATOM   569  C  CD  . GLN A 1 75  ? -14.274 -0.942  -9.341  1.00 33.52 ? 656 GLN A CD  1 
ATOM   570  O  OE1 . GLN A 1 75  ? -13.734 0.159   -9.489  1.00 35.27 ? 656 GLN A OE1 1 
ATOM   571  N  NE2 . GLN A 1 75  ? -14.282 -1.871  -10.293 1.00 35.43 ? 656 GLN A NE2 1 
ATOM   572  N  N   . ASN A 1 76  ? -10.783 -0.895  -5.946  1.00 19.99 ? 657 ASN A N   1 
ATOM   573  C  CA  . ASN A 1 76  ? -9.888  -0.533  -4.849  1.00 19.29 ? 657 ASN A CA  1 
ATOM   574  C  C   . ASN A 1 76  ? -10.613 0.401   -3.870  1.00 18.87 ? 657 ASN A C   1 
ATOM   575  O  O   . ASN A 1 76  ? -11.209 1.396   -4.272  1.00 16.83 ? 657 ASN A O   1 
ATOM   576  C  CB  . ASN A 1 76  ? -8.647  0.156   -5.417  1.00 21.23 ? 657 ASN A CB  1 
ATOM   577  C  CG  . ASN A 1 76  ? -7.639  0.521   -4.350  1.00 19.48 ? 657 ASN A CG  1 
ATOM   578  O  OD1 . ASN A 1 76  ? -7.894  1.376   -3.498  1.00 16.64 ? 657 ASN A OD1 1 
ATOM   579  N  ND2 . ASN A 1 76  ? -6.484  -0.136  -4.383  1.00 21.21 ? 657 ASN A ND2 1 
ATOM   580  N  N   . VAL A 1 77  ? -10.560 0.085   -2.583  1.00 16.00 ? 658 VAL A N   1 
ATOM   581  C  CA  . VAL A 1 77  ? -11.236 0.910   -1.585  1.00 17.25 ? 658 VAL A CA  1 
ATOM   582  C  C   . VAL A 1 77  ? -10.299 1.328   -0.457  1.00 16.72 ? 658 VAL A C   1 
ATOM   583  O  O   . VAL A 1 77  ? -10.739 1.674   0.649   1.00 17.29 ? 658 VAL A O   1 
ATOM   584  C  CB  . VAL A 1 77  ? -12.450 0.161   -0.999  1.00 16.82 ? 658 VAL A CB  1 
ATOM   585  C  CG1 . VAL A 1 77  ? -13.536 0.042   -2.054  1.00 17.10 ? 658 VAL A CG1 1 
ATOM   586  C  CG2 . VAL A 1 77  ? -12.027 -1.236  -0.538  1.00 17.48 ? 658 VAL A CG2 1 
ATOM   587  N  N   . VAL A 1 78  ? -9.003  1.293   -0.745  1.00 18.65 ? 659 VAL A N   1 
ATOM   588  C  CA  . VAL A 1 78  ? -7.969  1.675   0.209   1.00 18.45 ? 659 VAL A CA  1 
ATOM   589  C  C   . VAL A 1 78  ? -8.199  3.044   0.855   1.00 20.12 ? 659 VAL A C   1 
ATOM   590  O  O   . VAL A 1 78  ? -7.921  3.236   2.046   1.00 18.68 ? 659 VAL A O   1 
ATOM   591  C  CB  . VAL A 1 78  ? -6.570  1.646   -0.477  1.00 20.54 ? 659 VAL A CB  1 
ATOM   592  C  CG1 . VAL A 1 78  ? -5.555  2.408   0.354   1.00 20.51 ? 659 VAL A CG1 1 
ATOM   593  C  CG2 . VAL A 1 78  ? -6.115  0.206   -0.655  1.00 19.35 ? 659 VAL A CG2 1 
ATOM   594  N  N   . LYS A 1 79  ? -8.705  3.992   0.073   1.00 18.56 ? 660 LYS A N   1 
ATOM   595  C  CA  . LYS A 1 79  ? -8.968  5.337   0.584   1.00 20.47 ? 660 LYS A CA  1 
ATOM   596  C  C   . LYS A 1 79  ? -10.450 5.665   0.649   1.00 19.92 ? 660 LYS A C   1 
ATOM   597  O  O   . LYS A 1 79  ? -10.821 6.816   0.873   1.00 21.08 ? 660 LYS A O   1 
ATOM   598  C  CB  . LYS A 1 79  ? -8.281  6.397   -0.284  1.00 21.72 ? 660 LYS A CB  1 
ATOM   599  C  CG  . LYS A 1 79  ? -6.774  6.303   -0.315  1.00 26.10 ? 660 LYS A CG  1 
ATOM   600  C  CD  . LYS A 1 79  ? -6.179  7.488   -1.067  1.00 29.40 ? 660 LYS A CD  1 
ATOM   601  C  CE  . LYS A 1 79  ? -4.670  7.421   -1.104  1.00 32.55 ? 660 LYS A CE  1 
ATOM   602  N  NZ  . LYS A 1 79  ? -4.129  8.575   -1.879  1.00 37.78 ? 660 LYS A NZ  1 
ATOM   603  N  N   . VAL A 1 80  ? -11.294 4.651   0.481   1.00 18.44 ? 661 VAL A N   1 
ATOM   604  C  CA  . VAL A 1 80  ? -12.737 4.857   0.487   1.00 18.19 ? 661 VAL A CA  1 
ATOM   605  C  C   . VAL A 1 80  ? -13.371 4.731   1.872   1.00 19.13 ? 661 VAL A C   1 
ATOM   606  O  O   . VAL A 1 80  ? -13.027 3.840   2.649   1.00 17.98 ? 661 VAL A O   1 
ATOM   607  C  CB  . VAL A 1 80  ? -13.421 3.894   -0.498  1.00 17.45 ? 661 VAL A CB  1 
ATOM   608  C  CG1 . VAL A 1 80  ? -14.927 4.072   -0.449  1.00 15.87 ? 661 VAL A CG1 1 
ATOM   609  C  CG2 . VAL A 1 80  ? -12.919 4.181   -1.924  1.00 18.48 ? 661 VAL A CG2 1 
ATOM   610  N  N   . GLY A 1 81  ? -14.294 5.648   2.159   1.00 18.16 ? 662 GLY A N   1 
ATOM   611  C  CA  . GLY A 1 81  ? -14.977 5.682   3.443   1.00 19.78 ? 662 GLY A CA  1 
ATOM   612  C  C   . GLY A 1 81  ? -16.016 4.598   3.693   1.00 20.50 ? 662 GLY A C   1 
ATOM   613  O  O   . GLY A 1 81  ? -16.464 3.912   2.775   1.00 19.07 ? 662 GLY A O   1 
ATOM   614  N  N   . HIS A 1 82  ? -16.420 4.479   4.953   1.00 19.75 ? 663 HIS A N   1 
ATOM   615  C  CA  . HIS A 1 82  ? -17.390 3.484   5.388   1.00 21.21 ? 663 HIS A CA  1 
ATOM   616  C  C   . HIS A 1 82  ? -18.699 3.529   4.629   1.00 20.13 ? 663 HIS A C   1 
ATOM   617  O  O   . HIS A 1 82  ? -19.183 2.508   4.136   1.00 18.19 ? 663 HIS A O   1 
ATOM   618  C  CB  . HIS A 1 82  ? -17.668 3.665   6.889   1.00 21.38 ? 663 HIS A CB  1 
ATOM   619  C  CG  . HIS A 1 82  ? -18.483 2.562   7.492   1.00 23.09 ? 663 HIS A CG  1 
ATOM   620  N  ND1 . HIS A 1 82  ? -17.918 1.404   7.981   1.00 24.83 ? 663 HIS A ND1 1 
ATOM   621  C  CD2 . HIS A 1 82  ? -19.820 2.432   7.673   1.00 24.28 ? 663 HIS A CD2 1 
ATOM   622  C  CE1 . HIS A 1 82  ? -18.870 0.609   8.436   1.00 23.73 ? 663 HIS A CE1 1 
ATOM   623  N  NE2 . HIS A 1 82  ? -20.033 1.209   8.262   1.00 24.55 ? 663 HIS A NE2 1 
ATOM   624  N  N   . ARG A 1 83  ? -19.276 4.723   4.531   1.00 20.84 ? 664 ARG A N   1 
ATOM   625  C  CA  . ARG A 1 83  ? -20.545 4.870   3.851   1.00 21.36 ? 664 ARG A CA  1 
ATOM   626  C  C   . ARG A 1 83  ? -20.517 4.350   2.423   1.00 20.77 ? 664 ARG A C   1 
ATOM   627  O  O   . ARG A 1 83  ? -21.387 3.574   2.035   1.00 18.43 ? 664 ARG A O   1 
ATOM   628  C  CB  . ARG A 1 83  ? -20.993 6.332   3.875   1.00 27.43 ? 664 ARG A CB  1 
ATOM   629  C  CG  . ARG A 1 83  ? -22.433 6.542   3.455   1.00 32.19 ? 664 ARG A CG  1 
ATOM   630  C  CD  . ARG A 1 83  ? -22.908 7.925   3.864   1.00 36.90 ? 664 ARG A CD  1 
ATOM   631  N  NE  . ARG A 1 83  ? -24.320 8.134   3.570   1.00 41.45 ? 664 ARG A NE  1 
ATOM   632  C  CZ  . ARG A 1 83  ? -24.979 9.253   3.846   1.00 42.50 ? 664 ARG A CZ  1 
ATOM   633  N  NH1 . ARG A 1 83  ? -24.352 10.270  4.423   1.00 44.27 ? 664 ARG A NH1 1 
ATOM   634  N  NH2 . ARG A 1 83  ? -26.269 9.351   3.549   1.00 44.90 ? 664 ARG A NH2 1 
ATOM   635  N  N   . GLN A 1 84  ? -19.516 4.753   1.643   1.00 20.41 ? 665 GLN A N   1 
ATOM   636  C  CA  . GLN A 1 84  ? -19.440 4.301   0.260   1.00 19.32 ? 665 GLN A CA  1 
ATOM   637  C  C   . GLN A 1 84  ? -19.244 2.788   0.169   1.00 19.59 ? 665 GLN A C   1 
ATOM   638  O  O   . GLN A 1 84  ? -19.878 2.135   -0.652  1.00 18.39 ? 665 GLN A O   1 
ATOM   639  C  CB  . GLN A 1 84  ? -18.318 5.008   -0.502  1.00 20.90 ? 665 GLN A CB  1 
ATOM   640  C  CG  . GLN A 1 84  ? -18.346 4.669   -1.992  1.00 18.93 ? 665 GLN A CG  1 
ATOM   641  C  CD  . GLN A 1 84  ? -17.239 5.330   -2.772  1.00 20.88 ? 665 GLN A CD  1 
ATOM   642  O  OE1 . GLN A 1 84  ? -17.100 6.557   -2.760  1.00 20.36 ? 665 GLN A OE1 1 
ATOM   643  N  NE2 . GLN A 1 84  ? -16.439 4.520   -3.462  1.00 21.56 ? 665 GLN A NE2 1 
ATOM   644  N  N   . VAL A 1 85  ? -18.374 2.238   1.014   1.00 18.03 ? 666 VAL A N   1 
ATOM   645  C  CA  . VAL A 1 85  ? -18.130 0.803   1.009   1.00 19.43 ? 666 VAL A CA  1 
ATOM   646  C  C   . VAL A 1 85  ? -19.419 0.040   1.315   1.00 19.39 ? 666 VAL A C   1 
ATOM   647  O  O   . VAL A 1 85  ? -19.728 -0.954  0.665   1.00 21.94 ? 666 VAL A O   1 
ATOM   648  C  CB  . VAL A 1 85  ? -17.036 0.425   2.037   1.00 19.25 ? 666 VAL A CB  1 
ATOM   649  C  CG1 . VAL A 1 85  ? -17.082 -1.078  2.338   1.00 19.77 ? 666 VAL A CG1 1 
ATOM   650  C  CG2 . VAL A 1 85  ? -15.666 0.811   1.489   1.00 19.96 ? 666 VAL A CG2 1 
ATOM   651  N  N   . VAL A 1 86  ? -20.179 0.495   2.305   1.00 21.65 ? 667 VAL A N   1 
ATOM   652  C  CA  . VAL A 1 86  ? -21.429 -0.193  2.623   1.00 22.67 ? 667 VAL A CA  1 
ATOM   653  C  C   . VAL A 1 86  ? -22.338 -0.192  1.400   1.00 22.65 ? 667 VAL A C   1 
ATOM   654  O  O   . VAL A 1 86  ? -22.919 -1.220  1.049   1.00 20.94 ? 667 VAL A O   1 
ATOM   655  C  CB  . VAL A 1 86  ? -22.157 0.463   3.808   1.00 23.82 ? 667 VAL A CB  1 
ATOM   656  C  CG1 . VAL A 1 86  ? -23.595 -0.026  3.885   1.00 24.90 ? 667 VAL A CG1 1 
ATOM   657  C  CG2 . VAL A 1 86  ? -21.420 0.114   5.092   1.00 25.09 ? 667 VAL A CG2 1 
ATOM   658  N  N   . ASN A 1 87  ? -22.442 0.963   0.744   1.00 22.01 ? 668 ASN A N   1 
ATOM   659  C  CA  . ASN A 1 87  ? -23.266 1.082   -0.447  1.00 22.22 ? 668 ASN A CA  1 
ATOM   660  C  C   . ASN A 1 87  ? -22.747 0.170   -1.556  1.00 22.21 ? 668 ASN A C   1 
ATOM   661  O  O   . ASN A 1 87  ? -23.531 -0.444  -2.273  1.00 23.01 ? 668 ASN A O   1 
ATOM   662  C  CB  . ASN A 1 87  ? -23.304 2.534   -0.941  1.00 24.36 ? 668 ASN A CB  1 
ATOM   663  C  CG  . ASN A 1 87  ? -24.183 3.421   -0.072  1.00 28.59 ? 668 ASN A CG  1 
ATOM   664  O  OD1 . ASN A 1 87  ? -25.206 2.974   0.444   1.00 30.70 ? 668 ASN A OD1 1 
ATOM   665  N  ND2 . ASN A 1 87  ? -23.797 4.685   0.080   1.00 28.39 ? 668 ASN A ND2 1 
ATOM   666  N  N   . MET A 1 88  ? -21.429 0.076   -1.696  1.00 20.85 ? 669 MET A N   1 
ATOM   667  C  CA  . MET A 1 88  ? -20.860 -0.792  -2.720  1.00 21.00 ? 669 MET A CA  1 
ATOM   668  C  C   . MET A 1 88  ? -21.204 -2.246  -2.430  1.00 20.56 ? 669 MET A C   1 
ATOM   669  O  O   . MET A 1 88  ? -21.509 -3.016  -3.336  1.00 22.27 ? 669 MET A O   1 
ATOM   670  C  CB  . MET A 1 88  ? -19.340 -0.631  -2.779  1.00 19.86 ? 669 MET A CB  1 
ATOM   671  C  CG  . MET A 1 88  ? -18.898 0.744   -3.278  1.00 20.29 ? 669 MET A CG  1 
ATOM   672  S  SD  . MET A 1 88  ? -17.151 1.039   -3.093  1.00 19.71 ? 669 MET A SD  1 
ATOM   673  C  CE  . MET A 1 88  ? -16.468 0.079   -4.405  1.00 23.68 ? 669 MET A CE  1 
ATOM   674  N  N   . ILE A 1 89  ? -21.133 -2.626  -1.161  1.00 20.47 ? 670 ILE A N   1 
ATOM   675  C  CA  . ILE A 1 89  ? -21.438 -3.994  -0.793  1.00 22.02 ? 670 ILE A CA  1 
ATOM   676  C  C   . ILE A 1 89  ? -22.917 -4.282  -1.030  1.00 24.72 ? 670 ILE A C   1 
ATOM   677  O  O   . ILE A 1 89  ? -23.284 -5.386  -1.430  1.00 25.84 ? 670 ILE A O   1 
ATOM   678  C  CB  . ILE A 1 89  ? -21.070 -4.273  0.676   1.00 21.90 ? 670 ILE A CB  1 
ATOM   679  C  CG1 . ILE A 1 89  ? -19.552 -4.141  0.862   1.00 21.06 ? 670 ILE A CG1 1 
ATOM   680  C  CG2 . ILE A 1 89  ? -21.528 -5.667  1.061   1.00 24.35 ? 670 ILE A CG2 1 
ATOM   681  C  CD1 . ILE A 1 89  ? -19.055 -4.400  2.301   1.00 19.53 ? 670 ILE A CD1 1 
ATOM   682  N  N   . ARG A 1 90  ? -23.767 -3.288  -0.796  1.00 26.79 ? 671 ARG A N   1 
ATOM   683  C  CA  . ARG A 1 90  ? -25.198 -3.469  -1.015  1.00 29.68 ? 671 ARG A CA  1 
ATOM   684  C  C   . ARG A 1 90  ? -25.490 -3.763  -2.481  1.00 30.47 ? 671 ARG A C   1 
ATOM   685  O  O   . ARG A 1 90  ? -26.286 -4.644  -2.797  1.00 30.86 ? 671 ARG A O   1 
ATOM   686  C  CB  . ARG A 1 90  ? -25.978 -2.226  -0.589  1.00 32.15 ? 671 ARG A CB  1 
ATOM   687  C  CG  . ARG A 1 90  ? -26.109 -2.057  0.904   1.00 37.87 ? 671 ARG A CG  1 
ATOM   688  C  CD  . ARG A 1 90  ? -27.462 -1.456  1.262   1.00 43.02 ? 671 ARG A CD  1 
ATOM   689  N  NE  . ARG A 1 90  ? -27.523 -1.065  2.664   1.00 46.60 ? 671 ARG A NE  1 
ATOM   690  C  CZ  . ARG A 1 90  ? -26.851 -0.040  3.176   1.00 49.51 ? 671 ARG A CZ  1 
ATOM   691  N  NH1 . ARG A 1 90  ? -26.070 0.698   2.394   1.00 51.64 ? 671 ARG A NH1 1 
ATOM   692  N  NH2 . ARG A 1 90  ? -26.951 0.246   4.468   1.00 49.86 ? 671 ARG A NH2 1 
ATOM   693  N  N   . GLN A 1 91  ? -24.832 -3.026  -3.372  1.00 30.00 ? 672 GLN A N   1 
ATOM   694  C  CA  . GLN A 1 91  ? -25.018 -3.200  -4.808  1.00 32.22 ? 672 GLN A CA  1 
ATOM   695  C  C   . GLN A 1 91  ? -24.766 -4.626  -5.267  1.00 31.43 ? 672 GLN A C   1 
ATOM   696  O  O   . GLN A 1 91  ? -25.436 -5.115  -6.175  1.00 31.03 ? 672 GLN A O   1 
ATOM   697  C  CB  . GLN A 1 91  ? -24.093 -2.247  -5.570  1.00 33.66 ? 672 GLN A CB  1 
ATOM   698  C  CG  . GLN A 1 91  ? -24.431 -0.787  -5.347  1.00 39.31 ? 672 GLN A CG  1 
ATOM   699  C  CD  . GLN A 1 91  ? -23.403 0.162   -5.937  1.00 41.42 ? 672 GLN A CD  1 
ATOM   700  O  OE1 . GLN A 1 91  ? -23.642 1.367   -6.027  1.00 45.52 ? 672 GLN A OE1 1 
ATOM   701  N  NE2 . GLN A 1 91  ? -22.253 -0.373  -6.334  1.00 42.48 ? 672 GLN A NE2 1 
ATOM   702  N  N   . GLY A 1 92  ? -23.805 -5.296  -4.632  1.00 28.78 ? 673 GLY A N   1 
ATOM   703  C  CA  . GLY A 1 92  ? -23.482 -6.661  -5.008  1.00 27.78 ? 673 GLY A CA  1 
ATOM   704  C  C   . GLY A 1 92  ? -24.471 -7.714  -4.545  1.00 26.67 ? 673 GLY A C   1 
ATOM   705  O  O   . GLY A 1 92  ? -24.338 -8.885  -4.902  1.00 27.26 ? 673 GLY A O   1 
ATOM   706  N  N   . GLY A 1 93  ? -25.462 -7.313  -3.752  1.00 26.58 ? 674 GLY A N   1 
ATOM   707  C  CA  . GLY A 1 93  ? -26.454 -8.263  -3.280  1.00 27.19 ? 674 GLY A CA  1 
ATOM   708  C  C   . GLY A 1 93  ? -25.916 -9.338  -2.348  1.00 26.36 ? 674 GLY A C   1 
ATOM   709  O  O   . GLY A 1 93  ? -25.291 -9.025  -1.340  1.00 27.09 ? 674 GLY A O   1 
ATOM   710  N  N   . ASN A 1 94  ? -26.148 -10.604 -2.683  1.00 25.48 ? 675 ASN A N   1 
ATOM   711  C  CA  . ASN A 1 94  ? -25.687 -11.705 -1.838  1.00 25.24 ? 675 ASN A CA  1 
ATOM   712  C  C   . ASN A 1 94  ? -24.280 -12.187 -2.176  1.00 24.29 ? 675 ASN A C   1 
ATOM   713  O  O   . ASN A 1 94  ? -23.808 -13.170 -1.605  1.00 23.53 ? 675 ASN A O   1 
ATOM   714  C  CB  . ASN A 1 94  ? -26.637 -12.897 -1.932  1.00 27.45 ? 675 ASN A CB  1 
ATOM   715  C  CG  . ASN A 1 94  ? -28.026 -12.583 -1.422  1.00 28.88 ? 675 ASN A CG  1 
ATOM   716  O  OD1 . ASN A 1 94  ? -28.195 -11.821 -0.470  1.00 31.40 ? 675 ASN A OD1 1 
ATOM   717  N  ND2 . ASN A 1 94  ? -29.028 -13.197 -2.034  1.00 30.11 ? 675 ASN A ND2 1 
ATOM   718  N  N   . THR A 1 95  ? -23.626 -11.515 -3.114  1.00 22.12 ? 676 THR A N   1 
ATOM   719  C  CA  . THR A 1 95  ? -22.276 -11.898 -3.502  1.00 22.63 ? 676 THR A CA  1 
ATOM   720  C  C   . THR A 1 95  ? -21.307 -10.754 -3.259  1.00 21.57 ? 676 THR A C   1 
ATOM   721  O  O   . THR A 1 95  ? -21.553 -9.626  -3.686  1.00 23.56 ? 676 THR A O   1 
ATOM   722  C  CB  . THR A 1 95  ? -22.201 -12.279 -4.993  1.00 23.88 ? 676 THR A CB  1 
ATOM   723  O  OG1 . THR A 1 95  ? -23.187 -13.279 -5.289  1.00 26.10 ? 676 THR A OG1 1 
ATOM   724  C  CG2 . THR A 1 95  ? -20.828 -12.830 -5.320  1.00 24.54 ? 676 THR A CG2 1 
ATOM   725  N  N   . LEU A 1 96  ? -20.209 -11.047 -2.567  1.00 20.98 ? 677 LEU A N   1 
ATOM   726  C  CA  . LEU A 1 96  ? -19.198 -10.041 -2.275  1.00 17.53 ? 677 LEU A CA  1 
ATOM   727  C  C   . LEU A 1 96  ? -17.800 -10.627 -2.395  1.00 18.04 ? 677 LEU A C   1 
ATOM   728  O  O   . LEU A 1 96  ? -17.481 -11.640 -1.771  1.00 17.45 ? 677 LEU A O   1 
ATOM   729  C  CB  . LEU A 1 96  ? -19.389 -9.471  -0.855  1.00 16.60 ? 677 LEU A CB  1 
ATOM   730  C  CG  . LEU A 1 96  ? -18.233 -8.663  -0.236  1.00 16.98 ? 677 LEU A CG  1 
ATOM   731  C  CD1 . LEU A 1 96  ? -18.005 -7.353  -0.999  1.00 17.41 ? 677 LEU A CD1 1 
ATOM   732  C  CD2 . LEU A 1 96  ? -18.563 -8.352  1.226   1.00 18.03 ? 677 LEU A CD2 1 
ATOM   733  N  N   . MET A 1 97  ? -16.974 -9.985  -3.213  1.00 18.98 ? 678 MET A N   1 
ATOM   734  C  CA  . MET A 1 97  ? -15.597 -10.413 -3.400  1.00 19.25 ? 678 MET A CA  1 
ATOM   735  C  C   . MET A 1 97  ? -14.731 -9.365  -2.722  1.00 19.27 ? 678 MET A C   1 
ATOM   736  O  O   . MET A 1 97  ? -14.886 -8.164  -2.969  1.00 18.97 ? 678 MET A O   1 
ATOM   737  C  CB  . MET A 1 97  ? -15.247 -10.480 -4.893  1.00 19.43 ? 678 MET A CB  1 
ATOM   738  C  CG  . MET A 1 97  ? -13.842 -11.020 -5.188  1.00 23.28 ? 678 MET A CG  1 
ATOM   739  S  SD  . MET A 1 97  ? -13.785 -12.826 -5.078  1.00 32.05 ? 678 MET A SD  1 
ATOM   740  C  CE  . MET A 1 97  ? -14.378 -13.277 -6.732  1.00 30.07 ? 678 MET A CE  1 
ATOM   741  N  N   . VAL A 1 98  ? -13.829 -9.799  -1.849  1.00 17.34 ? 679 VAL A N   1 
ATOM   742  C  CA  . VAL A 1 98  ? -12.954 -8.843  -1.192  1.00 16.91 ? 679 VAL A CA  1 
ATOM   743  C  C   . VAL A 1 98  ? -11.514 -9.298  -1.244  1.00 16.38 ? 679 VAL A C   1 
ATOM   744  O  O   . VAL A 1 98  ? -11.222 -10.493 -1.226  1.00 19.21 ? 679 VAL A O   1 
ATOM   745  C  CB  . VAL A 1 98  ? -13.310 -8.638  0.298   1.00 15.63 ? 679 VAL A CB  1 
ATOM   746  C  CG1 . VAL A 1 98  ? -14.679 -7.975  0.433   1.00 16.35 ? 679 VAL A CG1 1 
ATOM   747  C  CG2 . VAL A 1 98  ? -13.285 -9.992  1.021   1.00 14.30 ? 679 VAL A CG2 1 
ATOM   748  N  N   . LYS A 1 99  ? -10.622 -8.329  -1.346  1.00 17.69 ? 680 LYS A N   1 
ATOM   749  C  CA  . LYS A 1 99  ? -9.202  -8.603  -1.294  1.00 17.16 ? 680 LYS A CA  1 
ATOM   750  C  C   . LYS A 1 99  ? -8.848  -7.965  0.032   1.00 17.54 ? 680 LYS A C   1 
ATOM   751  O  O   . LYS A 1 99  ? -9.155  -6.784  0.272   1.00 14.95 ? 680 LYS A O   1 
ATOM   752  C  CB  . LYS A 1 99  ? -8.442  -7.916  -2.422  1.00 17.69 ? 680 LYS A CB  1 
ATOM   753  C  CG  . LYS A 1 99  ? -6.932  -7.951  -2.207  1.00 21.46 ? 680 LYS A CG  1 
ATOM   754  C  CD  . LYS A 1 99  ? -6.190  -7.351  -3.388  1.00 24.56 ? 680 LYS A CD  1 
ATOM   755  C  CE  . LYS A 1 99  ? -6.272  -8.252  -4.600  1.00 23.91 ? 680 LYS A CE  1 
ATOM   756  N  NZ  . LYS A 1 99  ? -5.503  -7.662  -5.743  1.00 27.85 ? 680 LYS A NZ  1 
ATOM   757  N  N   . VAL A 1 100 ? -8.240  -8.753  0.907   1.00 15.26 ? 681 VAL A N   1 
ATOM   758  C  CA  . VAL A 1 100 ? -7.861  -8.273  2.214   1.00 16.63 ? 681 VAL A CA  1 
ATOM   759  C  C   . VAL A 1 100 ? -6.421  -8.615  2.508   1.00 15.65 ? 681 VAL A C   1 
ATOM   760  O  O   . VAL A 1 100 ? -5.840  -9.467  1.842   1.00 16.61 ? 681 VAL A O   1 
ATOM   761  C  CB  . VAL A 1 100 ? -8.722  -8.912  3.313   1.00 16.65 ? 681 VAL A CB  1 
ATOM   762  C  CG1 . VAL A 1 100 ? -10.184 -8.478  3.138   1.00 15.66 ? 681 VAL A CG1 1 
ATOM   763  C  CG2 . VAL A 1 100 ? -8.597  -10.427 3.273   1.00 15.14 ? 681 VAL A CG2 1 
ATOM   764  N  N   . VAL A 1 101 ? -5.845  -7.940  3.497   1.00 18.04 ? 682 VAL A N   1 
ATOM   765  C  CA  . VAL A 1 101 ? -4.480  -8.223  3.905   1.00 18.24 ? 682 VAL A CA  1 
ATOM   766  C  C   . VAL A 1 101 ? -4.387  -8.207  5.424   1.00 18.89 ? 682 VAL A C   1 
ATOM   767  O  O   . VAL A 1 101 ? -5.060  -7.415  6.097   1.00 18.30 ? 682 VAL A O   1 
ATOM   768  C  CB  . VAL A 1 101 ? -3.452  -7.205  3.330   1.00 19.64 ? 682 VAL A CB  1 
ATOM   769  C  CG1 . VAL A 1 101 ? -3.466  -7.245  1.801   1.00 17.48 ? 682 VAL A CG1 1 
ATOM   770  C  CG2 . VAL A 1 101 ? -3.736  -5.796  3.835   1.00 21.20 ? 682 VAL A CG2 1 
ATOM   771  N  N   . MET A 1 102 ? -3.573  -9.113  5.959   1.00 18.11 ? 683 MET A N   1 
ATOM   772  C  CA  . MET A 1 102 ? -3.337  -9.195  7.397   1.00 20.05 ? 683 MET A CA  1 
ATOM   773  C  C   . MET A 1 102 ? -1.875  -8.778  7.589   1.00 20.15 ? 683 MET A C   1 
ATOM   774  O  O   . MET A 1 102 ? -0.980  -9.357  6.971   1.00 19.68 ? 683 MET A O   1 
ATOM   775  C  CB  . MET A 1 102 ? -3.555  -10.629 7.892   1.00 22.30 ? 683 MET A CB  1 
ATOM   776  C  CG  . MET A 1 102 ? -3.655  -10.760 9.411   1.00 28.10 ? 683 MET A CG  1 
ATOM   777  S  SD  . MET A 1 102 ? -5.117  -9.953  10.132  1.00 33.63 ? 683 MET A SD  1 
ATOM   778  C  CE  . MET A 1 102 ? -6.317  -11.300 10.038  1.00 31.51 ? 683 MET A CE  1 
ATOM   779  N  N   . VAL A 1 103 ? -1.636  -7.772  8.429   1.00 21.50 ? 684 VAL A N   1 
ATOM   780  C  CA  . VAL A 1 103 ? -0.276  -7.265  8.654   1.00 25.43 ? 684 VAL A CA  1 
ATOM   781  C  C   . VAL A 1 103 ? 0.364   -7.828  9.926   1.00 29.86 ? 684 VAL A C   1 
ATOM   782  O  O   . VAL A 1 103 ? -0.263  -7.834  10.988  1.00 29.18 ? 684 VAL A O   1 
ATOM   783  C  CB  . VAL A 1 103 ? -0.273  -5.713  8.733   1.00 25.04 ? 684 VAL A CB  1 
ATOM   784  C  CG1 . VAL A 1 103 ? 1.151   -5.197  8.855   1.00 28.66 ? 684 VAL A CG1 1 
ATOM   785  C  CG2 . VAL A 1 103 ? -0.948  -5.122  7.494   1.00 26.70 ? 684 VAL A CG2 1 
ATOM   786  N  N   . THR A 1 104 ? 1.614   -8.281  9.816   1.00 33.17 ? 685 THR A N   1 
ATOM   787  C  CA  . THR A 1 104 ? 2.327   -8.858  10.959  1.00 39.58 ? 685 THR A CA  1 
ATOM   788  C  C   . THR A 1 104 ? 3.789   -8.412  11.082  1.00 43.25 ? 685 THR A C   1 
ATOM   789  O  O   . THR A 1 104 ? 4.269   -7.579  10.312  1.00 41.64 ? 685 THR A O   1 
ATOM   790  C  CB  . THR A 1 104 ? 2.324   -10.396 10.881  1.00 39.30 ? 685 THR A CB  1 
ATOM   791  O  OG1 . THR A 1 104 ? 1.073   -10.851 10.354  1.00 44.00 ? 685 THR A OG1 1 
ATOM   792  C  CG2 . THR A 1 104 ? 2.522   -11.002 12.261  1.00 41.47 ? 685 THR A CG2 1 
ATOM   793  N  N   . ARG A 1 105 ? 4.470   -8.998  12.070  1.00 48.26 ? 686 ARG A N   1 
ATOM   794  C  CA  . ARG A 1 105 ? 5.883   -8.770  12.387  1.00 53.01 ? 686 ARG A CA  1 
ATOM   795  C  C   . ARG A 1 105 ? 6.345   -7.367  12.760  1.00 55.00 ? 686 ARG A C   1 
ATOM   796  O  O   . ARG A 1 105 ? 7.537   -7.158  12.993  1.00 55.82 ? 686 ARG A O   1 
ATOM   797  C  CB  . ARG A 1 105 ? 6.775   -9.292  11.256  1.00 55.01 ? 686 ARG A CB  1 
ATOM   798  C  CG  . ARG A 1 105 ? 7.662   -10.462 11.665  1.00 57.41 ? 686 ARG A CG  1 
ATOM   799  C  CD  . ARG A 1 105 ? 9.120   -10.207 11.307  1.00 59.25 ? 686 ARG A CD  1 
ATOM   800  N  NE  . ARG A 1 105 ? 9.672   -9.065  12.032  1.00 61.60 ? 686 ARG A NE  1 
ATOM   801  C  CZ  . ARG A 1 105 ? 10.932  -8.649  11.931  1.00 62.61 ? 686 ARG A CZ  1 
ATOM   802  N  NH1 . ARG A 1 105 ? 11.781  -9.282  11.132  1.00 63.25 ? 686 ARG A NH1 1 
ATOM   803  N  NH2 . ARG A 1 105 ? 11.344  -7.599  12.629  1.00 62.93 ? 686 ARG A NH2 1 
ATOM   804  N  N   . HIS A 1 106 ? 5.428   -6.408  12.824  1.00 57.34 ? 687 HIS A N   1 
ATOM   805  C  CA  . HIS A 1 106 ? 5.799   -5.041  13.187  1.00 59.60 ? 687 HIS A CA  1 
ATOM   806  C  C   . HIS A 1 106 ? 6.825   -4.442  12.225  1.00 60.27 ? 687 HIS A C   1 
ATOM   807  O  O   . HIS A 1 106 ? 7.173   -5.111  11.228  1.00 61.45 ? 687 HIS A O   1 
ATOM   808  C  CB  . HIS A 1 106 ? 6.370   -5.004  14.612  1.00 61.42 ? 687 HIS A CB  1 
ATOM   809  C  CG  . HIS A 1 106 ? 5.345   -5.200  15.687  1.00 62.85 ? 687 HIS A CG  1 
ATOM   810  N  ND1 . HIS A 1 106 ? 4.326   -4.298  15.917  1.00 63.51 ? 687 HIS A ND1 1 
ATOM   811  C  CD2 . HIS A 1 106 ? 5.186   -6.187  16.600  1.00 63.12 ? 687 HIS A CD2 1 
ATOM   812  C  CE1 . HIS A 1 106 ? 3.585   -4.722  16.923  1.00 63.55 ? 687 HIS A CE1 1 
ATOM   813  N  NE2 . HIS A 1 106 ? 4.085   -5.867  17.357  1.00 63.64 ? 687 HIS A NE2 1 
ATOM   814  N  N   . GLY B 1 1   ? -3.530  -16.189 -3.177  1.00 28.46 ? 582 GLY B N   1 
ATOM   815  C  CA  . GLY B 1 1   ? -2.933  -15.137 -2.314  1.00 29.42 ? 582 GLY B CA  1 
ATOM   816  C  C   . GLY B 1 1   ? -1.414  -15.147 -2.332  1.00 28.42 ? 582 GLY B C   1 
ATOM   817  O  O   . GLY B 1 1   ? -0.793  -16.056 -2.894  1.00 30.16 ? 582 GLY B O   1 
ATOM   818  N  N   . SER B 1 2   ? -0.816  -14.133 -1.721  1.00 27.02 ? 583 SER B N   1 
ATOM   819  C  CA  . SER B 1 2   ? 0.639   -14.011 -1.653  1.00 25.69 ? 583 SER B CA  1 
ATOM   820  C  C   . SER B 1 2   ? 1.061   -13.320 -0.369  1.00 25.11 ? 583 SER B C   1 
ATOM   821  O  O   . SER B 1 2   ? 0.268   -12.646 0.283   1.00 23.15 ? 583 SER B O   1 
ATOM   822  C  CB  . SER B 1 2   ? 1.184   -13.168 -2.818  1.00 25.43 ? 583 SER B CB  1 
ATOM   823  O  OG  . SER B 1 2   ? 0.896   -13.730 -4.086  1.00 26.88 ? 583 SER B OG  1 
ATOM   824  N  N   . ASP B 1 3   ? 2.326   -13.499 -0.013  1.00 23.73 ? 584 ASP B N   1 
ATOM   825  C  CA  . ASP B 1 3   ? 2.897   -12.846 1.144   1.00 24.20 ? 584 ASP B CA  1 
ATOM   826  C  C   . ASP B 1 3   ? 3.720   -11.716 0.555   1.00 25.20 ? 584 ASP B C   1 
ATOM   827  O  O   . ASP B 1 3   ? 4.352   -11.888 -0.490  1.00 27.04 ? 584 ASP B O   1 
ATOM   828  C  CB  . ASP B 1 3   ? 3.858   -13.769 1.893   1.00 25.42 ? 584 ASP B CB  1 
ATOM   829  C  CG  . ASP B 1 3   ? 3.188   -14.551 3.000   1.00 28.40 ? 584 ASP B CG  1 
ATOM   830  O  OD1 . ASP B 1 3   ? 1.943   -14.475 3.141   1.00 28.50 ? 584 ASP B OD1 1 
ATOM   831  O  OD2 . ASP B 1 3   ? 3.927   -15.244 3.730   1.00 27.22 ? 584 ASP B OD2 1 
ATOM   832  N  N   . TYR B 1 4   ? 3.708   -10.563 1.211   1.00 23.63 ? 585 TYR B N   1 
ATOM   833  C  CA  . TYR B 1 4   ? 4.510   -9.440  0.763   1.00 24.97 ? 585 TYR B CA  1 
ATOM   834  C  C   . TYR B 1 4   ? 5.411   -8.997  1.902   1.00 24.49 ? 585 TYR B C   1 
ATOM   835  O  O   . TYR B 1 4   ? 4.932   -8.536  2.940   1.00 25.28 ? 585 TYR B O   1 
ATOM   836  C  CB  . TYR B 1 4   ? 3.633   -8.264  0.323   1.00 25.79 ? 585 TYR B CB  1 
ATOM   837  C  CG  . TYR B 1 4   ? 2.823   -8.538  -0.912  1.00 26.13 ? 585 TYR B CG  1 
ATOM   838  C  CD1 . TYR B 1 4   ? 1.553   -9.104  -0.822  1.00 27.69 ? 585 TYR B CD1 1 
ATOM   839  C  CD2 . TYR B 1 4   ? 3.347   -8.280  -2.184  1.00 27.67 ? 585 TYR B CD2 1 
ATOM   840  C  CE1 . TYR B 1 4   ? 0.828   -9.410  -1.959  1.00 29.50 ? 585 TYR B CE1 1 
ATOM   841  C  CE2 . TYR B 1 4   ? 2.623   -8.587  -3.332  1.00 29.08 ? 585 TYR B CE2 1 
ATOM   842  C  CZ  . TYR B 1 4   ? 1.367   -9.152  -3.212  1.00 30.09 ? 585 TYR B CZ  1 
ATOM   843  O  OH  . TYR B 1 4   ? 0.639   -9.474  -4.334  1.00 30.75 ? 585 TYR B OH  1 
ATOM   844  N  N   . ILE B 1 5   ? 6.719   -9.166  1.724   1.00 23.35 ? 586 ILE B N   1 
ATOM   845  C  CA  . ILE B 1 5   ? 7.663   -8.734  2.746   1.00 23.74 ? 586 ILE B CA  1 
ATOM   846  C  C   . ILE B 1 5   ? 7.930   -7.262  2.473   1.00 24.87 ? 586 ILE B C   1 
ATOM   847  O  O   . ILE B 1 5   ? 8.385   -6.894  1.389   1.00 25.57 ? 586 ILE B O   1 
ATOM   848  C  CB  . ILE B 1 5   ? 8.996   -9.495  2.665   1.00 23.94 ? 586 ILE B CB  1 
ATOM   849  C  CG1 . ILE B 1 5   ? 8.752   -11.005 2.707   1.00 26.33 ? 586 ILE B CG1 1 
ATOM   850  C  CG2 . ILE B 1 5   ? 9.894   -9.066  3.814   1.00 26.08 ? 586 ILE B CG2 1 
ATOM   851  C  CD1 . ILE B 1 5   ? 8.110   -11.478 3.980   1.00 28.48 ? 586 ILE B CD1 1 
ATOM   852  N  N   . ILE B 1 6   ? 7.628   -6.421  3.452   1.00 23.93 ? 587 ILE B N   1 
ATOM   853  C  CA  . ILE B 1 6   ? 7.812   -4.987  3.295   1.00 26.19 ? 587 ILE B CA  1 
ATOM   854  C  C   . ILE B 1 6   ? 8.894   -4.448  4.212   1.00 27.77 ? 587 ILE B C   1 
ATOM   855  O  O   . ILE B 1 6   ? 8.871   -4.671  5.422   1.00 27.70 ? 587 ILE B O   1 
ATOM   856  C  CB  . ILE B 1 6   ? 6.510   -4.219  3.605   1.00 27.99 ? 587 ILE B CB  1 
ATOM   857  C  CG1 . ILE B 1 6   ? 5.341   -4.810  2.809   1.00 29.59 ? 587 ILE B CG1 1 
ATOM   858  C  CG2 . ILE B 1 6   ? 6.689   -2.737  3.284   1.00 29.60 ? 587 ILE B CG2 1 
ATOM   859  C  CD1 . ILE B 1 6   ? 5.516   -4.776  1.317   1.00 26.42 ? 587 ILE B CD1 1 
ATOM   860  N  N   . LYS B 1 7   ? 9.857   -3.749  3.626   1.00 28.33 ? 588 LYS B N   1 
ATOM   861  C  CA  . LYS B 1 7   ? 10.925  -3.146  4.412   1.00 30.84 ? 588 LYS B CA  1 
ATOM   862  C  C   . LYS B 1 7   ? 10.997  -1.678  4.024   1.00 31.18 ? 588 LYS B C   1 
ATOM   863  O  O   . LYS B 1 7   ? 11.284  -1.354  2.873   1.00 30.36 ? 588 LYS B O   1 
ATOM   864  C  CB  . LYS B 1 7   ? 12.270  -3.828  4.134   1.00 32.50 ? 588 LYS B CB  1 
ATOM   865  C  CG  . LYS B 1 7   ? 13.403  -3.309  5.024   1.00 36.93 ? 588 LYS B CG  1 
ATOM   866  C  CD  . LYS B 1 7   ? 14.704  -4.073  4.820   1.00 41.00 ? 588 LYS B CD  1 
ATOM   867  C  CE  . LYS B 1 7   ? 15.778  -3.561  5.771   1.00 43.33 ? 588 LYS B CE  1 
ATOM   868  N  NZ  . LYS B 1 7   ? 17.074  -4.285  5.604   1.00 46.29 ? 588 LYS B NZ  1 
ATOM   869  N  N   . GLU B 1 8   ? 10.714  -0.797  4.977   1.00 30.35 ? 589 GLU B N   1 
ATOM   870  C  CA  . GLU B 1 8   ? 10.760  0.632   4.716   1.00 31.01 ? 589 GLU B CA  1 
ATOM   871  C  C   . GLU B 1 8   ? 12.153  1.146   5.054   1.00 32.49 ? 589 GLU B C   1 
ATOM   872  O  O   . GLU B 1 8   ? 12.783  0.683   6.004   1.00 31.32 ? 589 GLU B O   1 
ATOM   873  C  CB  . GLU B 1 8   ? 9.700   1.365   5.547   1.00 33.80 ? 589 GLU B CB  1 
ATOM   874  C  CG  . GLU B 1 8   ? 9.624   2.862   5.284   1.00 37.18 ? 589 GLU B CG  1 
ATOM   875  C  CD  . GLU B 1 8   ? 8.411   3.518   5.926   1.00 39.62 ? 589 GLU B CD  1 
ATOM   876  O  OE1 . GLU B 1 8   ? 7.273   3.230   5.493   1.00 40.13 ? 589 GLU B OE1 1 
ATOM   877  O  OE2 . GLU B 1 8   ? 8.599   4.317   6.872   1.00 40.99 ? 589 GLU B OE2 1 
ATOM   878  N  N   . LYS B 1 9   ? 12.636  2.095   4.261   1.00 31.11 ? 590 LYS B N   1 
ATOM   879  C  CA  . LYS B 1 9   ? 13.965  2.658   4.470   1.00 31.86 ? 590 LYS B CA  1 
ATOM   880  C  C   . LYS B 1 9   ? 13.966  4.158   4.220   1.00 30.49 ? 590 LYS B C   1 
ATOM   881  O  O   . LYS B 1 9   ? 13.420  4.631   3.221   1.00 29.46 ? 590 LYS B O   1 
ATOM   882  C  CB  . LYS B 1 9   ? 14.972  1.988   3.523   1.00 32.75 ? 590 LYS B CB  1 
ATOM   883  C  CG  . LYS B 1 9   ? 14.966  0.466   3.589   1.00 35.71 ? 590 LYS B CG  1 
ATOM   884  C  CD  . LYS B 1 9   ? 15.944  -0.182  2.612   1.00 38.62 ? 590 LYS B CD  1 
ATOM   885  C  CE  . LYS B 1 9   ? 15.506  -0.038  1.160   1.00 39.44 ? 590 LYS B CE  1 
ATOM   886  N  NZ  . LYS B 1 9   ? 16.299  -0.926  0.255   1.00 38.69 ? 590 LYS B NZ  1 
ATOM   887  N  N   . THR B 1 10  ? 14.568  4.907   5.139   1.00 28.47 ? 591 THR B N   1 
ATOM   888  C  CA  . THR B 1 10  ? 14.682  6.350   4.977   1.00 26.88 ? 591 THR B CA  1 
ATOM   889  C  C   . THR B 1 10  ? 16.165  6.675   5.029   1.00 26.79 ? 591 THR B C   1 
ATOM   890  O  O   . THR B 1 10  ? 16.825  6.433   6.039   1.00 26.65 ? 591 THR B O   1 
ATOM   891  C  CB  . THR B 1 10  ? 13.961  7.119   6.081   1.00 27.24 ? 591 THR B CB  1 
ATOM   892  O  OG1 . THR B 1 10  ? 12.579  6.739   6.095   1.00 28.17 ? 591 THR B OG1 1 
ATOM   893  C  CG2 . THR B 1 10  ? 14.062  8.615   5.815   1.00 26.60 ? 591 THR B CG2 1 
ATOM   894  N  N   . VAL B 1 11  ? 16.686  7.213   3.932   1.00 24.11 ? 592 VAL B N   1 
ATOM   895  C  CA  . VAL B 1 11  ? 18.105  7.529   3.854   1.00 25.68 ? 592 VAL B CA  1 
ATOM   896  C  C   . VAL B 1 11  ? 18.388  8.945   3.395   1.00 26.86 ? 592 VAL B C   1 
ATOM   897  O  O   . VAL B 1 11  ? 17.538  9.608   2.799   1.00 26.51 ? 592 VAL B O   1 
ATOM   898  C  CB  . VAL B 1 11  ? 18.839  6.560   2.897   1.00 24.16 ? 592 VAL B CB  1 
ATOM   899  C  CG1 . VAL B 1 11  ? 18.697  5.139   3.394   1.00 25.60 ? 592 VAL B CG1 1 
ATOM   900  C  CG2 . VAL B 1 11  ? 18.290  6.685   1.488   1.00 22.32 ? 592 VAL B CG2 1 
ATOM   901  N  N   . LEU B 1 12  ? 19.601  9.398   3.688   1.00 27.41 ? 593 LEU B N   1 
ATOM   902  C  CA  . LEU B 1 12  ? 20.040  10.725  3.309   1.00 26.90 ? 593 LEU B CA  1 
ATOM   903  C  C   . LEU B 1 12  ? 21.210  10.569  2.360   1.00 28.05 ? 593 LEU B C   1 
ATOM   904  O  O   . LEU B 1 12  ? 22.257  10.045  2.741   1.00 28.30 ? 593 LEU B O   1 
ATOM   905  C  CB  . LEU B 1 12  ? 20.473  11.517  4.543   1.00 26.88 ? 593 LEU B CB  1 
ATOM   906  C  CG  . LEU B 1 12  ? 21.074  12.906  4.300   1.00 27.54 ? 593 LEU B CG  1 
ATOM   907  C  CD1 . LEU B 1 12  ? 20.102  13.787  3.520   1.00 27.20 ? 593 LEU B CD1 1 
ATOM   908  C  CD2 . LEU B 1 12  ? 21.404  13.539  5.648   1.00 28.79 ? 593 LEU B CD2 1 
ATOM   909  N  N   . LEU B 1 13  ? 21.029  11.015  1.124   1.00 28.93 ? 594 LEU B N   1 
ATOM   910  C  CA  . LEU B 1 13  ? 22.090  10.923  0.133   1.00 30.52 ? 594 LEU B CA  1 
ATOM   911  C  C   . LEU B 1 13  ? 22.792  12.264  -0.041  1.00 32.67 ? 594 LEU B C   1 
ATOM   912  O  O   . LEU B 1 13  ? 22.155  13.319  -0.081  1.00 32.98 ? 594 LEU B O   1 
ATOM   913  C  CB  . LEU B 1 13  ? 21.533  10.479  -1.222  1.00 30.37 ? 594 LEU B CB  1 
ATOM   914  C  CG  . LEU B 1 13  ? 20.582  9.282   -1.257  1.00 29.95 ? 594 LEU B CG  1 
ATOM   915  C  CD1 . LEU B 1 13  ? 20.297  8.924   -2.703  1.00 29.29 ? 594 LEU B CD1 1 
ATOM   916  C  CD2 . LEU B 1 13  ? 21.182  8.107   -0.528  1.00 31.27 ? 594 LEU B CD2 1 
ATOM   917  N  N   . GLN B 1 14  ? 24.113  12.212  -0.144  1.00 34.23 ? 595 GLN B N   1 
ATOM   918  C  CA  . GLN B 1 14  ? 24.918  13.408  -0.341  1.00 37.02 ? 595 GLN B CA  1 
ATOM   919  C  C   . GLN B 1 14  ? 25.942  13.071  -1.419  1.00 37.91 ? 595 GLN B C   1 
ATOM   920  O  O   . GLN B 1 14  ? 26.712  12.122  -1.286  1.00 38.59 ? 595 GLN B O   1 
ATOM   921  C  CB  . GLN B 1 14  ? 25.595  13.808  0.975   1.00 38.70 ? 595 GLN B CB  1 
ATOM   922  C  CG  . GLN B 1 14  ? 24.902  14.965  1.696   1.00 41.67 ? 595 GLN B CG  1 
ATOM   923  C  CD  . GLN B 1 14  ? 24.752  14.742  3.196   1.00 43.78 ? 595 GLN B CD  1 
ATOM   924  O  OE1 . GLN B 1 14  ? 25.594  14.110  3.833   1.00 45.31 ? 595 GLN B OE1 1 
ATOM   925  N  NE2 . GLN B 1 14  ? 23.679  15.280  3.767   1.00 45.69 ? 595 GLN B NE2 1 
ATOM   926  N  N   . LYS B 1 15  ? 25.930  13.832  -2.505  1.00 39.81 ? 596 LYS B N   1 
ATOM   927  C  CA  . LYS B 1 15  ? 26.851  13.571  -3.599  1.00 41.82 ? 596 LYS B CA  1 
ATOM   928  C  C   . LYS B 1 15  ? 27.693  14.783  -3.949  1.00 43.11 ? 596 LYS B C   1 
ATOM   929  O  O   . LYS B 1 15  ? 27.438  15.890  -3.476  1.00 42.11 ? 596 LYS B O   1 
ATOM   930  C  CB  . LYS B 1 15  ? 26.074  13.138  -4.845  1.00 40.95 ? 596 LYS B CB  1 
ATOM   931  C  CG  . LYS B 1 15  ? 25.199  14.240  -5.430  1.00 41.25 ? 596 LYS B CG  1 
ATOM   932  C  CD  . LYS B 1 15  ? 24.562  13.812  -6.741  1.00 40.61 ? 596 LYS B CD  1 
ATOM   933  C  CE  . LYS B 1 15  ? 23.761  14.944  -7.361  1.00 40.66 ? 596 LYS B CE  1 
ATOM   934  N  NZ  . LYS B 1 15  ? 24.616  16.114  -7.693  1.00 41.67 ? 596 LYS B NZ  1 
ATOM   935  N  N   . LYS B 1 16  ? 28.697  14.554  -4.789  1.00 45.73 ? 597 LYS B N   1 
ATOM   936  C  CA  . LYS B 1 16  ? 29.582  15.613  -5.252  1.00 48.64 ? 597 LYS B CA  1 
ATOM   937  C  C   . LYS B 1 16  ? 28.914  16.177  -6.502  1.00 50.34 ? 597 LYS B C   1 
ATOM   938  O  O   . LYS B 1 16  ? 27.890  15.655  -6.949  1.00 50.18 ? 597 LYS B O   1 
ATOM   939  C  CB  . LYS B 1 16  ? 30.945  15.028  -5.625  1.00 49.15 ? 597 LYS B CB  1 
ATOM   940  C  CG  . LYS B 1 16  ? 31.535  14.098  -4.583  1.00 50.33 ? 597 LYS B CG  1 
ATOM   941  C  CD  . LYS B 1 16  ? 32.707  13.318  -5.151  1.00 51.27 ? 597 LYS B CD  1 
ATOM   942  C  CE  . LYS B 1 16  ? 33.205  12.272  -4.165  1.00 51.69 ? 597 LYS B CE  1 
ATOM   943  N  NZ  . LYS B 1 16  ? 34.250  11.388  -4.762  1.00 51.47 ? 597 LYS B NZ  1 
ATOM   944  N  N   . ASP B 1 17  ? 29.483  17.236  -7.071  1.00 52.03 ? 598 ASP B N   1 
ATOM   945  C  CA  . ASP B 1 17  ? 28.914  17.817  -8.282  1.00 52.66 ? 598 ASP B CA  1 
ATOM   946  C  C   . ASP B 1 17  ? 29.372  17.034  -9.508  1.00 52.60 ? 598 ASP B C   1 
ATOM   947  O  O   . ASP B 1 17  ? 28.717  17.055  -10.550 1.00 52.85 ? 598 ASP B O   1 
ATOM   948  C  CB  . ASP B 1 17  ? 29.321  19.288  -8.416  1.00 55.00 ? 598 ASP B CB  1 
ATOM   949  C  CG  . ASP B 1 17  ? 28.453  20.209  -7.580  1.00 56.12 ? 598 ASP B CG  1 
ATOM   950  O  OD1 . ASP B 1 17  ? 28.347  19.983  -6.356  1.00 57.73 ? 598 ASP B OD1 1 
ATOM   951  O  OD2 . ASP B 1 17  ? 27.876  21.163  -8.146  1.00 57.22 ? 598 ASP B OD2 1 
ATOM   952  N  N   . SER B 1 18  ? 30.497  16.339  -9.372  1.00 52.01 ? 599 SER B N   1 
ATOM   953  C  CA  . SER B 1 18  ? 31.049  15.544  -10.465 1.00 51.48 ? 599 SER B CA  1 
ATOM   954  C  C   . SER B 1 18  ? 30.362  14.183  -10.519 1.00 50.97 ? 599 SER B C   1 
ATOM   955  O  O   . SER B 1 18  ? 30.904  13.228  -11.082 1.00 51.18 ? 599 SER B O   1 
ATOM   956  C  CB  . SER B 1 18  ? 32.550  15.333  -10.261 1.00 51.37 ? 599 SER B CB  1 
ATOM   957  O  OG  . SER B 1 18  ? 32.805  14.565  -9.100  1.00 51.73 ? 599 SER B OG  1 
ATOM   958  N  N   . GLU B 1 19  ? 29.169  14.096  -9.934  1.00 49.78 ? 600 GLU B N   1 
ATOM   959  C  CA  . GLU B 1 19  ? 28.436  12.838  -9.912  1.00 48.92 ? 600 GLU B CA  1 
ATOM   960  C  C   . GLU B 1 19  ? 26.944  12.972  -9.642  1.00 47.02 ? 600 GLU B C   1 
ATOM   961  O  O   . GLU B 1 19  ? 26.450  14.036  -9.262  1.00 46.24 ? 600 GLU B O   1 
ATOM   962  C  CB  . GLU B 1 19  ? 29.036  11.907  -8.860  1.00 49.71 ? 600 GLU B CB  1 
ATOM   963  C  CG  . GLU B 1 19  ? 29.227  12.562  -7.506  1.00 50.90 ? 600 GLU B CG  1 
ATOM   964  C  CD  . GLU B 1 19  ? 29.376  11.554  -6.388  1.00 51.74 ? 600 GLU B CD  1 
ATOM   965  O  OE1 . GLU B 1 19  ? 29.879  10.438  -6.650  1.00 53.18 ? 600 GLU B OE1 1 
ATOM   966  O  OE2 . GLU B 1 19  ? 28.999  11.884  -5.245  1.00 51.84 ? 600 GLU B OE2 1 
ATOM   967  N  N   . GLY B 1 20  ? 26.238  11.865  -9.849  1.00 44.87 ? 601 GLY B N   1 
ATOM   968  C  CA  . GLY B 1 20  ? 24.808  11.822  -9.609  1.00 41.79 ? 601 GLY B CA  1 
ATOM   969  C  C   . GLY B 1 20  ? 24.587  10.950  -8.390  1.00 39.44 ? 601 GLY B C   1 
ATOM   970  O  O   . GLY B 1 20  ? 25.550  10.447  -7.808  1.00 39.37 ? 601 GLY B O   1 
ATOM   971  N  N   . PHE B 1 21  ? 23.331  10.764  -8.000  1.00 37.34 ? 602 PHE B N   1 
ATOM   972  C  CA  . PHE B 1 21  ? 23.020  9.939   -6.844  1.00 34.05 ? 602 PHE B CA  1 
ATOM   973  C  C   . PHE B 1 21  ? 23.215  8.457   -7.132  1.00 32.48 ? 602 PHE B C   1 
ATOM   974  O  O   . PHE B 1 21  ? 23.321  7.642   -6.216  1.00 30.99 ? 602 PHE B O   1 
ATOM   975  C  CB  . PHE B 1 21  ? 21.592  10.222  -6.373  1.00 33.61 ? 602 PHE B CB  1 
ATOM   976  C  CG  . PHE B 1 21  ? 21.426  11.574  -5.743  1.00 32.24 ? 602 PHE B CG  1 
ATOM   977  C  CD1 . PHE B 1 21  ? 20.716  12.581  -6.390  1.00 30.03 ? 602 PHE B CD1 1 
ATOM   978  C  CD2 . PHE B 1 21  ? 22.006  11.847  -4.506  1.00 31.54 ? 602 PHE B CD2 1 
ATOM   979  C  CE1 . PHE B 1 21  ? 20.587  13.847  -5.811  1.00 30.31 ? 602 PHE B CE1 1 
ATOM   980  C  CE2 . PHE B 1 21  ? 21.883  13.107  -3.920  1.00 30.53 ? 602 PHE B CE2 1 
ATOM   981  C  CZ  . PHE B 1 21  ? 21.173  14.109  -4.573  1.00 30.00 ? 602 PHE B CZ  1 
ATOM   982  N  N   . GLY B 1 22  ? 23.261  8.116   -8.414  1.00 30.78 ? 603 GLY B N   1 
ATOM   983  C  CA  . GLY B 1 22  ? 23.474  6.734   -8.794  1.00 30.16 ? 603 GLY B CA  1 
ATOM   984  C  C   . GLY B 1 22  ? 22.259  5.827   -8.844  1.00 29.50 ? 603 GLY B C   1 
ATOM   985  O  O   . GLY B 1 22  ? 22.264  4.741   -8.256  1.00 29.07 ? 603 GLY B O   1 
ATOM   986  N  N   . PHE B 1 23  ? 21.208  6.270   -9.525  1.00 28.08 ? 604 PHE B N   1 
ATOM   987  C  CA  . PHE B 1 23  ? 20.013  5.450   -9.679  1.00 27.67 ? 604 PHE B CA  1 
ATOM   988  C  C   . PHE B 1 23  ? 19.176  5.916   -10.855 1.00 27.08 ? 604 PHE B C   1 
ATOM   989  O  O   . PHE B 1 23  ? 19.273  7.063   -11.288 1.00 28.69 ? 604 PHE B O   1 
ATOM   990  C  CB  . PHE B 1 23  ? 19.171  5.420   -8.387  1.00 26.95 ? 604 PHE B CB  1 
ATOM   991  C  CG  . PHE B 1 23  ? 18.527  6.736   -8.019  1.00 26.66 ? 604 PHE B CG  1 
ATOM   992  C  CD1 . PHE B 1 23  ? 17.435  7.226   -8.732  1.00 27.90 ? 604 PHE B CD1 1 
ATOM   993  C  CD2 . PHE B 1 23  ? 18.982  7.457   -6.918  1.00 25.50 ? 604 PHE B CD2 1 
ATOM   994  C  CE1 . PHE B 1 23  ? 16.802  8.409   -8.350  1.00 26.67 ? 604 PHE B CE1 1 
ATOM   995  C  CE2 . PHE B 1 23  ? 18.359  8.637   -6.528  1.00 26.35 ? 604 PHE B CE2 1 
ATOM   996  C  CZ  . PHE B 1 23  ? 17.265  9.117   -7.243  1.00 25.89 ? 604 PHE B CZ  1 
ATOM   997  N  N   . VAL B 1 24  ? 18.374  4.999   -11.383 1.00 26.07 ? 605 VAL B N   1 
ATOM   998  C  CA  . VAL B 1 24  ? 17.489  5.290   -12.494 1.00 25.24 ? 605 VAL B CA  1 
ATOM   999  C  C   . VAL B 1 24  ? 16.075  5.205   -11.947 1.00 26.18 ? 605 VAL B C   1 
ATOM   1000 O  O   . VAL B 1 24  ? 15.631  4.137   -11.518 1.00 22.91 ? 605 VAL B O   1 
ATOM   1001 C  CB  . VAL B 1 24  ? 17.655  4.262   -13.631 1.00 25.06 ? 605 VAL B CB  1 
ATOM   1002 C  CG1 . VAL B 1 24  ? 16.659  4.556   -14.752 1.00 24.01 ? 605 VAL B CG1 1 
ATOM   1003 C  CG2 . VAL B 1 24  ? 19.076  4.310   -14.168 1.00 25.41 ? 605 VAL B CG2 1 
ATOM   1004 N  N   . LEU B 1 25  ? 15.379  6.336   -11.953 1.00 27.49 ? 606 LEU B N   1 
ATOM   1005 C  CA  . LEU B 1 25  ? 14.019  6.392   -11.446 1.00 31.80 ? 606 LEU B CA  1 
ATOM   1006 C  C   . LEU B 1 25  ? 13.049  6.144   -12.586 1.00 34.08 ? 606 LEU B C   1 
ATOM   1007 O  O   . LEU B 1 25  ? 13.182  6.719   -13.668 1.00 36.05 ? 606 LEU B O   1 
ATOM   1008 C  CB  . LEU B 1 25  ? 13.745  7.757   -10.814 1.00 32.46 ? 606 LEU B CB  1 
ATOM   1009 C  CG  . LEU B 1 25  ? 12.435  7.876   -10.035 1.00 33.42 ? 606 LEU B CG  1 
ATOM   1010 C  CD1 . LEU B 1 25  ? 12.500  6.999   -8.794  1.00 32.80 ? 606 LEU B CD1 1 
ATOM   1011 C  CD2 . LEU B 1 25  ? 12.198  9.321   -9.653  1.00 34.21 ? 606 LEU B CD2 1 
ATOM   1012 N  N   . ARG B 1 26  ? 12.073  5.278   -12.345 1.00 35.94 ? 607 ARG B N   1 
ATOM   1013 C  CA  . ARG B 1 26  ? 11.089  4.944   -13.363 1.00 38.09 ? 607 ARG B CA  1 
ATOM   1014 C  C   . ARG B 1 26  ? 9.681   5.157   -12.827 1.00 39.21 ? 607 ARG B C   1 
ATOM   1015 O  O   . ARG B 1 26  ? 9.407   4.885   -11.657 1.00 36.15 ? 607 ARG B O   1 
ATOM   1016 C  CB  . ARG B 1 26  ? 11.261  3.486   -13.786 1.00 39.40 ? 607 ARG B CB  1 
ATOM   1017 C  CG  . ARG B 1 26  ? 10.355  3.052   -14.926 1.00 43.90 ? 607 ARG B CG  1 
ATOM   1018 C  CD  . ARG B 1 26  ? 10.605  1.595   -15.269 1.00 47.07 ? 607 ARG B CD  1 
ATOM   1019 N  NE  . ARG B 1 26  ? 9.846   1.141   -16.431 1.00 49.61 ? 607 ARG B NE  1 
ATOM   1020 C  CZ  . ARG B 1 26  ? 9.868   -0.106  -16.891 1.00 51.11 ? 607 ARG B CZ  1 
ATOM   1021 N  NH1 . ARG B 1 26  ? 10.608  -1.026  -16.286 1.00 51.82 ? 607 ARG B NH1 1 
ATOM   1022 N  NH2 . ARG B 1 26  ? 9.152   -0.432  -17.958 1.00 51.58 ? 607 ARG B NH2 1 
ATOM   1023 N  N   . GLY B 1 27  ? 8.803   5.659   -13.691 1.00 40.30 ? 608 GLY B N   1 
ATOM   1024 C  CA  . GLY B 1 27  ? 7.424   5.887   -13.304 1.00 43.30 ? 608 GLY B CA  1 
ATOM   1025 C  C   . GLY B 1 27  ? 6.612   4.670   -13.692 1.00 45.96 ? 608 GLY B C   1 
ATOM   1026 O  O   . GLY B 1 27  ? 6.833   4.090   -14.756 1.00 46.32 ? 608 GLY B O   1 
ATOM   1027 N  N   . ALA B 1 28  ? 5.684   4.273   -12.831 1.00 48.69 ? 609 ALA B N   1 
ATOM   1028 C  CA  . ALA B 1 28  ? 4.850   3.106   -13.092 1.00 50.46 ? 609 ALA B CA  1 
ATOM   1029 C  C   . ALA B 1 28  ? 4.084   3.252   -14.401 1.00 51.48 ? 609 ALA B C   1 
ATOM   1030 O  O   . ALA B 1 28  ? 3.791   2.269   -15.076 1.00 53.31 ? 609 ALA B O   1 
ATOM   1031 C  CB  . ALA B 1 28  ? 3.880   2.891   -11.932 1.00 50.29 ? 609 ALA B CB  1 
ATOM   1032 N  N   . ILE B 1 34  ? -3.159  6.761   -17.901 1.00 64.91 ? 615 ILE B N   1 
ATOM   1033 C  CA  . ILE B 1 34  ? -3.456  6.614   -16.482 1.00 65.03 ? 615 ILE B CA  1 
ATOM   1034 C  C   . ILE B 1 34  ? -2.419  7.347   -15.634 1.00 64.83 ? 615 ILE B C   1 
ATOM   1035 O  O   . ILE B 1 34  ? -1.219  7.239   -15.877 1.00 65.48 ? 615 ILE B O   1 
ATOM   1036 C  CB  . ILE B 1 34  ? -3.458  5.126   -16.055 1.00 65.11 ? 615 ILE B CB  1 
ATOM   1037 C  CG1 . ILE B 1 34  ? -4.367  4.316   -16.982 1.00 65.16 ? 615 ILE B CG1 1 
ATOM   1038 C  CG2 . ILE B 1 34  ? -3.935  5.002   -14.612 1.00 64.84 ? 615 ILE B CG2 1 
ATOM   1039 C  CD1 . ILE B 1 34  ? -4.302  2.820   -16.747 1.00 65.15 ? 615 ILE B CD1 1 
ATOM   1040 N  N   . GLU B 1 35  ? -2.898  8.090   -14.642 1.00 64.44 ? 616 GLU B N   1 
ATOM   1041 C  CA  . GLU B 1 35  ? -2.038  8.840   -13.733 1.00 63.91 ? 616 GLU B CA  1 
ATOM   1042 C  C   . GLU B 1 35  ? -2.755  8.946   -12.396 1.00 62.91 ? 616 GLU B C   1 
ATOM   1043 O  O   . GLU B 1 35  ? -2.306  9.637   -11.480 1.00 63.61 ? 616 GLU B O   1 
ATOM   1044 C  CB  . GLU B 1 35  ? -1.751  10.235  -14.300 1.00 64.92 ? 616 GLU B CB  1 
ATOM   1045 C  CG  . GLU B 1 35  ? -0.789  10.236  -15.479 1.00 66.04 ? 616 GLU B CG  1 
ATOM   1046 C  CD  . GLU B 1 35  ? -0.772  11.555  -16.230 1.00 66.79 ? 616 GLU B CD  1 
ATOM   1047 O  OE1 . GLU B 1 35  ? -0.630  12.613  -15.583 1.00 67.74 ? 616 GLU B OE1 1 
ATOM   1048 O  OE2 . GLU B 1 35  ? -0.901  11.531  -17.473 1.00 66.57 ? 616 GLU B OE2 1 
ATOM   1049 N  N   . GLU B 1 36  ? -3.885  8.252   -12.310 1.00 61.37 ? 617 GLU B N   1 
ATOM   1050 C  CA  . GLU B 1 36  ? -4.701  8.217   -11.105 1.00 58.85 ? 617 GLU B CA  1 
ATOM   1051 C  C   . GLU B 1 36  ? -4.682  6.803   -10.535 1.00 56.19 ? 617 GLU B C   1 
ATOM   1052 O  O   . GLU B 1 36  ? -5.530  5.974   -10.874 1.00 57.36 ? 617 GLU B O   1 
ATOM   1053 C  CB  . GLU B 1 36  ? -6.138  8.618   -11.429 1.00 59.11 ? 617 GLU B CB  1 
ATOM   1054 C  CG  . GLU B 1 36  ? -7.066  8.552   -10.241 1.00 60.71 ? 617 GLU B CG  1 
ATOM   1055 C  CD  . GLU B 1 36  ? -6.459  9.194   -9.012  1.00 61.24 ? 617 GLU B CD  1 
ATOM   1056 O  OE1 . GLU B 1 36  ? -5.956  10.335  -9.122  1.00 62.28 ? 617 GLU B OE1 1 
ATOM   1057 O  OE2 . GLU B 1 36  ? -6.485  8.559   -7.937  1.00 61.82 ? 617 GLU B OE2 1 
ATOM   1058 N  N   . PHE B 1 37  ? -3.710  6.524   -9.674  1.00 51.64 ? 618 PHE B N   1 
ATOM   1059 C  CA  . PHE B 1 37  ? -3.602  5.198   -9.088  1.00 46.40 ? 618 PHE B CA  1 
ATOM   1060 C  C   . PHE B 1 37  ? -3.757  5.251   -7.570  1.00 43.21 ? 618 PHE B C   1 
ATOM   1061 O  O   . PHE B 1 37  ? -3.767  6.327   -6.969  1.00 42.18 ? 618 PHE B O   1 
ATOM   1062 C  CB  . PHE B 1 37  ? -2.260  4.554   -9.506  1.00 46.09 ? 618 PHE B CB  1 
ATOM   1063 C  CG  . PHE B 1 37  ? -1.212  4.524   -8.420  1.00 43.72 ? 618 PHE B CG  1 
ATOM   1064 C  CD1 . PHE B 1 37  ? -0.501  3.354   -8.171  1.00 43.00 ? 618 PHE B CD1 1 
ATOM   1065 C  CD2 . PHE B 1 37  ? -0.951  5.644   -7.634  1.00 42.11 ? 618 PHE B CD2 1 
ATOM   1066 C  CE1 . PHE B 1 37  ? 0.441   3.290   -7.152  1.00 41.36 ? 618 PHE B CE1 1 
ATOM   1067 C  CE2 . PHE B 1 37  ? -0.011  5.590   -6.613  1.00 42.00 ? 618 PHE B CE2 1 
ATOM   1068 C  CZ  . PHE B 1 37  ? 0.687   4.410   -6.372  1.00 41.02 ? 618 PHE B CZ  1 
ATOM   1069 N  N   . THR B 1 38  ? -3.896  4.085   -6.956  1.00 39.29 ? 619 THR B N   1 
ATOM   1070 C  CA  . THR B 1 38  ? -4.041  4.013   -5.515  1.00 35.25 ? 619 THR B CA  1 
ATOM   1071 C  C   . THR B 1 38  ? -3.006  3.027   -5.009  1.00 31.60 ? 619 THR B C   1 
ATOM   1072 O  O   . THR B 1 38  ? -2.855  1.941   -5.559  1.00 30.45 ? 619 THR B O   1 
ATOM   1073 C  CB  . THR B 1 38  ? -5.442  3.528   -5.111  1.00 36.32 ? 619 THR B CB  1 
ATOM   1074 O  OG1 . THR B 1 38  ? -6.428  4.415   -5.656  1.00 37.64 ? 619 THR B OG1 1 
ATOM   1075 C  CG2 . THR B 1 38  ? -5.576  3.497   -3.592  1.00 32.70 ? 619 THR B CG2 1 
ATOM   1076 N  N   . PRO B 1 39  ? -2.277  3.398   -3.949  1.00 30.84 ? 620 PRO B N   1 
ATOM   1077 C  CA  . PRO B 1 39  ? -1.243  2.534   -3.373  1.00 29.81 ? 620 PRO B CA  1 
ATOM   1078 C  C   . PRO B 1 39  ? -1.818  1.249   -2.791  1.00 28.59 ? 620 PRO B C   1 
ATOM   1079 O  O   . PRO B 1 39  ? -2.874  1.273   -2.158  1.00 29.21 ? 620 PRO B O   1 
ATOM   1080 C  CB  . PRO B 1 39  ? -0.627  3.404   -2.269  1.00 30.28 ? 620 PRO B CB  1 
ATOM   1081 C  CG  . PRO B 1 39  ? -1.015  4.812   -2.645  1.00 33.18 ? 620 PRO B CG  1 
ATOM   1082 C  CD  . PRO B 1 39  ? -2.396  4.643   -3.178  1.00 31.16 ? 620 PRO B CD  1 
ATOM   1083 N  N   . THR B 1 40  ? -1.123  0.140   -3.012  1.00 25.64 ? 621 THR B N   1 
ATOM   1084 C  CA  . THR B 1 40  ? -1.522  -1.159  -2.474  1.00 25.08 ? 621 THR B CA  1 
ATOM   1085 C  C   . THR B 1 40  ? -0.244  -1.764  -1.912  1.00 25.22 ? 621 THR B C   1 
ATOM   1086 O  O   . THR B 1 40  ? 0.854   -1.297  -2.219  1.00 24.12 ? 621 THR B O   1 
ATOM   1087 C  CB  . THR B 1 40  ? -2.061  -2.119  -3.563  1.00 23.88 ? 621 THR B CB  1 
ATOM   1088 O  OG1 . THR B 1 40  ? -1.092  -2.251  -4.614  1.00 26.81 ? 621 THR B OG1 1 
ATOM   1089 C  CG2 . THR B 1 40  ? -3.378  -1.611  -4.129  1.00 22.60 ? 621 THR B CG2 1 
ATOM   1090 N  N   . PRO B 1 41  ? -0.364  -2.797  -1.066  1.00 25.59 ? 622 PRO B N   1 
ATOM   1091 C  CA  . PRO B 1 41  ? 0.847   -3.412  -0.510  1.00 27.20 ? 622 PRO B CA  1 
ATOM   1092 C  C   . PRO B 1 41  ? 1.785   -3.906  -1.612  1.00 27.08 ? 622 PRO B C   1 
ATOM   1093 O  O   . PRO B 1 41  ? 3.007   -3.789  -1.499  1.00 28.84 ? 622 PRO B O   1 
ATOM   1094 C  CB  . PRO B 1 41  ? 0.283   -4.544  0.344   1.00 26.08 ? 622 PRO B CB  1 
ATOM   1095 C  CG  . PRO B 1 41  ? -0.983  -3.929  0.870   1.00 24.36 ? 622 PRO B CG  1 
ATOM   1096 C  CD  . PRO B 1 41  ? -1.569  -3.286  -0.376  1.00 25.17 ? 622 PRO B CD  1 
ATOM   1097 N  N   . ALA B 1 42  ? 1.211   -4.448  -2.681  1.00 27.57 ? 623 ALA B N   1 
ATOM   1098 C  CA  . ALA B 1 42  ? 2.004   -4.952  -3.793  1.00 27.84 ? 623 ALA B CA  1 
ATOM   1099 C  C   . ALA B 1 42  ? 2.683   -3.820  -4.568  1.00 28.25 ? 623 ALA B C   1 
ATOM   1100 O  O   . ALA B 1 42  ? 3.848   -3.932  -4.950  1.00 28.49 ? 623 ALA B O   1 
ATOM   1101 C  CB  . ALA B 1 42  ? 1.126   -5.768  -4.726  1.00 30.00 ? 623 ALA B CB  1 
ATOM   1102 N  N   . PHE B 1 43  ? 1.950   -2.738  -4.800  1.00 27.03 ? 624 PHE B N   1 
ATOM   1103 C  CA  . PHE B 1 43  ? 2.478   -1.581  -5.516  1.00 26.99 ? 624 PHE B CA  1 
ATOM   1104 C  C   . PHE B 1 43  ? 2.160   -0.329  -4.719  1.00 24.84 ? 624 PHE B C   1 
ATOM   1105 O  O   . PHE B 1 43  ? 1.169   0.360   -4.975  1.00 26.01 ? 624 PHE B O   1 
ATOM   1106 C  CB  . PHE B 1 43  ? 1.878   -1.511  -6.918  1.00 30.67 ? 624 PHE B CB  1 
ATOM   1107 C  CG  . PHE B 1 43  ? 2.292   -2.655  -7.790  1.00 35.86 ? 624 PHE B CG  1 
ATOM   1108 C  CD1 . PHE B 1 43  ? 1.658   -3.891  -7.692  1.00 37.48 ? 624 PHE B CD1 1 
ATOM   1109 C  CD2 . PHE B 1 43  ? 3.361   -2.517  -8.669  1.00 36.98 ? 624 PHE B CD2 1 
ATOM   1110 C  CE1 . PHE B 1 43  ? 2.087   -4.978  -8.454  1.00 39.41 ? 624 PHE B CE1 1 
ATOM   1111 C  CE2 . PHE B 1 43  ? 3.798   -3.590  -9.433  1.00 39.40 ? 624 PHE B CE2 1 
ATOM   1112 C  CZ  . PHE B 1 43  ? 3.159   -4.827  -9.326  1.00 40.15 ? 624 PHE B CZ  1 
ATOM   1113 N  N   . PRO B 1 44  ? 3.009   -0.019  -3.728  1.00 25.86 ? 625 PRO B N   1 
ATOM   1114 C  CA  . PRO B 1 44  ? 2.881   1.133   -2.835  1.00 24.56 ? 625 PRO B CA  1 
ATOM   1115 C  C   . PRO B 1 44  ? 3.123   2.525   -3.413  1.00 23.59 ? 625 PRO B C   1 
ATOM   1116 O  O   . PRO B 1 44  ? 2.741   3.517   -2.802  1.00 24.73 ? 625 PRO B O   1 
ATOM   1117 C  CB  . PRO B 1 44  ? 3.855   0.796   -1.712  1.00 26.99 ? 625 PRO B CB  1 
ATOM   1118 C  CG  . PRO B 1 44  ? 4.949   0.089   -2.437  1.00 27.20 ? 625 PRO B CG  1 
ATOM   1119 C  CD  . PRO B 1 44  ? 4.209   -0.812  -3.400  1.00 25.34 ? 625 PRO B CD  1 
ATOM   1120 N  N   . ALA B 1 45  ? 3.747   2.612   -4.582  1.00 23.00 ? 626 ALA B N   1 
ATOM   1121 C  CA  . ALA B 1 45  ? 4.012   3.926   -5.159  1.00 21.94 ? 626 ALA B CA  1 
ATOM   1122 C  C   . ALA B 1 45  ? 4.181   3.906   -6.669  1.00 21.35 ? 626 ALA B C   1 
ATOM   1123 O  O   . ALA B 1 45  ? 4.432   2.863   -7.271  1.00 21.91 ? 626 ALA B O   1 
ATOM   1124 C  CB  . ALA B 1 45  ? 5.236   4.532   -4.506  1.00 22.77 ? 626 ALA B CB  1 
ATOM   1125 N  N   . LEU B 1 46  ? 4.062   5.086   -7.265  1.00 20.93 ? 627 LEU B N   1 
ATOM   1126 C  CA  . LEU B 1 46  ? 4.148   5.256   -8.710  1.00 23.93 ? 627 LEU B CA  1 
ATOM   1127 C  C   . LEU B 1 46  ? 5.582   5.188   -9.231  1.00 22.39 ? 627 LEU B C   1 
ATOM   1128 O  O   . LEU B 1 46  ? 5.841   4.590   -10.269 1.00 24.78 ? 627 LEU B O   1 
ATOM   1129 C  CB  . LEU B 1 46  ? 3.532   6.603   -9.082  1.00 26.16 ? 627 LEU B CB  1 
ATOM   1130 C  CG  . LEU B 1 46  ? 2.979   6.853   -10.481 1.00 30.47 ? 627 LEU B CG  1 
ATOM   1131 C  CD1 . LEU B 1 46  ? 1.925   5.806   -10.831 1.00 30.05 ? 627 LEU B CD1 1 
ATOM   1132 C  CD2 . LEU B 1 46  ? 2.366   8.261   -10.510 1.00 30.23 ? 627 LEU B CD2 1 
ATOM   1133 N  N   . GLN B 1 47  ? 6.502   5.809   -8.503  1.00 22.43 ? 628 GLN B N   1 
ATOM   1134 C  CA  . GLN B 1 47  ? 7.902   5.830   -8.906  1.00 23.12 ? 628 GLN B CA  1 
ATOM   1135 C  C   . GLN B 1 47  ? 8.695   4.776   -8.150  1.00 22.87 ? 628 GLN B C   1 
ATOM   1136 O  O   . GLN B 1 47  ? 8.477   4.549   -6.960  1.00 21.05 ? 628 GLN B O   1 
ATOM   1137 C  CB  . GLN B 1 47  ? 8.510   7.214   -8.637  1.00 25.01 ? 628 GLN B CB  1 
ATOM   1138 C  CG  . GLN B 1 47  ? 7.590   8.386   -8.993  1.00 27.29 ? 628 GLN B CG  1 
ATOM   1139 C  CD  . GLN B 1 47  ? 7.335   8.513   -10.487 1.00 29.05 ? 628 GLN B CD  1 
ATOM   1140 O  OE1 . GLN B 1 47  ? 6.302   9.044   -10.910 1.00 31.91 ? 628 GLN B OE1 1 
ATOM   1141 N  NE2 . GLN B 1 47  ? 8.279   8.039   -11.296 1.00 26.51 ? 628 GLN B NE2 1 
ATOM   1142 N  N   . TYR B 1 48  ? 9.623   4.131   -8.852  1.00 23.25 ? 629 TYR B N   1 
ATOM   1143 C  CA  . TYR B 1 48  ? 10.460  3.113   -8.232  1.00 23.58 ? 629 TYR B CA  1 
ATOM   1144 C  C   . TYR B 1 48  ? 11.850  3.110   -8.878  1.00 24.59 ? 629 TYR B C   1 
ATOM   1145 O  O   . TYR B 1 48  ? 12.038  3.622   -9.994  1.00 24.26 ? 629 TYR B O   1 
ATOM   1146 C  CB  . TYR B 1 48  ? 9.795   1.736   -8.348  1.00 27.37 ? 629 TYR B CB  1 
ATOM   1147 C  CG  . TYR B 1 48  ? 9.836   1.128   -9.732  1.00 29.70 ? 629 TYR B CG  1 
ATOM   1148 C  CD1 . TYR B 1 48  ? 10.872  0.276   -10.106 1.00 31.13 ? 629 TYR B CD1 1 
ATOM   1149 C  CD2 . TYR B 1 48  ? 8.849   1.419   -10.674 1.00 34.03 ? 629 TYR B CD2 1 
ATOM   1150 C  CE1 . TYR B 1 48  ? 10.930  -0.275  -11.382 1.00 35.06 ? 629 TYR B CE1 1 
ATOM   1151 C  CE2 . TYR B 1 48  ? 8.894   0.875   -11.961 1.00 36.12 ? 629 TYR B CE2 1 
ATOM   1152 C  CZ  . TYR B 1 48  ? 9.937   0.026   -12.307 1.00 37.35 ? 629 TYR B CZ  1 
ATOM   1153 O  OH  . TYR B 1 48  ? 9.985   -0.527  -13.569 1.00 39.77 ? 629 TYR B OH  1 
ATOM   1154 N  N   . LEU B 1 49  ? 12.819  2.547   -8.163  1.00 21.73 ? 630 LEU B N   1 
ATOM   1155 C  CA  . LEU B 1 49  ? 14.194  2.487   -8.642  1.00 22.52 ? 630 LEU B CA  1 
ATOM   1156 C  C   . LEU B 1 49  ? 14.394  1.324   -9.607  1.00 23.03 ? 630 LEU B C   1 
ATOM   1157 O  O   . LEU B 1 49  ? 14.422  0.159   -9.207  1.00 22.72 ? 630 LEU B O   1 
ATOM   1158 C  CB  . LEU B 1 49  ? 15.154  2.365   -7.457  1.00 20.74 ? 630 LEU B CB  1 
ATOM   1159 C  CG  . LEU B 1 49  ? 15.007  3.439   -6.374  1.00 22.87 ? 630 LEU B CG  1 
ATOM   1160 C  CD1 . LEU B 1 49  ? 16.044  3.206   -5.287  1.00 25.16 ? 630 LEU B CD1 1 
ATOM   1161 C  CD2 . LEU B 1 49  ? 15.174  4.827   -6.977  1.00 22.17 ? 630 LEU B CD2 1 
ATOM   1162 N  N   . GLU B 1 50  ? 14.515  1.646   -10.887 1.00 22.66 ? 631 GLU B N   1 
ATOM   1163 C  CA  . GLU B 1 50  ? 14.708  0.618   -11.901 1.00 24.47 ? 631 GLU B CA  1 
ATOM   1164 C  C   . GLU B 1 50  ? 16.121  0.049   -11.804 1.00 25.15 ? 631 GLU B C   1 
ATOM   1165 O  O   . GLU B 1 50  ? 16.331  -1.157  -11.949 1.00 23.17 ? 631 GLU B O   1 
ATOM   1166 C  CB  . GLU B 1 50  ? 14.470  1.224   -13.279 1.00 25.15 ? 631 GLU B CB  1 
ATOM   1167 C  CG  . GLU B 1 50  ? 14.893  0.353   -14.442 1.00 27.35 ? 631 GLU B CG  1 
ATOM   1168 C  CD  . GLU B 1 50  ? 14.444  0.943   -15.758 1.00 26.78 ? 631 GLU B CD  1 
ATOM   1169 O  OE1 . GLU B 1 50  ? 13.233  0.863   -16.045 1.00 31.57 ? 631 GLU B OE1 1 
ATOM   1170 O  OE2 . GLU B 1 50  ? 15.287  1.501   -16.494 1.00 28.36 ? 631 GLU B OE2 1 
ATOM   1171 N  N   . SER B 1 51  ? 17.080  0.934   -11.550 1.00 25.01 ? 632 SER B N   1 
ATOM   1172 C  CA  . SER B 1 51  ? 18.478  0.546   -11.422 1.00 27.75 ? 632 SER B CA  1 
ATOM   1173 C  C   . SER B 1 51  ? 19.156  1.381   -10.348 1.00 26.85 ? 632 SER B C   1 
ATOM   1174 O  O   . SER B 1 51  ? 18.751  2.511   -10.081 1.00 27.32 ? 632 SER B O   1 
ATOM   1175 C  CB  . SER B 1 51  ? 19.225  0.763   -12.745 1.00 27.93 ? 632 SER B CB  1 
ATOM   1176 O  OG  . SER B 1 51  ? 18.671  -0.015  -13.785 1.00 32.11 ? 632 SER B OG  1 
ATOM   1177 N  N   . VAL B 1 52  ? 20.189  0.806   -9.742  1.00 26.58 ? 633 VAL B N   1 
ATOM   1178 C  CA  . VAL B 1 52  ? 20.985  1.465   -8.716  1.00 27.49 ? 633 VAL B CA  1 
ATOM   1179 C  C   . VAL B 1 52  ? 22.422  1.012   -8.974  1.00 30.09 ? 633 VAL B C   1 
ATOM   1180 O  O   . VAL B 1 52  ? 22.704  -0.187  -8.968  1.00 29.81 ? 633 VAL B O   1 
ATOM   1181 C  CB  . VAL B 1 52  ? 20.555  1.034   -7.294  1.00 27.61 ? 633 VAL B CB  1 
ATOM   1182 C  CG1 . VAL B 1 52  ? 21.517  1.611   -6.264  1.00 25.88 ? 633 VAL B CG1 1 
ATOM   1183 C  CG2 . VAL B 1 52  ? 19.127  1.515   -7.000  1.00 24.74 ? 633 VAL B CG2 1 
ATOM   1184 N  N   . ASP B 1 53  ? 23.310  1.973   -9.216  1.00 31.71 ? 634 ASP B N   1 
ATOM   1185 C  CA  . ASP B 1 53  ? 24.714  1.670   -9.497  1.00 34.44 ? 634 ASP B CA  1 
ATOM   1186 C  C   . ASP B 1 53  ? 25.445  1.154   -8.262  1.00 36.29 ? 634 ASP B C   1 
ATOM   1187 O  O   . ASP B 1 53  ? 25.529  1.848   -7.245  1.00 34.95 ? 634 ASP B O   1 
ATOM   1188 C  CB  . ASP B 1 53  ? 25.435  2.917   -10.013 1.00 35.73 ? 634 ASP B CB  1 
ATOM   1189 C  CG  . ASP B 1 53  ? 24.774  3.516   -11.245 1.00 37.92 ? 634 ASP B CG  1 
ATOM   1190 O  OD1 . ASP B 1 53  ? 24.502  2.765   -12.205 1.00 39.12 ? 634 ASP B OD1 1 
ATOM   1191 O  OD2 . ASP B 1 53  ? 24.531  4.742   -11.252 1.00 39.96 ? 634 ASP B OD2 1 
ATOM   1192 N  N   . GLU B 1 54  ? 25.972  -0.064  -8.338  1.00 38.26 ? 635 GLU B N   1 
ATOM   1193 C  CA  . GLU B 1 54  ? 26.701  -0.597  -7.197  1.00 39.86 ? 635 GLU B CA  1 
ATOM   1194 C  C   . GLU B 1 54  ? 27.861  0.347   -6.914  1.00 39.27 ? 635 GLU B C   1 
ATOM   1195 O  O   . GLU B 1 54  ? 28.495  0.863   -7.837  1.00 38.62 ? 635 GLU B O   1 
ATOM   1196 C  CB  . GLU B 1 54  ? 27.222  -2.007  -7.483  1.00 43.05 ? 635 GLU B CB  1 
ATOM   1197 C  CG  . GLU B 1 54  ? 26.141  -3.080  -7.502  1.00 47.23 ? 635 GLU B CG  1 
ATOM   1198 C  CD  . GLU B 1 54  ? 26.714  -4.487  -7.452  1.00 50.05 ? 635 GLU B CD  1 
ATOM   1199 O  OE1 . GLU B 1 54  ? 27.356  -4.839  -6.436  1.00 52.46 ? 635 GLU B OE1 1 
ATOM   1200 O  OE2 . GLU B 1 54  ? 26.525  -5.242  -8.429  1.00 52.40 ? 635 GLU B OE2 1 
ATOM   1201 N  N   . GLY B 1 55  ? 28.123  0.589   -5.635  1.00 38.32 ? 636 GLY B N   1 
ATOM   1202 C  CA  . GLY B 1 55  ? 29.202  1.481   -5.262  1.00 38.32 ? 636 GLY B CA  1 
ATOM   1203 C  C   . GLY B 1 55  ? 28.841  2.950   -5.410  1.00 38.22 ? 636 GLY B C   1 
ATOM   1204 O  O   . GLY B 1 55  ? 29.661  3.824   -5.127  1.00 38.49 ? 636 GLY B O   1 
ATOM   1205 N  N   . GLY B 1 56  ? 27.617  3.226   -5.858  1.00 37.54 ? 637 GLY B N   1 
ATOM   1206 C  CA  . GLY B 1 56  ? 27.183  4.603   -6.029  1.00 35.62 ? 637 GLY B CA  1 
ATOM   1207 C  C   . GLY B 1 56  ? 26.649  5.186   -4.734  1.00 34.36 ? 637 GLY B C   1 
ATOM   1208 O  O   . GLY B 1 56  ? 26.523  4.475   -3.739  1.00 33.85 ? 637 GLY B O   1 
ATOM   1209 N  N   . VAL B 1 57  ? 26.335  6.480   -4.743  1.00 33.62 ? 638 VAL B N   1 
ATOM   1210 C  CA  . VAL B 1 57  ? 25.813  7.156   -3.552  1.00 32.70 ? 638 VAL B CA  1 
ATOM   1211 C  C   . VAL B 1 57  ? 24.573  6.445   -3.011  1.00 30.91 ? 638 VAL B C   1 
ATOM   1212 O  O   . VAL B 1 57  ? 24.491  6.124   -1.821  1.00 28.81 ? 638 VAL B O   1 
ATOM   1213 C  CB  . VAL B 1 57  ? 25.442  8.628   -3.856  1.00 32.16 ? 638 VAL B CB  1 
ATOM   1214 C  CG1 . VAL B 1 57  ? 24.842  9.286   -2.615  1.00 32.13 ? 638 VAL B CG1 1 
ATOM   1215 C  CG2 . VAL B 1 57  ? 26.678  9.395   -4.307  1.00 34.37 ? 638 VAL B CG2 1 
ATOM   1216 N  N   . ALA B 1 58  ? 23.611  6.201   -3.895  1.00 28.08 ? 639 ALA B N   1 
ATOM   1217 C  CA  . ALA B 1 58  ? 22.375  5.533   -3.509  1.00 28.17 ? 639 ALA B CA  1 
ATOM   1218 C  C   . ALA B 1 58  ? 22.637  4.120   -3.008  1.00 27.31 ? 639 ALA B C   1 
ATOM   1219 O  O   . ALA B 1 58  ? 22.091  3.708   -1.988  1.00 27.12 ? 639 ALA B O   1 
ATOM   1220 C  CB  . ALA B 1 58  ? 21.410  5.494   -4.688  1.00 25.51 ? 639 ALA B CB  1 
ATOM   1221 N  N   . TRP B 1 59  ? 23.477  3.377   -3.726  1.00 28.57 ? 640 TRP B N   1 
ATOM   1222 C  CA  . TRP B 1 59  ? 23.794  2.007   -3.343  1.00 30.72 ? 640 TRP B CA  1 
ATOM   1223 C  C   . TRP B 1 59  ? 24.401  1.916   -1.950  1.00 31.48 ? 640 TRP B C   1 
ATOM   1224 O  O   . TRP B 1 59  ? 23.981  1.099   -1.128  1.00 31.19 ? 640 TRP B O   1 
ATOM   1225 C  CB  . TRP B 1 59  ? 24.754  1.376   -4.355  1.00 33.95 ? 640 TRP B CB  1 
ATOM   1226 C  CG  . TRP B 1 59  ? 25.188  -0.004  -3.968  1.00 39.24 ? 640 TRP B CG  1 
ATOM   1227 C  CD1 . TRP B 1 59  ? 26.218  -0.337  -3.131  1.00 39.70 ? 640 TRP B CD1 1 
ATOM   1228 C  CD2 . TRP B 1 59  ? 24.565  -1.237  -4.346  1.00 40.84 ? 640 TRP B CD2 1 
ATOM   1229 N  NE1 . TRP B 1 59  ? 26.270  -1.699  -2.964  1.00 42.21 ? 640 TRP B NE1 1 
ATOM   1230 C  CE2 . TRP B 1 59  ? 25.268  -2.277  -3.700  1.00 42.32 ? 640 TRP B CE2 1 
ATOM   1231 C  CE3 . TRP B 1 59  ? 23.481  -1.565  -5.172  1.00 42.62 ? 640 TRP B CE3 1 
ATOM   1232 C  CZ2 . TRP B 1 59  ? 24.918  -3.626  -3.845  1.00 43.11 ? 640 TRP B CZ2 1 
ATOM   1233 C  CZ3 . TRP B 1 59  ? 23.133  -2.906  -5.319  1.00 44.15 ? 640 TRP B CZ3 1 
ATOM   1234 C  CH2 . TRP B 1 59  ? 23.854  -3.920  -4.659  1.00 44.94 ? 640 TRP B CH2 1 
ATOM   1235 N  N   . ARG B 1 60  ? 25.395  2.757   -1.690  1.00 31.57 ? 641 ARG B N   1 
ATOM   1236 C  CA  . ARG B 1 60  ? 26.061  2.737   -0.395  1.00 34.92 ? 641 ARG B CA  1 
ATOM   1237 C  C   . ARG B 1 60  ? 25.106  3.063   0.746   1.00 34.83 ? 641 ARG B C   1 
ATOM   1238 O  O   . ARG B 1 60  ? 25.315  2.621   1.879   1.00 35.93 ? 641 ARG B O   1 
ATOM   1239 C  CB  . ARG B 1 60  ? 27.236  3.715   -0.385  1.00 35.84 ? 641 ARG B CB  1 
ATOM   1240 C  CG  . ARG B 1 60  ? 28.311  3.406   -1.426  1.00 39.27 ? 641 ARG B CG  1 
ATOM   1241 C  CD  . ARG B 1 60  ? 29.637  4.067   -1.060  1.00 39.93 ? 641 ARG B CD  1 
ATOM   1242 N  NE  . ARG B 1 60  ? 29.526  5.518   -0.922  1.00 42.29 ? 641 ARG B NE  1 
ATOM   1243 C  CZ  . ARG B 1 60  ? 29.531  6.374   -1.938  1.00 41.75 ? 641 ARG B CZ  1 
ATOM   1244 N  NH1 . ARG B 1 60  ? 29.644  5.930   -3.183  1.00 42.85 ? 641 ARG B NH1 1 
ATOM   1245 N  NH2 . ARG B 1 60  ? 29.426  7.676   -1.708  1.00 43.53 ? 641 ARG B NH2 1 
ATOM   1246 N  N   . ALA B 1 61  ? 24.054  3.824   0.446   1.00 32.44 ? 642 ALA B N   1 
ATOM   1247 C  CA  . ALA B 1 61  ? 23.075  4.197   1.458   1.00 32.21 ? 642 ALA B CA  1 
ATOM   1248 C  C   . ALA B 1 61  ? 22.065  3.091   1.754   1.00 31.37 ? 642 ALA B C   1 
ATOM   1249 O  O   . ALA B 1 61  ? 21.312  3.182   2.719   1.00 32.40 ? 642 ALA B O   1 
ATOM   1250 C  CB  . ALA B 1 61  ? 22.350  5.469   1.038   1.00 30.95 ? 642 ALA B CB  1 
ATOM   1251 N  N   . GLY B 1 62  ? 22.045  2.048   0.932   1.00 28.66 ? 643 GLY B N   1 
ATOM   1252 C  CA  . GLY B 1 62  ? 21.113  0.965   1.174   1.00 28.87 ? 643 GLY B CA  1 
ATOM   1253 C  C   . GLY B 1 62  ? 20.000  0.847   0.149   1.00 27.57 ? 643 GLY B C   1 
ATOM   1254 O  O   . GLY B 1 62  ? 19.218  -0.112  0.185   1.00 27.85 ? 643 GLY B O   1 
ATOM   1255 N  N   . LEU B 1 63  ? 19.920  1.810   -0.763  1.00 26.31 ? 644 LEU B N   1 
ATOM   1256 C  CA  . LEU B 1 63  ? 18.894  1.778   -1.800  1.00 25.74 ? 644 LEU B CA  1 
ATOM   1257 C  C   . LEU B 1 63  ? 19.240  0.696   -2.812  1.00 26.97 ? 644 LEU B C   1 
ATOM   1258 O  O   . LEU B 1 63  ? 20.412  0.507   -3.169  1.00 25.89 ? 644 LEU B O   1 
ATOM   1259 C  CB  . LEU B 1 63  ? 18.782  3.143   -2.490  1.00 24.56 ? 644 LEU B CB  1 
ATOM   1260 C  CG  . LEU B 1 63  ? 18.279  4.263   -1.568  1.00 26.36 ? 644 LEU B CG  1 
ATOM   1261 C  CD1 . LEU B 1 63  ? 18.079  5.554   -2.353  1.00 26.15 ? 644 LEU B CD1 1 
ATOM   1262 C  CD2 . LEU B 1 63  ? 16.967  3.837   -0.925  1.00 26.36 ? 644 LEU B CD2 1 
ATOM   1263 N  N   . ARG B 1 64  ? 18.213  -0.012  -3.269  1.00 26.38 ? 645 ARG B N   1 
ATOM   1264 C  CA  . ARG B 1 64  ? 18.384  -1.103  -4.221  1.00 27.60 ? 645 ARG B CA  1 
ATOM   1265 C  C   . ARG B 1 64  ? 17.307  -1.106  -5.292  1.00 27.43 ? 645 ARG B C   1 
ATOM   1266 O  O   . ARG B 1 64  ? 16.233  -0.529  -5.114  1.00 24.53 ? 645 ARG B O   1 
ATOM   1267 C  CB  . ARG B 1 64  ? 18.334  -2.440  -3.479  1.00 28.94 ? 645 ARG B CB  1 
ATOM   1268 C  CG  . ARG B 1 64  ? 19.441  -2.633  -2.456  1.00 29.07 ? 645 ARG B CG  1 
ATOM   1269 C  CD  . ARG B 1 64  ? 20.747  -2.982  -3.139  1.00 34.41 ? 645 ARG B CD  1 
ATOM   1270 N  NE  . ARG B 1 64  ? 21.822  -3.278  -2.194  1.00 36.08 ? 645 ARG B NE  1 
ATOM   1271 C  CZ  . ARG B 1 64  ? 22.514  -2.361  -1.523  1.00 35.78 ? 645 ARG B CZ  1 
ATOM   1272 N  NH1 . ARG B 1 64  ? 22.253  -1.069  -1.685  1.00 34.46 ? 645 ARG B NH1 1 
ATOM   1273 N  NH2 . ARG B 1 64  ? 23.472  -2.739  -0.686  1.00 34.61 ? 645 ARG B NH2 1 
ATOM   1274 N  N   . MET B 1 65  ? 17.611  -1.780  -6.397  1.00 28.39 ? 646 MET B N   1 
ATOM   1275 C  CA  . MET B 1 65  ? 16.686  -1.907  -7.512  1.00 28.50 ? 646 MET B CA  1 
ATOM   1276 C  C   . MET B 1 65  ? 15.350  -2.413  -6.993  1.00 27.84 ? 646 MET B C   1 
ATOM   1277 O  O   . MET B 1 65  ? 15.296  -3.347  -6.183  1.00 27.42 ? 646 MET B O   1 
ATOM   1278 C  CB  . MET B 1 65  ? 17.228  -2.902  -8.547  1.00 30.63 ? 646 MET B CB  1 
ATOM   1279 C  CG  . MET B 1 65  ? 16.286  -3.165  -9.721  1.00 35.60 ? 646 MET B CG  1 
ATOM   1280 S  SD  . MET B 1 65  ? 16.899  -4.483  -10.810 1.00 43.72 ? 646 MET B SD  1 
ATOM   1281 C  CE  . MET B 1 65  ? 18.519  -3.867  -11.154 1.00 38.15 ? 646 MET B CE  1 
ATOM   1282 N  N   . GLY B 1 66  ? 14.274  -1.788  -7.455  1.00 27.00 ? 647 GLY B N   1 
ATOM   1283 C  CA  . GLY B 1 66  ? 12.946  -2.195  -7.038  1.00 28.58 ? 647 GLY B CA  1 
ATOM   1284 C  C   . GLY B 1 66  ? 12.331  -1.376  -5.917  1.00 27.71 ? 647 GLY B C   1 
ATOM   1285 O  O   . GLY B 1 66  ? 11.124  -1.461  -5.689  1.00 28.42 ? 647 GLY B O   1 
ATOM   1286 N  N   . ASP B 1 67  ? 13.136  -0.591  -5.206  1.00 26.41 ? 648 ASP B N   1 
ATOM   1287 C  CA  . ASP B 1 67  ? 12.591  0.226   -4.118  1.00 25.46 ? 648 ASP B CA  1 
ATOM   1288 C  C   . ASP B 1 67  ? 11.559  1.228   -4.637  1.00 25.27 ? 648 ASP B C   1 
ATOM   1289 O  O   . ASP B 1 67  ? 11.775  1.874   -5.664  1.00 23.10 ? 648 ASP B O   1 
ATOM   1290 C  CB  . ASP B 1 67  ? 13.698  1.002   -3.398  1.00 26.79 ? 648 ASP B CB  1 
ATOM   1291 C  CG  . ASP B 1 67  ? 14.567  0.118   -2.521  1.00 27.63 ? 648 ASP B CG  1 
ATOM   1292 O  OD1 . ASP B 1 67  ? 14.214  -1.065  -2.314  1.00 30.45 ? 648 ASP B OD1 1 
ATOM   1293 O  OD2 . ASP B 1 67  ? 15.603  0.617   -2.037  1.00 25.36 ? 648 ASP B OD2 1 
ATOM   1294 N  N   . PHE B 1 68  ? 10.440  1.352   -3.921  1.00 22.73 ? 649 PHE B N   1 
ATOM   1295 C  CA  . PHE B 1 68  ? 9.380   2.295   -4.291  1.00 23.81 ? 649 PHE B CA  1 
ATOM   1296 C  C   . PHE B 1 68  ? 9.580   3.619   -3.550  1.00 23.38 ? 649 PHE B C   1 
ATOM   1297 O  O   . PHE B 1 68  ? 9.778   3.637   -2.333  1.00 24.46 ? 649 PHE B O   1 
ATOM   1298 C  CB  . PHE B 1 68  ? 7.987   1.749   -3.936  1.00 21.06 ? 649 PHE B CB  1 
ATOM   1299 C  CG  . PHE B 1 68  ? 7.532   0.608   -4.799  1.00 24.53 ? 649 PHE B CG  1 
ATOM   1300 C  CD1 . PHE B 1 68  ? 7.878   -0.705  -4.486  1.00 23.07 ? 649 PHE B CD1 1 
ATOM   1301 C  CD2 . PHE B 1 68  ? 6.722   0.840   -5.910  1.00 23.84 ? 649 PHE B CD2 1 
ATOM   1302 C  CE1 . PHE B 1 68  ? 7.424   -1.767  -5.268  1.00 26.68 ? 649 PHE B CE1 1 
ATOM   1303 C  CE2 . PHE B 1 68  ? 6.263   -0.215  -6.696  1.00 24.70 ? 649 PHE B CE2 1 
ATOM   1304 C  CZ  . PHE B 1 68  ? 6.613   -1.522  -6.373  1.00 25.30 ? 649 PHE B CZ  1 
ATOM   1305 N  N   . LEU B 1 69  ? 9.526   4.722   -4.291  1.00 22.98 ? 650 LEU B N   1 
ATOM   1306 C  CA  . LEU B 1 69  ? 9.699   6.061   -3.729  1.00 24.10 ? 650 LEU B CA  1 
ATOM   1307 C  C   . LEU B 1 69  ? 8.428   6.531   -3.015  1.00 26.09 ? 650 LEU B C   1 
ATOM   1308 O  O   . LEU B 1 69  ? 7.399   6.719   -3.653  1.00 26.07 ? 650 LEU B O   1 
ATOM   1309 C  CB  . LEU B 1 69  ? 10.030  7.050   -4.849  1.00 27.56 ? 650 LEU B CB  1 
ATOM   1310 C  CG  . LEU B 1 69  ? 11.280  7.922   -4.727  1.00 30.54 ? 650 LEU B CG  1 
ATOM   1311 C  CD1 . LEU B 1 69  ? 12.526  7.048   -4.817  1.00 31.96 ? 650 LEU B CD1 1 
ATOM   1312 C  CD2 . LEU B 1 69  ? 11.287  8.952   -5.856  1.00 31.35 ? 650 LEU B CD2 1 
ATOM   1313 N  N   . ILE B 1 70  ? 8.507   6.720   -1.700  1.00 26.92 ? 651 ILE B N   1 
ATOM   1314 C  CA  . ILE B 1 70  ? 7.356   7.173   -0.918  1.00 29.51 ? 651 ILE B CA  1 
ATOM   1315 C  C   . ILE B 1 70  ? 7.449   8.672   -0.628  1.00 30.36 ? 651 ILE B C   1 
ATOM   1316 O  O   . ILE B 1 70  ? 6.462   9.398   -0.749  1.00 30.29 ? 651 ILE B O   1 
ATOM   1317 C  CB  . ILE B 1 70  ? 7.252   6.423   0.434   1.00 29.58 ? 651 ILE B CB  1 
ATOM   1318 C  CG1 . ILE B 1 70  ? 7.229   4.910   0.200   1.00 28.88 ? 651 ILE B CG1 1 
ATOM   1319 C  CG2 . ILE B 1 70  ? 5.989   6.878   1.184   1.00 29.49 ? 651 ILE B CG2 1 
ATOM   1320 C  CD1 . ILE B 1 70  ? 6.079   4.420   -0.654  1.00 30.26 ? 651 ILE B CD1 1 
ATOM   1321 N  N   . GLU B 1 71  ? 8.640   9.128   -0.242  1.00 31.65 ? 652 GLU B N   1 
ATOM   1322 C  CA  . GLU B 1 71  ? 8.858   10.539  0.061   1.00 32.15 ? 652 GLU B CA  1 
ATOM   1323 C  C   . GLU B 1 71  ? 10.177  11.060  -0.477  1.00 33.03 ? 652 GLU B C   1 
ATOM   1324 O  O   . GLU B 1 71  ? 11.189  10.365  -0.457  1.00 32.07 ? 652 GLU B O   1 
ATOM   1325 C  CB  . GLU B 1 71  ? 8.845   10.784  1.573   1.00 33.67 ? 652 GLU B CB  1 
ATOM   1326 C  CG  . GLU B 1 71  ? 7.538   10.466  2.265   1.00 35.67 ? 652 GLU B CG  1 
ATOM   1327 C  CD  . GLU B 1 71  ? 7.575   10.802  3.744   1.00 39.03 ? 652 GLU B CD  1 
ATOM   1328 O  OE1 . GLU B 1 71  ? 6.604   10.460  4.455   1.00 40.74 ? 652 GLU B OE1 1 
ATOM   1329 O  OE2 . GLU B 1 71  ? 8.571   11.411  4.193   1.00 40.75 ? 652 GLU B OE2 1 
ATOM   1330 N  N   . VAL B 1 72  ? 10.151  12.299  -0.949  1.00 33.38 ? 653 VAL B N   1 
ATOM   1331 C  CA  . VAL B 1 72  ? 11.341  12.963  -1.458  1.00 33.07 ? 653 VAL B CA  1 
ATOM   1332 C  C   . VAL B 1 72  ? 11.483  14.260  -0.667  1.00 34.76 ? 653 VAL B C   1 
ATOM   1333 O  O   . VAL B 1 72  ? 10.697  15.190  -0.848  1.00 35.32 ? 653 VAL B O   1 
ATOM   1334 C  CB  . VAL B 1 72  ? 11.215  13.289  -2.958  1.00 32.11 ? 653 VAL B CB  1 
ATOM   1335 C  CG1 . VAL B 1 72  ? 12.308  14.262  -3.373  1.00 31.60 ? 653 VAL B CG1 1 
ATOM   1336 C  CG2 . VAL B 1 72  ? 11.333  12.008  -3.776  1.00 30.46 ? 653 VAL B CG2 1 
ATOM   1337 N  N   . ASN B 1 73  ? 12.478  14.308  0.215   1.00 34.97 ? 654 ASN B N   1 
ATOM   1338 C  CA  . ASN B 1 73  ? 12.723  15.486  1.045   1.00 36.54 ? 654 ASN B CA  1 
ATOM   1339 C  C   . ASN B 1 73  ? 11.498  15.813  1.894   1.00 37.45 ? 654 ASN B C   1 
ATOM   1340 O  O   . ASN B 1 73  ? 11.044  16.956  1.937   1.00 38.99 ? 654 ASN B O   1 
ATOM   1341 C  CB  . ASN B 1 73  ? 13.091  16.687  0.160   1.00 37.02 ? 654 ASN B CB  1 
ATOM   1342 C  CG  . ASN B 1 73  ? 14.438  16.518  -0.527  1.00 37.29 ? 654 ASN B CG  1 
ATOM   1343 O  OD1 . ASN B 1 73  ? 14.673  17.071  -1.607  1.00 36.64 ? 654 ASN B OD1 1 
ATOM   1344 N  ND2 . ASN B 1 73  ? 15.330  15.758  0.098   1.00 34.66 ? 654 ASN B ND2 1 
ATOM   1345 N  N   . GLY B 1 74  ? 10.957  14.795  2.555   1.00 38.32 ? 655 GLY B N   1 
ATOM   1346 C  CA  . GLY B 1 74  ? 9.798   14.985  3.411   1.00 39.18 ? 655 GLY B CA  1 
ATOM   1347 C  C   . GLY B 1 74  ? 8.442   15.028  2.728   1.00 39.48 ? 655 GLY B C   1 
ATOM   1348 O  O   . GLY B 1 74  ? 7.415   14.829  3.376   1.00 40.14 ? 655 GLY B O   1 
ATOM   1349 N  N   . GLN B 1 75  ? 8.428   15.285  1.424   1.00 39.74 ? 656 GLN B N   1 
ATOM   1350 C  CA  . GLN B 1 75  ? 7.179   15.361  0.672   1.00 39.79 ? 656 GLN B CA  1 
ATOM   1351 C  C   . GLN B 1 75  ? 6.739   14.011  0.110   1.00 38.33 ? 656 GLN B C   1 
ATOM   1352 O  O   . GLN B 1 75  ? 7.489   13.352  -0.615  1.00 36.82 ? 656 GLN B O   1 
ATOM   1353 C  CB  . GLN B 1 75  ? 7.322   16.368  -0.470  1.00 41.49 ? 656 GLN B CB  1 
ATOM   1354 C  CG  . GLN B 1 75  ? 7.434   17.815  -0.011  1.00 46.85 ? 656 GLN B CG  1 
ATOM   1355 C  CD  . GLN B 1 75  ? 8.202   18.676  -0.994  1.00 48.33 ? 656 GLN B CD  1 
ATOM   1356 O  OE1 . GLN B 1 75  ? 9.401   18.480  -1.199  1.00 50.93 ? 656 GLN B OE1 1 
ATOM   1357 N  NE2 . GLN B 1 75  ? 7.517   19.635  -1.609  1.00 50.06 ? 656 GLN B NE2 1 
ATOM   1358 N  N   . ASN B 1 76  ? 5.520   13.600  0.445   1.00 34.97 ? 657 ASN B N   1 
ATOM   1359 C  CA  . ASN B 1 76  ? 4.981   12.337  -0.043  1.00 34.07 ? 657 ASN B CA  1 
ATOM   1360 C  C   . ASN B 1 76  ? 4.852   12.411  -1.568  1.00 33.08 ? 657 ASN B C   1 
ATOM   1361 O  O   . ASN B 1 76  ? 4.243   13.335  -2.103  1.00 32.56 ? 657 ASN B O   1 
ATOM   1362 C  CB  . ASN B 1 76  ? 3.619   12.076  0.599   1.00 33.79 ? 657 ASN B CB  1 
ATOM   1363 C  CG  . ASN B 1 76  ? 3.003   10.770  0.149   1.00 33.46 ? 657 ASN B CG  1 
ATOM   1364 O  OD1 . ASN B 1 76  ? 2.664   10.600  -1.021  1.00 32.55 ? 657 ASN B OD1 1 
ATOM   1365 N  ND2 . ASN B 1 76  ? 2.861   9.833   1.081   1.00 36.28 ? 657 ASN B ND2 1 
ATOM   1366 N  N   . VAL B 1 77  ? 5.435   11.442  -2.267  1.00 32.42 ? 658 VAL B N   1 
ATOM   1367 C  CA  . VAL B 1 77  ? 5.382   11.425  -3.725  1.00 30.88 ? 658 VAL B CA  1 
ATOM   1368 C  C   . VAL B 1 77  ? 4.730   10.153  -4.256  1.00 30.78 ? 658 VAL B C   1 
ATOM   1369 O  O   . VAL B 1 77  ? 4.795   9.865   -5.450  1.00 29.61 ? 658 VAL B O   1 
ATOM   1370 C  CB  . VAL B 1 77  ? 6.801   11.546  -4.342  1.00 31.13 ? 658 VAL B CB  1 
ATOM   1371 C  CG1 . VAL B 1 77  ? 7.340   12.956  -4.139  1.00 28.78 ? 658 VAL B CG1 1 
ATOM   1372 C  CG2 . VAL B 1 77  ? 7.735   10.526  -3.704  1.00 28.24 ? 658 VAL B CG2 1 
ATOM   1373 N  N   . VAL B 1 78  ? 4.101   9.397   -3.365  1.00 31.25 ? 659 VAL B N   1 
ATOM   1374 C  CA  . VAL B 1 78  ? 3.437   8.147   -3.730  1.00 31.58 ? 659 VAL B CA  1 
ATOM   1375 C  C   . VAL B 1 78  ? 2.586   8.227   -5.002  1.00 32.20 ? 659 VAL B C   1 
ATOM   1376 O  O   . VAL B 1 78  ? 2.583   7.294   -5.809  1.00 29.22 ? 659 VAL B O   1 
ATOM   1377 C  CB  . VAL B 1 78  ? 2.539   7.658   -2.571  1.00 32.80 ? 659 VAL B CB  1 
ATOM   1378 C  CG1 . VAL B 1 78  ? 1.740   6.445   -3.009  1.00 31.69 ? 659 VAL B CG1 1 
ATOM   1379 C  CG2 . VAL B 1 78  ? 3.396   7.325   -1.355  1.00 32.78 ? 659 VAL B CG2 1 
ATOM   1380 N  N   . LYS B 1 79  ? 1.879   9.342   -5.175  1.00 33.71 ? 660 LYS B N   1 
ATOM   1381 C  CA  . LYS B 1 79  ? 0.996   9.536   -6.327  1.00 35.59 ? 660 LYS B CA  1 
ATOM   1382 C  C   . LYS B 1 79  ? 1.451   10.661  -7.259  1.00 35.68 ? 660 LYS B C   1 
ATOM   1383 O  O   . LYS B 1 79  ? 0.677   11.138  -8.092  1.00 36.73 ? 660 LYS B O   1 
ATOM   1384 C  CB  . LYS B 1 79  ? -0.424  9.849   -5.841  1.00 38.33 ? 660 LYS B CB  1 
ATOM   1385 C  CG  . LYS B 1 79  ? -0.963  8.867   -4.808  1.00 40.98 ? 660 LYS B CG  1 
ATOM   1386 C  CD  . LYS B 1 79  ? -2.285  9.339   -4.202  1.00 45.24 ? 660 LYS B CD  1 
ATOM   1387 C  CE  . LYS B 1 79  ? -3.389  9.427   -5.247  1.00 45.19 ? 660 LYS B CE  1 
ATOM   1388 N  NZ  . LYS B 1 79  ? -4.700  9.811   -4.643  1.00 48.04 ? 660 LYS B NZ  1 
ATOM   1389 N  N   . VAL B 1 80  ? 2.701   11.084  -7.131  1.00 33.91 ? 661 VAL B N   1 
ATOM   1390 C  CA  . VAL B 1 80  ? 3.211   12.166  -7.965  1.00 33.04 ? 661 VAL B CA  1 
ATOM   1391 C  C   . VAL B 1 80  ? 3.854   11.681  -9.263  1.00 32.65 ? 661 VAL B C   1 
ATOM   1392 O  O   . VAL B 1 80  ? 4.487   10.622  -9.304  1.00 31.53 ? 661 VAL B O   1 
ATOM   1393 C  CB  . VAL B 1 80  ? 4.217   13.023  -7.169  1.00 33.33 ? 661 VAL B CB  1 
ATOM   1394 C  CG1 . VAL B 1 80  ? 4.683   14.204  -8.001  1.00 34.07 ? 661 VAL B CG1 1 
ATOM   1395 C  CG2 . VAL B 1 80  ? 3.566   13.497  -5.883  1.00 34.50 ? 661 VAL B CG2 1 
ATOM   1396 N  N   . GLY B 1 81  ? 3.689   12.476  -10.319 1.00 32.31 ? 662 GLY B N   1 
ATOM   1397 C  CA  . GLY B 1 81  ? 4.237   12.136  -11.622 1.00 32.93 ? 662 GLY B CA  1 
ATOM   1398 C  C   . GLY B 1 81  ? 5.751   12.178  -11.710 1.00 34.00 ? 662 GLY B C   1 
ATOM   1399 O  O   . GLY B 1 81  ? 6.426   12.762  -10.861 1.00 33.86 ? 662 GLY B O   1 
ATOM   1400 N  N   . HIS B 1 82  ? 6.282   11.565  -12.761 1.00 33.67 ? 663 HIS B N   1 
ATOM   1401 C  CA  . HIS B 1 82  ? 7.723   11.492  -12.979 1.00 33.92 ? 663 HIS B CA  1 
ATOM   1402 C  C   . HIS B 1 82  ? 8.451   12.838  -13.022 1.00 34.56 ? 663 HIS B C   1 
ATOM   1403 O  O   . HIS B 1 82  ? 9.355   13.084  -12.221 1.00 32.39 ? 663 HIS B O   1 
ATOM   1404 C  CB  . HIS B 1 82  ? 8.011   10.735  -14.273 1.00 34.55 ? 663 HIS B CB  1 
ATOM   1405 C  CG  . HIS B 1 82  ? 9.455   10.393  -14.455 1.00 36.23 ? 663 HIS B CG  1 
ATOM   1406 N  ND1 . HIS B 1 82  ? 10.094  9.447   -13.685 1.00 37.92 ? 663 HIS B ND1 1 
ATOM   1407 C  CD2 . HIS B 1 82  ? 10.388  10.887  -15.301 1.00 36.71 ? 663 HIS B CD2 1 
ATOM   1408 C  CE1 . HIS B 1 82  ? 11.363  9.371   -14.051 1.00 37.98 ? 663 HIS B CE1 1 
ATOM   1409 N  NE2 . HIS B 1 82  ? 11.566  10.234  -15.029 1.00 37.73 ? 663 HIS B NE2 1 
ATOM   1410 N  N   . ARG B 1 83  ? 8.063   13.701  -13.958 1.00 34.83 ? 664 ARG B N   1 
ATOM   1411 C  CA  . ARG B 1 83  ? 8.704   15.003  -14.099 1.00 36.92 ? 664 ARG B CA  1 
ATOM   1412 C  C   . ARG B 1 83  ? 8.694   15.789  -12.793 1.00 36.72 ? 664 ARG B C   1 
ATOM   1413 O  O   . ARG B 1 83  ? 9.709   16.365  -12.403 1.00 37.47 ? 664 ARG B O   1 
ATOM   1414 C  CB  . ARG B 1 83  ? 8.023   15.822  -15.202 1.00 40.35 ? 664 ARG B CB  1 
ATOM   1415 C  CG  . ARG B 1 83  ? 8.712   17.154  -15.478 1.00 45.81 ? 664 ARG B CG  1 
ATOM   1416 C  CD  . ARG B 1 83  ? 8.057   17.923  -16.623 1.00 49.80 ? 664 ARG B CD  1 
ATOM   1417 N  NE  . ARG B 1 83  ? 8.213   17.254  -17.914 1.00 54.19 ? 664 ARG B NE  1 
ATOM   1418 C  CZ  . ARG B 1 83  ? 7.771   17.742  -19.071 1.00 55.74 ? 664 ARG B CZ  1 
ATOM   1419 N  NH1 . ARG B 1 83  ? 7.140   18.909  -19.107 1.00 56.58 ? 664 ARG B NH1 1 
ATOM   1420 N  NH2 . ARG B 1 83  ? 7.963   17.062  -20.194 1.00 56.77 ? 664 ARG B NH2 1 
ATOM   1421 N  N   . GLN B 1 84  ? 7.546   15.803  -12.123 1.00 35.11 ? 665 GLN B N   1 
ATOM   1422 C  CA  . GLN B 1 84  ? 7.396   16.516  -10.857 1.00 36.88 ? 665 GLN B CA  1 
ATOM   1423 C  C   . GLN B 1 84  ? 8.358   15.993  -9.789  1.00 35.34 ? 665 GLN B C   1 
ATOM   1424 O  O   . GLN B 1 84  ? 9.014   16.772  -9.097  1.00 34.48 ? 665 GLN B O   1 
ATOM   1425 C  CB  . GLN B 1 84  ? 5.954   16.392  -10.357 1.00 39.22 ? 665 GLN B CB  1 
ATOM   1426 C  CG  . GLN B 1 84  ? 5.632   17.181  -9.089  1.00 45.44 ? 665 GLN B CG  1 
ATOM   1427 C  CD  . GLN B 1 84  ? 5.583   18.690  -9.312  1.00 48.83 ? 665 GLN B CD  1 
ATOM   1428 O  OE1 . GLN B 1 84  ? 5.048   19.432  -8.483  1.00 50.79 ? 665 GLN B OE1 1 
ATOM   1429 N  NE2 . GLN B 1 84  ? 6.147   19.149  -10.427 1.00 48.08 ? 665 GLN B NE2 1 
ATOM   1430 N  N   . VAL B 1 85  ? 8.438   14.671  -9.653  1.00 34.18 ? 666 VAL B N   1 
ATOM   1431 C  CA  . VAL B 1 85  ? 9.330   14.068  -8.669  1.00 34.29 ? 666 VAL B CA  1 
ATOM   1432 C  C   . VAL B 1 85  ? 10.788  14.391  -8.999  1.00 34.80 ? 666 VAL B C   1 
ATOM   1433 O  O   . VAL B 1 85  ? 11.574  14.733  -8.112  1.00 33.50 ? 666 VAL B O   1 
ATOM   1434 C  CB  . VAL B 1 85  ? 9.139   12.532  -8.607  1.00 34.74 ? 666 VAL B CB  1 
ATOM   1435 C  CG1 . VAL B 1 85  ? 10.201  11.900  -7.707  1.00 34.42 ? 666 VAL B CG1 1 
ATOM   1436 C  CG2 . VAL B 1 85  ? 7.747   12.216  -8.084  1.00 34.84 ? 666 VAL B CG2 1 
ATOM   1437 N  N   . VAL B 1 86  ? 11.140  14.287  -10.276 1.00 35.42 ? 667 VAL B N   1 
ATOM   1438 C  CA  . VAL B 1 86  ? 12.498  14.579  -10.713 1.00 38.36 ? 667 VAL B CA  1 
ATOM   1439 C  C   . VAL B 1 86  ? 12.879  16.008  -10.327 1.00 38.79 ? 667 VAL B C   1 
ATOM   1440 O  O   . VAL B 1 86  ? 13.996  16.258  -9.873  1.00 37.67 ? 667 VAL B O   1 
ATOM   1441 C  CB  . VAL B 1 86  ? 12.645  14.414  -12.241 1.00 38.49 ? 667 VAL B CB  1 
ATOM   1442 C  CG1 . VAL B 1 86  ? 14.018  14.896  -12.691 1.00 41.14 ? 667 VAL B CG1 1 
ATOM   1443 C  CG2 . VAL B 1 86  ? 12.445  12.955  -12.625 1.00 39.14 ? 667 VAL B CG2 1 
ATOM   1444 N  N   . ASN B 1 87  ? 11.953  16.944  -10.510 1.00 39.84 ? 668 ASN B N   1 
ATOM   1445 C  CA  . ASN B 1 87  ? 12.221  18.331  -10.151 1.00 41.12 ? 668 ASN B CA  1 
ATOM   1446 C  C   . ASN B 1 87  ? 12.442  18.449  -8.647  1.00 42.06 ? 668 ASN B C   1 
ATOM   1447 O  O   . ASN B 1 87  ? 13.317  19.190  -8.196  1.00 42.10 ? 668 ASN B O   1 
ATOM   1448 C  CB  . ASN B 1 87  ? 11.063  19.238  -10.571 1.00 42.78 ? 668 ASN B CB  1 
ATOM   1449 C  CG  . ASN B 1 87  ? 11.007  19.454  -12.065 1.00 44.74 ? 668 ASN B CG  1 
ATOM   1450 O  OD1 . ASN B 1 87  ? 12.032  19.696  -12.704 1.00 48.16 ? 668 ASN B OD1 1 
ATOM   1451 N  ND2 . ASN B 1 87  ? 9.809   19.383  -12.633 1.00 46.61 ? 668 ASN B ND2 1 
ATOM   1452 N  N   . MET B 1 88  ? 11.647  17.716  -7.874  1.00 41.47 ? 669 MET B N   1 
ATOM   1453 C  CA  . MET B 1 88  ? 11.769  17.741  -6.424  1.00 40.81 ? 669 MET B CA  1 
ATOM   1454 C  C   . MET B 1 88  ? 13.148  17.249  -5.994  1.00 41.29 ? 669 MET B C   1 
ATOM   1455 O  O   . MET B 1 88  ? 13.744  17.782  -5.057  1.00 41.24 ? 669 MET B O   1 
ATOM   1456 C  CB  . MET B 1 88  ? 10.691  16.864  -5.791  1.00 40.56 ? 669 MET B CB  1 
ATOM   1457 C  CG  . MET B 1 88  ? 9.286   17.408  -5.934  1.00 40.83 ? 669 MET B CG  1 
ATOM   1458 S  SD  . MET B 1 88  ? 8.070   16.209  -5.375  1.00 40.92 ? 669 MET B SD  1 
ATOM   1459 C  CE  . MET B 1 88  ? 8.472   16.123  -3.641  1.00 39.69 ? 669 MET B CE  1 
ATOM   1460 N  N   . ILE B 1 89  ? 13.655  16.233  -6.687  1.00 40.86 ? 670 ILE B N   1 
ATOM   1461 C  CA  . ILE B 1 89  ? 14.962  15.668  -6.375  1.00 40.72 ? 670 ILE B CA  1 
ATOM   1462 C  C   . ILE B 1 89  ? 16.094  16.641  -6.703  1.00 43.32 ? 670 ILE B C   1 
ATOM   1463 O  O   . ILE B 1 89  ? 16.975  16.886  -5.874  1.00 43.86 ? 670 ILE B O   1 
ATOM   1464 C  CB  . ILE B 1 89  ? 15.201  14.355  -7.149  1.00 38.68 ? 670 ILE B CB  1 
ATOM   1465 C  CG1 . ILE B 1 89  ? 14.185  13.299  -6.706  1.00 35.89 ? 670 ILE B CG1 1 
ATOM   1466 C  CG2 . ILE B 1 89  ? 16.621  13.864  -6.913  1.00 36.53 ? 670 ILE B CG2 1 
ATOM   1467 C  CD1 . ILE B 1 89  ? 14.312  11.975  -7.438  1.00 34.77 ? 670 ILE B CD1 1 
ATOM   1468 N  N   . ARG B 1 90  ? 16.068  17.192  -7.911  1.00 45.46 ? 671 ARG B N   1 
ATOM   1469 C  CA  . ARG B 1 90  ? 17.096  18.131  -8.336  1.00 47.78 ? 671 ARG B CA  1 
ATOM   1470 C  C   . ARG B 1 90  ? 17.032  19.443  -7.566  1.00 49.01 ? 671 ARG B C   1 
ATOM   1471 O  O   . ARG B 1 90  ? 17.941  20.265  -7.654  1.00 49.14 ? 671 ARG B O   1 
ATOM   1472 C  CB  . ARG B 1 90  ? 16.984  18.385  -9.839  1.00 48.40 ? 671 ARG B CB  1 
ATOM   1473 C  CG  . ARG B 1 90  ? 17.406  17.174  -10.662 1.00 49.71 ? 671 ARG B CG  1 
ATOM   1474 C  CD  . ARG B 1 90  ? 17.074  17.317  -12.137 1.00 50.34 ? 671 ARG B CD  1 
ATOM   1475 N  NE  . ARG B 1 90  ? 17.428  16.106  -12.874 1.00 52.07 ? 671 ARG B NE  1 
ATOM   1476 C  CZ  . ARG B 1 90  ? 17.056  15.852  -14.124 1.00 52.26 ? 671 ARG B CZ  1 
ATOM   1477 N  NH1 . ARG B 1 90  ? 16.312  16.726  -14.787 1.00 52.76 ? 671 ARG B NH1 1 
ATOM   1478 N  NH2 . ARG B 1 90  ? 17.431  14.723  -14.709 1.00 52.74 ? 671 ARG B NH2 1 
ATOM   1479 N  N   . GLN B 1 91  ? 15.964  19.632  -6.800  1.00 50.32 ? 672 GLN B N   1 
ATOM   1480 C  CA  . GLN B 1 91  ? 15.810  20.844  -6.008  1.00 51.34 ? 672 GLN B CA  1 
ATOM   1481 C  C   . GLN B 1 91  ? 16.800  20.833  -4.845  1.00 51.38 ? 672 GLN B C   1 
ATOM   1482 O  O   . GLN B 1 91  ? 17.527  21.801  -4.623  1.00 51.54 ? 672 GLN B O   1 
ATOM   1483 C  CB  . GLN B 1 91  ? 14.393  20.944  -5.446  1.00 52.55 ? 672 GLN B CB  1 
ATOM   1484 C  CG  . GLN B 1 91  ? 14.166  22.181  -4.597  1.00 54.06 ? 672 GLN B CG  1 
ATOM   1485 C  CD  . GLN B 1 91  ? 12.974  22.042  -3.676  1.00 55.04 ? 672 GLN B CD  1 
ATOM   1486 O  OE1 . GLN B 1 91  ? 11.876  21.697  -4.112  1.00 56.39 ? 672 GLN B OE1 1 
ATOM   1487 N  NE2 . GLN B 1 91  ? 13.183  22.311  -2.392  1.00 55.66 ? 672 GLN B NE2 1 
ATOM   1488 N  N   . GLY B 1 92  ? 16.816  19.727  -4.107  1.00 50.34 ? 673 GLY B N   1 
ATOM   1489 C  CA  . GLY B 1 92  ? 17.704  19.601  -2.966  1.00 49.04 ? 673 GLY B CA  1 
ATOM   1490 C  C   . GLY B 1 92  ? 19.180  19.652  -3.306  1.00 48.40 ? 673 GLY B C   1 
ATOM   1491 O  O   . GLY B 1 92  ? 20.030  19.628  -2.414  1.00 48.99 ? 673 GLY B O   1 
ATOM   1492 N  N   . GLY B 1 93  ? 19.491  19.715  -4.596  1.00 46.62 ? 674 GLY B N   1 
ATOM   1493 C  CA  . GLY B 1 93  ? 20.879  19.773  -5.014  1.00 45.21 ? 674 GLY B CA  1 
ATOM   1494 C  C   . GLY B 1 93  ? 21.629  18.475  -4.783  1.00 44.06 ? 674 GLY B C   1 
ATOM   1495 O  O   . GLY B 1 93  ? 21.236  17.426  -5.293  1.00 44.27 ? 674 GLY B O   1 
ATOM   1496 N  N   . ASN B 1 94  ? 22.710  18.544  -4.014  1.00 41.47 ? 675 ASN B N   1 
ATOM   1497 C  CA  . ASN B 1 94  ? 23.516  17.363  -3.728  1.00 39.95 ? 675 ASN B CA  1 
ATOM   1498 C  C   . ASN B 1 94  ? 22.997  16.610  -2.513  1.00 37.76 ? 675 ASN B C   1 
ATOM   1499 O  O   . ASN B 1 94  ? 23.593  15.624  -2.081  1.00 37.11 ? 675 ASN B O   1 
ATOM   1500 C  CB  . ASN B 1 94  ? 24.974  17.757  -3.492  1.00 41.81 ? 675 ASN B CB  1 
ATOM   1501 C  CG  . ASN B 1 94  ? 25.625  18.340  -4.727  1.00 42.78 ? 675 ASN B CG  1 
ATOM   1502 O  OD1 . ASN B 1 94  ? 25.670  17.701  -5.777  1.00 43.52 ? 675 ASN B OD1 1 
ATOM   1503 N  ND2 . ASN B 1 94  ? 26.139  19.560  -4.606  1.00 43.15 ? 675 ASN B ND2 1 
ATOM   1504 N  N   . THR B 1 95  ? 21.889  17.082  -1.958  1.00 36.39 ? 676 THR B N   1 
ATOM   1505 C  CA  . THR B 1 95  ? 21.307  16.434  -0.794  1.00 35.81 ? 676 THR B CA  1 
ATOM   1506 C  C   . THR B 1 95  ? 19.919  15.908  -1.122  1.00 33.87 ? 676 THR B C   1 
ATOM   1507 O  O   . THR B 1 95  ? 19.083  16.631  -1.658  1.00 34.97 ? 676 THR B O   1 
ATOM   1508 C  CB  . THR B 1 95  ? 21.214  17.409  0.395   1.00 36.76 ? 676 THR B CB  1 
ATOM   1509 O  OG1 . THR B 1 95  ? 22.529  17.859  0.751   1.00 38.11 ? 676 THR B OG1 1 
ATOM   1510 C  CG2 . THR B 1 95  ? 20.581  16.722  1.597   1.00 38.55 ? 676 THR B CG2 1 
ATOM   1511 N  N   . LEU B 1 96  ? 19.683  14.643  -0.798  1.00 32.32 ? 677 LEU B N   1 
ATOM   1512 C  CA  . LEU B 1 96  ? 18.396  14.015  -1.062  1.00 29.65 ? 677 LEU B CA  1 
ATOM   1513 C  C   . LEU B 1 96  ? 18.009  13.081  0.071   1.00 29.69 ? 677 LEU B C   1 
ATOM   1514 O  O   . LEU B 1 96  ? 18.717  12.112  0.351   1.00 30.26 ? 677 LEU B O   1 
ATOM   1515 C  CB  . LEU B 1 96  ? 18.454  13.217  -2.369  1.00 31.49 ? 677 LEU B CB  1 
ATOM   1516 C  CG  . LEU B 1 96  ? 17.212  12.388  -2.729  1.00 32.91 ? 677 LEU B CG  1 
ATOM   1517 C  CD1 . LEU B 1 96  ? 16.037  13.321  -2.997  1.00 34.19 ? 677 LEU B CD1 1 
ATOM   1518 C  CD2 . LEU B 1 96  ? 17.490  11.538  -3.956  1.00 30.71 ? 677 LEU B CD2 1 
ATOM   1519 N  N   . MET B 1 97  ? 16.898  13.382  0.737   1.00 27.35 ? 678 MET B N   1 
ATOM   1520 C  CA  . MET B 1 97  ? 16.419  12.527  1.807   1.00 29.63 ? 678 MET B CA  1 
ATOM   1521 C  C   . MET B 1 97  ? 15.226  11.810  1.191   1.00 29.47 ? 678 MET B C   1 
ATOM   1522 O  O   . MET B 1 97  ? 14.237  12.443  0.806   1.00 30.80 ? 678 MET B O   1 
ATOM   1523 C  CB  . MET B 1 97  ? 15.977  13.348  3.027   1.00 30.61 ? 678 MET B CB  1 
ATOM   1524 C  CG  . MET B 1 97  ? 16.131  12.596  4.354   1.00 33.68 ? 678 MET B CG  1 
ATOM   1525 S  SD  . MET B 1 97  ? 15.472  13.475  5.803   1.00 37.23 ? 678 MET B SD  1 
ATOM   1526 C  CE  . MET B 1 97  ? 14.069  12.440  6.202   1.00 38.19 ? 678 MET B CE  1 
ATOM   1527 N  N   . VAL B 1 98  ? 15.326  10.494  1.072   1.00 27.24 ? 679 VAL B N   1 
ATOM   1528 C  CA  . VAL B 1 98  ? 14.240  9.733   0.482   1.00 24.97 ? 679 VAL B CA  1 
ATOM   1529 C  C   . VAL B 1 98  ? 13.790  8.585   1.374   1.00 24.07 ? 679 VAL B C   1 
ATOM   1530 O  O   . VAL B 1 98  ? 14.600  7.943   2.032   1.00 22.23 ? 679 VAL B O   1 
ATOM   1531 C  CB  . VAL B 1 98  ? 14.661  9.165   -0.899  1.00 25.64 ? 679 VAL B CB  1 
ATOM   1532 C  CG1 . VAL B 1 98  ? 15.852  8.218   -0.741  1.00 26.10 ? 679 VAL B CG1 1 
ATOM   1533 C  CG2 . VAL B 1 98  ? 13.492  8.461   -1.558  1.00 28.20 ? 679 VAL B CG2 1 
ATOM   1534 N  N   . LYS B 1 99  ? 12.481  8.369   1.430   1.00 22.53 ? 680 LYS B N   1 
ATOM   1535 C  CA  . LYS B 1 99  ? 11.920  7.259   2.184   1.00 22.89 ? 680 LYS B CA  1 
ATOM   1536 C  C   . LYS B 1 99  ? 11.453  6.312   1.095   1.00 22.43 ? 680 LYS B C   1 
ATOM   1537 O  O   . LYS B 1 99  ? 10.805  6.733   0.131   1.00 23.37 ? 680 LYS B O   1 
ATOM   1538 C  CB  . LYS B 1 99  ? 10.716  7.682   3.034   1.00 25.53 ? 680 LYS B CB  1 
ATOM   1539 C  CG  . LYS B 1 99  ? 9.944   6.483   3.584   1.00 27.56 ? 680 LYS B CG  1 
ATOM   1540 C  CD  . LYS B 1 99  ? 8.765   6.900   4.462   1.00 32.65 ? 680 LYS B CD  1 
ATOM   1541 C  CE  . LYS B 1 99  ? 9.231   7.590   5.734   1.00 34.00 ? 680 LYS B CE  1 
ATOM   1542 N  NZ  . LYS B 1 99  ? 8.075   7.937   6.618   1.00 36.68 ? 680 LYS B NZ  1 
ATOM   1543 N  N   . VAL B 1 100 ? 11.784  5.037   1.228   1.00 22.73 ? 681 VAL B N   1 
ATOM   1544 C  CA  . VAL B 1 100 ? 11.391  4.069   0.213   1.00 21.24 ? 681 VAL B CA  1 
ATOM   1545 C  C   . VAL B 1 100 ? 10.895  2.800   0.867   1.00 22.10 ? 681 VAL B C   1 
ATOM   1546 O  O   . VAL B 1 100 ? 11.083  2.589   2.065   1.00 22.30 ? 681 VAL B O   1 
ATOM   1547 C  CB  . VAL B 1 100 ? 12.583  3.679   -0.717  1.00 21.89 ? 681 VAL B CB  1 
ATOM   1548 C  CG1 . VAL B 1 100 ? 13.133  4.916   -1.417  1.00 19.39 ? 681 VAL B CG1 1 
ATOM   1549 C  CG2 . VAL B 1 100 ? 13.678  2.984   0.082   1.00 21.55 ? 681 VAL B CG2 1 
ATOM   1550 N  N   . VAL B 1 101 ? 10.240  1.963   0.081   1.00 22.62 ? 682 VAL B N   1 
ATOM   1551 C  CA  . VAL B 1 101 ? 9.763   0.694   0.591   1.00 23.14 ? 682 VAL B CA  1 
ATOM   1552 C  C   . VAL B 1 101 ? 10.153  -0.405  -0.380  1.00 24.86 ? 682 VAL B C   1 
ATOM   1553 O  O   . VAL B 1 101 ? 9.957   -0.291  -1.600  1.00 22.87 ? 682 VAL B O   1 
ATOM   1554 C  CB  . VAL B 1 101 ? 8.224   0.691   0.808   1.00 25.28 ? 682 VAL B CB  1 
ATOM   1555 C  CG1 . VAL B 1 101 ? 7.841   1.793   1.773   1.00 27.11 ? 682 VAL B CG1 1 
ATOM   1556 C  CG2 . VAL B 1 101 ? 7.501   0.862   -0.502  1.00 25.45 ? 682 VAL B CG2 1 
ATOM   1557 N  N   . MET B 1 102 ? 10.746  -1.456  0.169   1.00 24.01 ? 683 MET B N   1 
ATOM   1558 C  CA  . MET B 1 102 ? 11.163  -2.602  -0.616  1.00 27.93 ? 683 MET B CA  1 
ATOM   1559 C  C   . MET B 1 102 ? 10.066  -3.638  -0.455  1.00 27.94 ? 683 MET B C   1 
ATOM   1560 O  O   . MET B 1 102 ? 9.655   -3.954  0.666   1.00 27.84 ? 683 MET B O   1 
ATOM   1561 C  CB  . MET B 1 102 ? 12.491  -3.152  -0.097  1.00 29.82 ? 683 MET B CB  1 
ATOM   1562 C  CG  . MET B 1 102 ? 12.917  -4.459  -0.738  1.00 36.98 ? 683 MET B CG  1 
ATOM   1563 S  SD  . MET B 1 102 ? 14.525  -4.999  -0.128  1.00 44.45 ? 683 MET B SD  1 
ATOM   1564 C  CE  . MET B 1 102 ? 14.121  -5.391  1.598   1.00 42.98 ? 683 MET B CE  1 
ATOM   1565 N  N   . VAL B 1 103 ? 9.582   -4.150  -1.578  1.00 27.03 ? 684 VAL B N   1 
ATOM   1566 C  CA  . VAL B 1 103 ? 8.519   -5.139  -1.557  1.00 28.23 ? 684 VAL B CA  1 
ATOM   1567 C  C   . VAL B 1 103 ? 8.943   -6.401  -2.284  1.00 28.76 ? 684 VAL B C   1 
ATOM   1568 O  O   . VAL B 1 103 ? 9.319   -6.358  -3.456  1.00 29.82 ? 684 VAL B O   1 
ATOM   1569 C  CB  . VAL B 1 103 ? 7.240   -4.594  -2.236  1.00 27.72 ? 684 VAL B CB  1 
ATOM   1570 C  CG1 . VAL B 1 103 ? 6.107   -5.609  -2.120  1.00 28.98 ? 684 VAL B CG1 1 
ATOM   1571 C  CG2 . VAL B 1 103 ? 6.845   -3.267  -1.604  1.00 29.19 ? 684 VAL B CG2 1 
ATOM   1572 N  N   . THR B 1 104 ? 8.895   -7.527  -1.583  1.00 29.17 ? 685 THR B N   1 
ATOM   1573 C  CA  . THR B 1 104 ? 9.241   -8.794  -2.198  1.00 31.31 ? 685 THR B CA  1 
ATOM   1574 C  C   . THR B 1 104 ? 8.033   -9.712  -2.051  1.00 30.19 ? 685 THR B C   1 
ATOM   1575 O  O   . THR B 1 104 ? 7.553   -9.961  -0.946  1.00 29.45 ? 685 THR B O   1 
ATOM   1576 C  CB  . THR B 1 104 ? 10.494  -9.422  -1.546  1.00 31.79 ? 685 THR B CB  1 
ATOM   1577 O  OG1 . THR B 1 104 ? 10.227  -9.727  -0.177  1.00 36.95 ? 685 THR B OG1 1 
ATOM   1578 C  CG2 . THR B 1 104 ? 11.660  -8.456  -1.617  1.00 31.96 ? 685 THR B CG2 1 
ATOM   1579 N  N   . ARG B 1 105 ? 7.533   -10.197 -3.179  1.00 30.11 ? 686 ARG B N   1 
ATOM   1580 C  CA  . ARG B 1 105 ? 6.365   -11.062 -3.178  1.00 29.70 ? 686 ARG B CA  1 
ATOM   1581 C  C   . ARG B 1 105 ? 6.727   -12.542 -3.087  1.00 29.32 ? 686 ARG B C   1 
ATOM   1582 O  O   . ARG B 1 105 ? 7.650   -13.010 -3.753  1.00 29.28 ? 686 ARG B O   1 
ATOM   1583 C  CB  . ARG B 1 105 ? 5.539   -10.812 -4.444  1.00 31.71 ? 686 ARG B CB  1 
ATOM   1584 C  CG  . ARG B 1 105 ? 4.299   -11.667 -4.564  1.00 36.22 ? 686 ARG B CG  1 
ATOM   1585 C  CD  . ARG B 1 105 ? 3.650   -11.535 -5.937  1.00 38.63 ? 686 ARG B CD  1 
ATOM   1586 N  NE  . ARG B 1 105 ? 2.636   -12.565 -6.140  1.00 43.73 ? 686 ARG B NE  1 
ATOM   1587 C  CZ  . ARG B 1 105 ? 1.930   -12.723 -7.254  1.00 45.19 ? 686 ARG B CZ  1 
ATOM   1588 N  NH1 . ARG B 1 105 ? 2.120   -11.912 -8.286  1.00 47.12 ? 686 ARG B NH1 1 
ATOM   1589 N  NH2 . ARG B 1 105 ? 1.032   -13.698 -7.334  1.00 47.10 ? 686 ARG B NH2 1 
ATOM   1590 N  N   . HIS B 1 106 ? 6.007   -13.261 -2.237  1.00 27.77 ? 687 HIS B N   1 
ATOM   1591 C  CA  . HIS B 1 106 ? 6.199   -14.697 -2.074  1.00 29.13 ? 687 HIS B CA  1 
ATOM   1592 C  C   . HIS B 1 106 ? 4.827   -15.289 -2.306  1.00 29.39 ? 687 HIS B C   1 
ATOM   1593 O  O   . HIS B 1 106 ? 3.962   -15.234 -1.433  1.00 27.61 ? 687 HIS B O   1 
ATOM   1594 C  CB  . HIS B 1 106 ? 6.679   -15.041 -0.663  1.00 29.80 ? 687 HIS B CB  1 
ATOM   1595 C  CG  . HIS B 1 106 ? 8.019   -14.472 -0.327  1.00 33.32 ? 687 HIS B CG  1 
ATOM   1596 N  ND1 . HIS B 1 106 ? 9.069   -14.470 -1.220  1.00 36.26 ? 687 HIS B ND1 1 
ATOM   1597 C  CD2 . HIS B 1 106 ? 8.489   -13.909 0.811   1.00 35.73 ? 687 HIS B CD2 1 
ATOM   1598 C  CE1 . HIS B 1 106 ? 10.129  -13.925 -0.646  1.00 36.77 ? 687 HIS B CE1 1 
ATOM   1599 N  NE2 . HIS B 1 106 ? 9.804   -13.577 0.585   1.00 37.47 ? 687 HIS B NE2 1 
ATOM   1600 N  N   . PRO B 1 107 ? 4.599   -15.849 -3.500  1.00 30.68 ? 688 PRO B N   1 
ATOM   1601 C  CA  . PRO B 1 107 ? 3.302   -16.442 -3.829  1.00 31.91 ? 688 PRO B CA  1 
ATOM   1602 C  C   . PRO B 1 107 ? 2.967   -17.674 -3.000  1.00 33.08 ? 688 PRO B C   1 
ATOM   1603 O  O   . PRO B 1 107 ? 3.860   -18.380 -2.532  1.00 32.70 ? 688 PRO B O   1 
ATOM   1604 C  CB  . PRO B 1 107 ? 3.436   -16.755 -5.318  1.00 31.37 ? 688 PRO B CB  1 
ATOM   1605 C  CG  . PRO B 1 107 ? 4.896   -17.087 -5.453  1.00 31.79 ? 688 PRO B CG  1 
ATOM   1606 C  CD  . PRO B 1 107 ? 5.566   -16.036 -4.599  1.00 31.96 ? 688 PRO B CD  1 
ATOM   1607 N  N   . ASP B 1 108 ? 1.674   -17.914 -2.802  1.00 34.48 ? 689 ASP B N   1 
ATOM   1608 C  CA  . ASP B 1 108 ? 1.220   -19.077 -2.043  1.00 36.51 ? 689 ASP B CA  1 
ATOM   1609 C  C   . ASP B 1 108 ? 1.186   -20.256 -3.009  1.00 36.60 ? 689 ASP B C   1 
ATOM   1610 O  O   . ASP B 1 108 ? 1.176   -20.067 -4.225  1.00 35.63 ? 689 ASP B O   1 
ATOM   1611 C  CB  . ASP B 1 108 ? -0.184  -18.816 -1.481  1.00 40.96 ? 689 ASP B CB  1 
ATOM   1612 C  CG  . ASP B 1 108 ? -0.705  -19.964 -0.627  1.00 44.28 ? 689 ASP B CG  1 
ATOM   1613 O  OD1 . ASP B 1 108 ? -1.020  -21.034 -1.192  1.00 47.19 ? 689 ASP B OD1 1 
ATOM   1614 O  OD2 . ASP B 1 108 ? -0.802  -19.800 0.611   1.00 45.07 ? 689 ASP B OD2 1 
ATOM   1615 N  N   . MET B 1 109 ? 1.195   -21.471 -2.476  1.00 37.29 ? 690 MET B N   1 
ATOM   1616 C  CA  . MET B 1 109 ? 1.133   -22.657 -3.321  1.00 37.09 ? 690 MET B CA  1 
ATOM   1617 C  C   . MET B 1 109 ? 0.456   -23.808 -2.576  1.00 36.50 ? 690 MET B C   1 
ATOM   1618 O  O   . MET B 1 109 ? -0.083  -23.549 -1.474  1.00 36.73 ? 690 MET B O   1 
ATOM   1619 C  CB  . MET B 1 109 ? 2.535   -23.059 -3.807  1.00 37.64 ? 690 MET B CB  1 
ATOM   1620 C  CG  . MET B 1 109 ? 3.463   -23.653 -2.760  1.00 37.36 ? 690 MET B CG  1 
ATOM   1621 S  SD  . MET B 1 109 ? 5.151   -23.843 -3.414  1.00 39.19 ? 690 MET B SD  1 
ATOM   1622 C  CE  . MET B 1 109 ? 4.879   -24.968 -4.735  1.00 37.62 ? 690 MET B CE  1 
ATOM   1623 O  OXT . MET B 1 109 ? 0.445   -24.941 -3.101  1.00 35.67 ? 690 MET B OXT 1 
HETATM 1624 BR BR  . BR  C 2 .   ? -21.784 6.463   -1.266  1.00 56.12 ? 101 BR  A BR  1 
HETATM 1625 BR BR  . BR  D 2 .   ? -20.516 8.360   0.837   1.00 63.85 ? 102 BR  A BR  1 
HETATM 1626 BR BR  . BR  E 2 .   ? -0.963  8.063   -0.562  1.00 65.78 ? 105 BR  A BR  1 
HETATM 1627 BR BR  . BR  F 2 .   ? -2.176  -5.973  -2.375  1.00 43.86 ? 103 BR  B BR  1 
HETATM 1628 BR BR  . BR  G 2 .   ? 4.545   8.759   -13.635 1.00 63.32 ? 104 BR  B BR  1 
HETATM 1629 O  O   . HOH H 3 .   ? -23.275 -8.884  9.184   1.00 21.76 ? 1   HOH A O   1 
HETATM 1630 O  O   . HOH H 3 .   ? -15.422 7.532   0.500   1.00 21.94 ? 2   HOH A O   1 
HETATM 1631 O  O   . HOH H 3 .   ? -18.760 -14.400 9.759   1.00 19.03 ? 3   HOH A O   1 
HETATM 1632 O  O   . HOH H 3 .   ? -17.239 -7.548  18.241  1.00 19.90 ? 4   HOH A O   1 
HETATM 1633 O  O   . HOH H 3 .   ? -10.149 0.191   -8.676  1.00 25.45 ? 6   HOH A O   1 
HETATM 1634 O  O   . HOH H 3 .   ? -10.368 0.246   2.908   1.00 18.21 ? 7   HOH A O   1 
HETATM 1635 O  O   . HOH H 3 .   ? -12.657 -7.538  -4.919  1.00 23.06 ? 8   HOH A O   1 
HETATM 1636 O  O   . HOH H 3 .   ? -22.952 -14.408 8.095   1.00 21.01 ? 9   HOH A O   1 
HETATM 1637 O  O   . HOH H 3 .   ? -18.801 8.567   -2.214  1.00 20.94 ? 10  HOH A O   1 
HETATM 1638 O  O   . HOH H 3 .   ? -5.290  -12.310 -4.449  1.00 25.30 ? 12  HOH A O   1 
HETATM 1639 O  O   . HOH H 3 .   ? -10.156 -8.131  -5.537  1.00 25.46 ? 13  HOH A O   1 
HETATM 1640 O  O   . HOH H 3 .   ? -17.961 7.256   2.087   1.00 22.84 ? 16  HOH A O   1 
HETATM 1641 O  O   . HOH H 3 .   ? -21.484 -16.734 15.634  1.00 30.48 ? 17  HOH A O   1 
HETATM 1642 O  O   . HOH H 3 .   ? -21.277 -7.109  -2.766  1.00 23.36 ? 20  HOH A O   1 
HETATM 1643 O  O   . HOH H 3 .   ? -9.162  3.774   -2.756  1.00 23.18 ? 21  HOH A O   1 
HETATM 1644 O  O   . HOH H 3 .   ? -2.340  0.457   0.428   1.00 23.58 ? 22  HOH A O   1 
HETATM 1645 O  O   . HOH H 3 .   ? -20.112 -3.402  -5.716  1.00 24.53 ? 23  HOH A O   1 
HETATM 1646 O  O   . HOH H 3 .   ? -0.955  -3.176  11.814  1.00 29.36 ? 24  HOH A O   1 
HETATM 1647 O  O   . HOH H 3 .   ? -18.937 -17.775 0.728   1.00 24.82 ? 25  HOH A O   1 
HETATM 1648 O  O   . HOH H 3 .   ? -18.961 -9.475  14.655  1.00 23.18 ? 26  HOH A O   1 
HETATM 1649 O  O   . HOH H 3 .   ? -8.568  -10.290 -6.552  1.00 26.60 ? 27  HOH A O   1 
HETATM 1650 O  O   . HOH H 3 .   ? -13.060 -17.700 -1.620  1.00 27.14 ? 28  HOH A O   1 
HETATM 1651 O  O   . HOH H 3 .   ? -16.238 -19.963 20.151  1.00 31.46 ? 34  HOH A O   1 
HETATM 1652 O  O   . HOH H 3 .   ? -3.687  -6.877  10.100  1.00 22.44 ? 35  HOH A O   1 
HETATM 1653 O  O   . HOH H 3 .   ? -3.796  8.893   7.011   1.00 36.04 ? 36  HOH A O   1 
HETATM 1654 O  O   . HOH H 3 .   ? 0.665   6.042   0.991   1.00 28.65 ? 37  HOH A O   1 
HETATM 1655 O  O   . HOH H 3 .   ? -12.567 -20.431 8.453   1.00 30.02 ? 38  HOH A O   1 
HETATM 1656 O  O   . HOH H 3 .   ? -6.724  -13.421 13.224  1.00 61.40 ? 39  HOH A O   1 
HETATM 1657 O  O   . HOH H 3 .   ? -6.166  -2.059  -6.324  1.00 28.79 ? 41  HOH A O   1 
HETATM 1658 O  O   . HOH H 3 .   ? -18.476 -18.404 3.364   1.00 26.58 ? 43  HOH A O   1 
HETATM 1659 O  O   . HOH H 3 .   ? -19.546 -2.302  9.189   1.00 27.20 ? 46  HOH A O   1 
HETATM 1660 O  O   . HOH H 3 .   ? -24.280 -17.161 8.462   1.00 66.13 ? 50  HOH A O   1 
HETATM 1661 O  O   . HOH H 3 .   ? -21.404 -8.865  -6.688  1.00 33.48 ? 53  HOH A O   1 
HETATM 1662 O  O   . HOH H 3 .   ? -7.598  -8.199  -7.492  1.00 40.44 ? 54  HOH A O   1 
HETATM 1663 O  O   . HOH H 3 .   ? -5.022  -12.702 4.949   1.00 44.91 ? 55  HOH A O   1 
HETATM 1664 O  O   . HOH H 3 .   ? -31.535 -16.948 -0.337  1.00 41.36 ? 56  HOH A O   1 
HETATM 1665 O  O   . HOH H 3 .   ? -8.077  -17.136 -1.310  1.00 38.37 ? 57  HOH A O   1 
HETATM 1666 O  O   . HOH H 3 .   ? -12.543 -18.570 1.010   1.00 28.87 ? 58  HOH A O   1 
HETATM 1667 O  O   . HOH H 3 .   ? -1.743  4.912   7.435   1.00 32.45 ? 63  HOH A O   1 
HETATM 1668 O  O   . HOH H 3 .   ? -2.495  10.722  1.022   1.00 48.40 ? 64  HOH A O   1 
HETATM 1669 O  O   . HOH H 3 .   ? -26.561 -2.351  6.474   1.00 51.01 ? 65  HOH A O   1 
HETATM 1670 O  O   . HOH H 3 .   ? -24.701 -19.216 1.981   1.00 45.52 ? 66  HOH A O   1 
HETATM 1671 O  O   . HOH H 3 .   ? -3.562  11.430  5.380   1.00 41.59 ? 67  HOH A O   1 
HETATM 1672 O  O   . HOH H 3 .   ? -10.237 4.455   -5.608  1.00 28.89 ? 69  HOH A O   1 
HETATM 1673 O  O   . HOH H 3 .   ? -4.363  -5.203  -5.293  1.00 40.24 ? 71  HOH A O   1 
HETATM 1674 O  O   . HOH H 3 .   ? -25.343 -6.907  0.078   1.00 38.12 ? 75  HOH A O   1 
HETATM 1675 O  O   . HOH H 3 .   ? -15.028 -18.320 0.467   1.00 47.92 ? 76  HOH A O   1 
HETATM 1676 O  O   . HOH H 3 .   ? -12.474 -19.411 18.074  1.00 44.82 ? 77  HOH A O   1 
HETATM 1677 O  O   . HOH H 3 .   ? -1.476  -12.381 -4.648  1.00 43.32 ? 79  HOH A O   1 
HETATM 1678 O  O   . HOH H 3 .   ? -16.097 1.444   -7.746  1.00 43.77 ? 81  HOH A O   1 
HETATM 1679 O  O   . HOH H 3 .   ? 2.355   -4.063  12.833  1.00 52.41 ? 82  HOH A O   1 
HETATM 1680 O  O   . HOH H 3 .   ? -24.298 -7.722  5.313   1.00 41.08 ? 84  HOH A O   1 
HETATM 1681 O  O   . HOH H 3 .   ? -26.377 -13.908 -4.710  1.00 56.96 ? 87  HOH A O   1 
HETATM 1682 O  O   . HOH H 3 .   ? -24.626 3.780   3.067   1.00 68.86 ? 90  HOH A O   1 
HETATM 1683 O  O   . HOH H 3 .   ? -28.699 -7.934  6.394   1.00 57.70 ? 92  HOH A O   1 
HETATM 1684 O  O   . HOH H 3 .   ? -14.610 3.988   12.128  1.00 49.14 ? 93  HOH A O   1 
HETATM 1685 O  O   . HOH H 3 .   ? 3.893   1.785   8.961   1.00 36.08 ? 94  HOH A O   1 
HETATM 1686 O  O   . HOH H 3 .   ? -29.008 -15.096 -4.474  1.00 42.33 ? 99  HOH A O   1 
HETATM 1687 O  O   . HOH I 3 .   ? -6.058  -15.175 -3.281  1.00 23.66 ? 5   HOH B O   1 
HETATM 1688 O  O   . HOH I 3 .   ? 6.589   7.431   -6.208  1.00 26.26 ? 11  HOH B O   1 
HETATM 1689 O  O   . HOH I 3 .   ? 11.297  -6.610  0.986   1.00 30.18 ? 14  HOH B O   1 
HETATM 1690 O  O   . HOH I 3 .   ? 16.876  16.506  -3.018  1.00 35.95 ? 18  HOH B O   1 
HETATM 1691 O  O   . HOH I 3 .   ? 21.137  7.711   5.397   1.00 28.42 ? 19  HOH B O   1 
HETATM 1692 O  O   . HOH I 3 .   ? 9.350   7.039   -16.356 1.00 28.44 ? 29  HOH B O   1 
HETATM 1693 O  O   . HOH I 3 .   ? 11.781  11.990  2.909   1.00 32.42 ? 30  HOH B O   1 
HETATM 1694 O  O   . HOH I 3 .   ? 24.181  4.100   -6.432  1.00 29.05 ? 31  HOH B O   1 
HETATM 1695 O  O   . HOH I 3 .   ? 2.039   3.653   -0.176  1.00 25.41 ? 32  HOH B O   1 
HETATM 1696 O  O   . HOH I 3 .   ? 10.307  -3.363  -4.070  1.00 27.78 ? 33  HOH B O   1 
HETATM 1697 O  O   . HOH I 3 .   ? -0.418  -16.258 2.930   1.00 32.66 ? 40  HOH B O   1 
HETATM 1698 O  O   . HOH I 3 .   ? -1.086  0.225   -6.339  1.00 31.29 ? 42  HOH B O   1 
HETATM 1699 O  O   . HOH I 3 .   ? 5.407   13.046  -15.777 1.00 41.49 ? 44  HOH B O   1 
HETATM 1700 O  O   . HOH I 3 .   ? -6.249  11.751  -5.314  1.00 47.67 ? 45  HOH B O   1 
HETATM 1701 O  O   . HOH I 3 .   ? 4.687   15.266  -12.919 1.00 38.05 ? 47  HOH B O   1 
HETATM 1702 O  O   . HOH I 3 .   ? 5.640   -5.949  -5.981  1.00 47.99 ? 48  HOH B O   1 
HETATM 1703 O  O   . HOH I 3 .   ? -2.009  -8.905  -3.833  1.00 36.52 ? 49  HOH B O   1 
HETATM 1704 O  O   . HOH I 3 .   ? 19.596  16.764  -7.442  1.00 43.87 ? 59  HOH B O   1 
HETATM 1705 O  O   . HOH I 3 .   ? 4.038   1.287   -9.183  1.00 34.75 ? 60  HOH B O   1 
HETATM 1706 O  O   . HOH I 3 .   ? 6.353   -19.508 -2.303  1.00 58.86 ? 61  HOH B O   1 
HETATM 1707 O  O   . HOH I 3 .   ? 13.882  -3.502  -3.435  1.00 38.31 ? 62  HOH B O   1 
HETATM 1708 O  O   . HOH I 3 .   ? 19.908  -3.130  -6.385  1.00 31.26 ? 68  HOH B O   1 
HETATM 1709 O  O   . HOH I 3 .   ? -5.869  7.049   -4.494  1.00 46.29 ? 70  HOH B O   1 
HETATM 1710 O  O   . HOH I 3 .   ? 8.917   -16.472 -3.162  1.00 49.45 ? 72  HOH B O   1 
HETATM 1711 O  O   . HOH I 3 .   ? 1.192   -8.672  -6.929  1.00 34.74 ? 73  HOH B O   1 
HETATM 1712 O  O   . HOH I 3 .   ? 5.849   3.189   8.010   1.00 53.33 ? 78  HOH B O   1 
HETATM 1713 O  O   . HOH I 3 .   ? 1.549   14.230  -10.415 1.00 50.20 ? 80  HOH B O   1 
HETATM 1714 O  O   . HOH I 3 .   ? 0.114   -16.555 -5.558  1.00 57.91 ? 83  HOH B O   1 
HETATM 1715 O  O   . HOH I 3 .   ? 8.096   1.373   8.138   1.00 44.15 ? 85  HOH B O   1 
HETATM 1716 O  O   . HOH I 3 .   ? 25.583  6.863   0.573   1.00 33.17 ? 86  HOH B O   1 
HETATM 1717 O  O   . HOH I 3 .   ? 26.257  -5.615  -0.282  1.00 69.46 ? 88  HOH B O   1 
HETATM 1718 O  O   . HOH I 3 .   ? 14.139  12.093  -16.139 1.00 51.00 ? 89  HOH B O   1 
HETATM 1719 O  O   . HOH I 3 .   ? 8.287   -5.287  -6.055  1.00 44.12 ? 91  HOH B O   1 
HETATM 1720 O  O   . HOH I 3 .   ? 26.845  7.862   -7.329  1.00 36.34 ? 95  HOH B O   1 
HETATM 1721 O  O   . HOH I 3 .   ? 32.370  2.595   -5.323  1.00 61.55 ? 97  HOH B O   1 
HETATM 1722 O  O   . HOH I 3 .   ? -0.667  11.871  -20.402 1.00 56.57 ? 98  HOH B O   1 
# 
